data_3ZJR
# 
_entry.id   3ZJR 
# 
_audit_conform.dict_name       mmcif_pdbx.dic 
_audit_conform.dict_version    5.383 
_audit_conform.dict_location   http://mmcif.pdb.org/dictionaries/ascii/mmcif_pdbx.dic 
# 
loop_
_database_2.database_id 
_database_2.database_code 
_database_2.pdbx_database_accession 
_database_2.pdbx_DOI 
PDB   3ZJR         pdb_00003zjr 10.2210/pdb3zjr/pdb 
PDBE  EBI-55486    ?            ?                   
WWPDB D_1290055486 ?            ?                   
# 
loop_
_pdbx_database_related.db_name 
_pdbx_database_related.db_id 
_pdbx_database_related.content_type 
_pdbx_database_related.details 
PDB 3ZJH unspecified 'TRP(60)B9ALA MUTATION OF M.ACETIVORANS PROTOGLOBIN IN COMPLEX WITH CYANIDE'   
PDB 3ZJI unspecified 'TYR(61)B10ALA MUTATION OF M.ACETIVORANS PROTOGLOBIN IN COMPLEX WITH CYANIDE'  
PDB 3ZJJ unspecified 'PHE(93)E11LEU MUTATION OF M.ACETIVORANS PROTOGLOBIN IN COMPLEX WITH CYANIDE'  
PDB 3ZJL unspecified 'LEU(142)G4ALA MUTATION OF M.ACETIVORANS PROTOGLOBIN IN COMPLEX WITH CYANIDE'  
PDB 3ZJM unspecified 'ILE(149)G11PHE MUTATION OF M.ACETIVORANS PROTOGLOBIN IN COMPLEX WITH CYANIDE' 
PDB 3ZJN unspecified 'M.ACETIVORANS PROTOGLOBIN IN COMPLEX WITH CYANIDE'                            
PDB 3ZJO unspecified 'M.ACETIVORANS PROTOGLOBIN IN COMPLEX WITH AZIDE'                              
PDB 3ZJP unspecified 'M.ACETIVORANS PROTOGLOBIN IN COMPLEX WITH IMIDAZOLE'                          
PDB 3ZJQ unspecified 'M.ACETIVORANS PROTOGLOBIN IN COMPLEX WITH NICOTINAMIDE'                       
PDB 3ZJS unspecified 'M.ACETIVORANS PROTOGLOBIN IN COMPLEX WITH AZIDE AND XENON'                    
# 
_pdbx_database_status.status_code                     REL 
_pdbx_database_status.entry_id                        3ZJR 
_pdbx_database_status.deposit_site                    PDBE 
_pdbx_database_status.process_site                    PDBE 
_pdbx_database_status.SG_entry                        . 
_pdbx_database_status.recvd_initial_deposition_date   2013-01-18 
_pdbx_database_status.pdb_format_compatible           Y 
_pdbx_database_status.status_code_sf                  REL 
_pdbx_database_status.status_code_mr                  ? 
_pdbx_database_status.status_code_cs                  ? 
_pdbx_database_status.methods_development_category    ? 
_pdbx_database_status.status_code_nmr_data            ? 
# 
loop_
_audit_author.name 
_audit_author.pdbx_ordinal 
'Pesce, A.'     1  
'Tilleman, L.'  2  
'Donne, J.'     3  
'Aste, E.'      4  
'Ascenzi, P.'   5  
'Ciaccio, C.'   6  
'Coletta, M.'   7  
'Moens, L.'     8  
'Viappiani, C.' 9  
'Dewilde, S.'   10 
'Bolognesi, M.' 11 
'Nardini, M.'   12 
# 
_citation.id                        primary 
_citation.title                     'Structure and Haem-Distal Site Plasticity in Methanosarcina Acetivorans Protoglobin.' 
_citation.journal_abbrev            'Plos One' 
_citation.journal_volume            8 
_citation.page_first                66144 
_citation.page_last                 ? 
_citation.year                      2013 
_citation.journal_id_ASTM           ? 
_citation.country                   US 
_citation.journal_id_ISSN           1932-6203 
_citation.journal_id_CSD            ? 
_citation.book_publisher            ? 
_citation.pdbx_database_id_PubMed   23776624 
_citation.pdbx_database_id_DOI      10.1371/JOURNAL.PONE.0066144 
# 
loop_
_citation_author.citation_id 
_citation_author.name 
_citation_author.ordinal 
_citation_author.identifier_ORCID 
primary 'Pesce, A.'     1  ? 
primary 'Tilleman, L.'  2  ? 
primary 'Donne, J.'     3  ? 
primary 'Aste, E.'      4  ? 
primary 'Ascenzi, P.'   5  ? 
primary 'Ciaccio, C.'   6  ? 
primary 'Coletta, M.'   7  ? 
primary 'Moens, L.'     8  ? 
primary 'Viappiani, C.' 9  ? 
primary 'Dewilde, S.'   10 ? 
primary 'Bolognesi, M.' 11 ? 
primary 'Nardini, M.'   12 ? 
# 
_cell.entry_id           3ZJR 
_cell.length_a           80.498 
_cell.length_b           50.169 
_cell.length_c           51.389 
_cell.angle_alpha        90.00 
_cell.angle_beta         100.27 
_cell.angle_gamma        90.00 
_cell.Z_PDB              4 
_cell.pdbx_unique_axis   ? 
# 
_symmetry.entry_id                         3ZJR 
_symmetry.space_group_name_H-M             'C 1 2 1' 
_symmetry.pdbx_full_space_group_name_H-M   ? 
_symmetry.cell_setting                     ? 
_symmetry.Int_Tables_number                5 
# 
loop_
_entity.id 
_entity.type 
_entity.src_method 
_entity.pdbx_description 
_entity.formula_weight 
_entity.pdbx_number_of_molecules 
_entity.pdbx_ec 
_entity.pdbx_mutation 
_entity.pdbx_fragment 
_entity.details 
1 polymer     man PROTOGLOBIN                       23010.863 1  ? YES ? ? 
2 non-polymer syn 'PROTOPORPHYRIN IX CONTAINING FE' 616.487   1  ? ?   ? ? 
3 non-polymer syn 'CYANIDE ION'                     26.017    1  ? ?   ? ? 
4 non-polymer syn XENON                             131.293   1  ? ?   ? ? 
5 water       nat water                             18.015    22 ? ?   ? ? 
# 
_entity_poly.entity_id                      1 
_entity_poly.type                           'polypeptide(L)' 
_entity_poly.nstd_linkage                   no 
_entity_poly.nstd_monomer                   no 
_entity_poly.pdbx_seq_one_letter_code       
;MSVEKIPGYTYGETENRAPFNLEDLKLLKEAVMFTAEDEEYIQKAGEVLEDQVEEILDTWYGFVGSHPHLLYYFTSPDGT
PNEKYLAAVRKRFSRWILDTSNRSYDQAWLDYQYEIGLRHHRTKKNQTDNVESVPNIGYRYLVAFIYPITATMKPFLARK
GHTPEEVEKMYQAWFKATTLQVALWSYPYVKYGDF
;
_entity_poly.pdbx_seq_one_letter_code_can   
;MSVEKIPGYTYGETENRAPFNLEDLKLLKEAVMFTAEDEEYIQKAGEVLEDQVEEILDTWYGFVGSHPHLLYYFTSPDGT
PNEKYLAAVRKRFSRWILDTSNRSYDQAWLDYQYEIGLRHHRTKKNQTDNVESVPNIGYRYLVAFIYPITATMKPFLARK
GHTPEEVEKMYQAWFKATTLQVALWSYPYVKYGDF
;
_entity_poly.pdbx_strand_id                 A 
_entity_poly.pdbx_target_identifier         ? 
# 
loop_
_entity_poly_seq.entity_id 
_entity_poly_seq.num 
_entity_poly_seq.mon_id 
_entity_poly_seq.hetero 
1 1   MET n 
1 2   SER n 
1 3   VAL n 
1 4   GLU n 
1 5   LYS n 
1 6   ILE n 
1 7   PRO n 
1 8   GLY n 
1 9   TYR n 
1 10  THR n 
1 11  TYR n 
1 12  GLY n 
1 13  GLU n 
1 14  THR n 
1 15  GLU n 
1 16  ASN n 
1 17  ARG n 
1 18  ALA n 
1 19  PRO n 
1 20  PHE n 
1 21  ASN n 
1 22  LEU n 
1 23  GLU n 
1 24  ASP n 
1 25  LEU n 
1 26  LYS n 
1 27  LEU n 
1 28  LEU n 
1 29  LYS n 
1 30  GLU n 
1 31  ALA n 
1 32  VAL n 
1 33  MET n 
1 34  PHE n 
1 35  THR n 
1 36  ALA n 
1 37  GLU n 
1 38  ASP n 
1 39  GLU n 
1 40  GLU n 
1 41  TYR n 
1 42  ILE n 
1 43  GLN n 
1 44  LYS n 
1 45  ALA n 
1 46  GLY n 
1 47  GLU n 
1 48  VAL n 
1 49  LEU n 
1 50  GLU n 
1 51  ASP n 
1 52  GLN n 
1 53  VAL n 
1 54  GLU n 
1 55  GLU n 
1 56  ILE n 
1 57  LEU n 
1 58  ASP n 
1 59  THR n 
1 60  TRP n 
1 61  TYR n 
1 62  GLY n 
1 63  PHE n 
1 64  VAL n 
1 65  GLY n 
1 66  SER n 
1 67  HIS n 
1 68  PRO n 
1 69  HIS n 
1 70  LEU n 
1 71  LEU n 
1 72  TYR n 
1 73  TYR n 
1 74  PHE n 
1 75  THR n 
1 76  SER n 
1 77  PRO n 
1 78  ASP n 
1 79  GLY n 
1 80  THR n 
1 81  PRO n 
1 82  ASN n 
1 83  GLU n 
1 84  LYS n 
1 85  TYR n 
1 86  LEU n 
1 87  ALA n 
1 88  ALA n 
1 89  VAL n 
1 90  ARG n 
1 91  LYS n 
1 92  ARG n 
1 93  PHE n 
1 94  SER n 
1 95  ARG n 
1 96  TRP n 
1 97  ILE n 
1 98  LEU n 
1 99  ASP n 
1 100 THR n 
1 101 SER n 
1 102 ASN n 
1 103 ARG n 
1 104 SER n 
1 105 TYR n 
1 106 ASP n 
1 107 GLN n 
1 108 ALA n 
1 109 TRP n 
1 110 LEU n 
1 111 ASP n 
1 112 TYR n 
1 113 GLN n 
1 114 TYR n 
1 115 GLU n 
1 116 ILE n 
1 117 GLY n 
1 118 LEU n 
1 119 ARG n 
1 120 HIS n 
1 121 HIS n 
1 122 ARG n 
1 123 THR n 
1 124 LYS n 
1 125 LYS n 
1 126 ASN n 
1 127 GLN n 
1 128 THR n 
1 129 ASP n 
1 130 ASN n 
1 131 VAL n 
1 132 GLU n 
1 133 SER n 
1 134 VAL n 
1 135 PRO n 
1 136 ASN n 
1 137 ILE n 
1 138 GLY n 
1 139 TYR n 
1 140 ARG n 
1 141 TYR n 
1 142 LEU n 
1 143 VAL n 
1 144 ALA n 
1 145 PHE n 
1 146 ILE n 
1 147 TYR n 
1 148 PRO n 
1 149 ILE n 
1 150 THR n 
1 151 ALA n 
1 152 THR n 
1 153 MET n 
1 154 LYS n 
1 155 PRO n 
1 156 PHE n 
1 157 LEU n 
1 158 ALA n 
1 159 ARG n 
1 160 LYS n 
1 161 GLY n 
1 162 HIS n 
1 163 THR n 
1 164 PRO n 
1 165 GLU n 
1 166 GLU n 
1 167 VAL n 
1 168 GLU n 
1 169 LYS n 
1 170 MET n 
1 171 TYR n 
1 172 GLN n 
1 173 ALA n 
1 174 TRP n 
1 175 PHE n 
1 176 LYS n 
1 177 ALA n 
1 178 THR n 
1 179 THR n 
1 180 LEU n 
1 181 GLN n 
1 182 VAL n 
1 183 ALA n 
1 184 LEU n 
1 185 TRP n 
1 186 SER n 
1 187 TYR n 
1 188 PRO n 
1 189 TYR n 
1 190 VAL n 
1 191 LYS n 
1 192 TYR n 
1 193 GLY n 
1 194 ASP n 
1 195 PHE n 
# 
_entity_src_gen.entity_id                          1 
_entity_src_gen.pdbx_src_id                        1 
_entity_src_gen.pdbx_alt_source_flag               sample 
_entity_src_gen.pdbx_seq_type                      ? 
_entity_src_gen.pdbx_beg_seq_num                   ? 
_entity_src_gen.pdbx_end_seq_num                   ? 
_entity_src_gen.gene_src_common_name               ? 
_entity_src_gen.gene_src_genus                     ? 
_entity_src_gen.pdbx_gene_src_gene                 ? 
_entity_src_gen.gene_src_species                   ? 
_entity_src_gen.gene_src_strain                    ? 
_entity_src_gen.gene_src_tissue                    ? 
_entity_src_gen.gene_src_tissue_fraction           ? 
_entity_src_gen.gene_src_details                   ? 
_entity_src_gen.pdbx_gene_src_fragment             ? 
_entity_src_gen.pdbx_gene_src_scientific_name      'METHANOSARCINA ACETIVORANS' 
_entity_src_gen.pdbx_gene_src_ncbi_taxonomy_id     2214 
_entity_src_gen.pdbx_gene_src_variant              ? 
_entity_src_gen.pdbx_gene_src_cell_line            ? 
_entity_src_gen.pdbx_gene_src_atcc                 ? 
_entity_src_gen.pdbx_gene_src_organ                ? 
_entity_src_gen.pdbx_gene_src_organelle            ? 
_entity_src_gen.pdbx_gene_src_cell                 ? 
_entity_src_gen.pdbx_gene_src_cellular_location    ? 
_entity_src_gen.host_org_common_name               ? 
_entity_src_gen.pdbx_host_org_scientific_name      'ESCHERICHIA COLI' 
_entity_src_gen.pdbx_host_org_ncbi_taxonomy_id     562 
_entity_src_gen.host_org_genus                     ? 
_entity_src_gen.pdbx_host_org_gene                 ? 
_entity_src_gen.pdbx_host_org_organ                ? 
_entity_src_gen.host_org_species                   ? 
_entity_src_gen.pdbx_host_org_tissue               ? 
_entity_src_gen.pdbx_host_org_tissue_fraction      ? 
_entity_src_gen.pdbx_host_org_strain               ? 
_entity_src_gen.pdbx_host_org_variant              ? 
_entity_src_gen.pdbx_host_org_cell_line            ? 
_entity_src_gen.pdbx_host_org_atcc                 ? 
_entity_src_gen.pdbx_host_org_culture_collection   ? 
_entity_src_gen.pdbx_host_org_cell                 ? 
_entity_src_gen.pdbx_host_org_organelle            ? 
_entity_src_gen.pdbx_host_org_cellular_location    ? 
_entity_src_gen.pdbx_host_org_vector_type          ? 
_entity_src_gen.pdbx_host_org_vector               ? 
_entity_src_gen.host_org_details                   ? 
_entity_src_gen.expression_system_id               ? 
_entity_src_gen.plasmid_name                       ? 
_entity_src_gen.plasmid_details                    ? 
_entity_src_gen.pdbx_description                   ? 
# 
_struct_ref.id                         1 
_struct_ref.db_name                    UNP 
_struct_ref.db_code                    Q8TLY9_METAC 
_struct_ref.entity_id                  1 
_struct_ref.pdbx_seq_one_letter_code   ? 
_struct_ref.pdbx_align_begin           ? 
_struct_ref.pdbx_db_accession          Q8TLY9 
_struct_ref.pdbx_db_isoform            ? 
# 
_struct_ref_seq.align_id                      1 
_struct_ref_seq.ref_id                        1 
_struct_ref_seq.pdbx_PDB_id_code              3ZJR 
_struct_ref_seq.pdbx_strand_id                A 
_struct_ref_seq.seq_align_beg                 1 
_struct_ref_seq.pdbx_seq_align_beg_ins_code   ? 
_struct_ref_seq.seq_align_end                 195 
_struct_ref_seq.pdbx_seq_align_end_ins_code   ? 
_struct_ref_seq.pdbx_db_accession             Q8TLY9 
_struct_ref_seq.db_align_beg                  1 
_struct_ref_seq.pdbx_db_align_beg_ins_code    ? 
_struct_ref_seq.db_align_end                  195 
_struct_ref_seq.pdbx_db_align_end_ins_code    ? 
_struct_ref_seq.pdbx_auth_seq_align_beg       1 
_struct_ref_seq.pdbx_auth_seq_align_end       195 
# 
_struct_ref_seq_dif.align_id                     1 
_struct_ref_seq_dif.pdbx_pdb_id_code             3ZJR 
_struct_ref_seq_dif.mon_id                       SER 
_struct_ref_seq_dif.pdbx_pdb_strand_id           A 
_struct_ref_seq_dif.seq_num                      101 
_struct_ref_seq_dif.pdbx_pdb_ins_code            ? 
_struct_ref_seq_dif.pdbx_seq_db_name             UNP 
_struct_ref_seq_dif.pdbx_seq_db_accession_code   Q8TLY9 
_struct_ref_seq_dif.db_mon_id                    CYS 
_struct_ref_seq_dif.pdbx_seq_db_seq_num          101 
_struct_ref_seq_dif.details                      'engineered mutation' 
_struct_ref_seq_dif.pdbx_auth_seq_num            101 
_struct_ref_seq_dif.pdbx_ordinal                 1 
# 
loop_
_chem_comp.id 
_chem_comp.type 
_chem_comp.mon_nstd_flag 
_chem_comp.name 
_chem_comp.pdbx_synonyms 
_chem_comp.formula 
_chem_comp.formula_weight 
ALA 'L-peptide linking' y ALANINE                           ?    'C3 H7 N O2'       89.093  
ARG 'L-peptide linking' y ARGININE                          ?    'C6 H15 N4 O2 1'   175.209 
ASN 'L-peptide linking' y ASPARAGINE                        ?    'C4 H8 N2 O3'      132.118 
ASP 'L-peptide linking' y 'ASPARTIC ACID'                   ?    'C4 H7 N O4'       133.103 
CYN non-polymer         . 'CYANIDE ION'                     ?    'C N -1'           26.017  
CYS 'L-peptide linking' y CYSTEINE                          ?    'C3 H7 N O2 S'     121.158 
GLN 'L-peptide linking' y GLUTAMINE                         ?    'C5 H10 N2 O3'     146.144 
GLU 'L-peptide linking' y 'GLUTAMIC ACID'                   ?    'C5 H9 N O4'       147.129 
GLY 'peptide linking'   y GLYCINE                           ?    'C2 H5 N O2'       75.067  
HEM non-polymer         . 'PROTOPORPHYRIN IX CONTAINING FE' HEME 'C34 H32 Fe N4 O4' 616.487 
HIS 'L-peptide linking' y HISTIDINE                         ?    'C6 H10 N3 O2 1'   156.162 
HOH non-polymer         . WATER                             ?    'H2 O'             18.015  
ILE 'L-peptide linking' y ISOLEUCINE                        ?    'C6 H13 N O2'      131.173 
LEU 'L-peptide linking' y LEUCINE                           ?    'C6 H13 N O2'      131.173 
LYS 'L-peptide linking' y LYSINE                            ?    'C6 H15 N2 O2 1'   147.195 
MET 'L-peptide linking' y METHIONINE                        ?    'C5 H11 N O2 S'    149.211 
PHE 'L-peptide linking' y PHENYLALANINE                     ?    'C9 H11 N O2'      165.189 
PRO 'L-peptide linking' y PROLINE                           ?    'C5 H9 N O2'       115.130 
SER 'L-peptide linking' y SERINE                            ?    'C3 H7 N O3'       105.093 
THR 'L-peptide linking' y THREONINE                         ?    'C4 H9 N O3'       119.119 
TRP 'L-peptide linking' y TRYPTOPHAN                        ?    'C11 H12 N2 O2'    204.225 
TYR 'L-peptide linking' y TYROSINE                          ?    'C9 H11 N O3'      181.189 
VAL 'L-peptide linking' y VALINE                            ?    'C5 H11 N O2'      117.146 
XE  non-polymer         . XENON                             ?    Xe                 131.293 
# 
_exptl.entry_id          3ZJR 
_exptl.method            'X-RAY DIFFRACTION' 
_exptl.crystals_number   1 
# 
_exptl_crystal.id                    1 
_exptl_crystal.density_meas          ? 
_exptl_crystal.density_Matthews      2.22 
_exptl_crystal.density_percent_sol   44.56 
_exptl_crystal.description           NONE 
# 
_exptl_crystal_grow.crystal_id      1 
_exptl_crystal_grow.method          ? 
_exptl_crystal_grow.temp            ? 
_exptl_crystal_grow.temp_details    ? 
_exptl_crystal_grow.pH              7.0 
_exptl_crystal_grow.pdbx_pH_range   ? 
_exptl_crystal_grow.pdbx_details    '20% PEG 4000, 10% ISOPROPANOL, 0.1 M HEPES PH 7.0, 0.02 M POTASSIUM FERRICYANIDE, 0.01 M KCN' 
# 
_diffrn.id                     1 
_diffrn.ambient_temp           100 
_diffrn.ambient_temp_details   ? 
_diffrn.crystal_id             1 
# 
_diffrn_detector.diffrn_id              1 
_diffrn_detector.detector               CCD 
_diffrn_detector.type                   'ADSC CCD' 
_diffrn_detector.pdbx_collection_date   ? 
_diffrn_detector.details                ? 
# 
_diffrn_radiation.diffrn_id                        1 
_diffrn_radiation.wavelength_id                    1 
_diffrn_radiation.pdbx_monochromatic_or_laue_m_l   M 
_diffrn_radiation.monochromator                    ? 
_diffrn_radiation.pdbx_diffrn_protocol             'SINGLE WAVELENGTH' 
_diffrn_radiation.pdbx_scattering_type             x-ray 
# 
_diffrn_radiation_wavelength.id           1 
_diffrn_radiation_wavelength.wavelength   1.0 
_diffrn_radiation_wavelength.wt           1.0 
# 
_diffrn_source.diffrn_id                   1 
_diffrn_source.source                      SYNCHROTRON 
_diffrn_source.type                        'ESRF BEAMLINE ID14-1' 
_diffrn_source.pdbx_synchrotron_site       ESRF 
_diffrn_source.pdbx_synchrotron_beamline   ID14-1 
_diffrn_source.pdbx_wavelength             1.0 
_diffrn_source.pdbx_wavelength_list        ? 
# 
_reflns.pdbx_diffrn_id               1 
_reflns.pdbx_ordinal                 1 
_reflns.entry_id                     3ZJR 
_reflns.observed_criterion_sigma_I   1.0 
_reflns.observed_criterion_sigma_F   ? 
_reflns.d_resolution_low             50.64 
_reflns.d_resolution_high            3.00 
_reflns.number_obs                   3627 
_reflns.number_all                   ? 
_reflns.percent_possible_obs         87.8 
_reflns.pdbx_Rmerge_I_obs            0.14 
_reflns.pdbx_Rsym_value              ? 
_reflns.pdbx_netI_over_sigmaI        6.40 
_reflns.B_iso_Wilson_estimate        ? 
_reflns.pdbx_redundancy              1.9 
# 
_reflns_shell.pdbx_diffrn_id         1 
_reflns_shell.pdbx_ordinal           1 
_reflns_shell.d_res_high             3.00 
_reflns_shell.d_res_low              3.16 
_reflns_shell.percent_possible_all   91.3 
_reflns_shell.Rmerge_I_obs           0.30 
_reflns_shell.pdbx_Rsym_value        ? 
_reflns_shell.meanI_over_sigI_obs    2.30 
_reflns_shell.pdbx_redundancy        1.9 
# 
_refine.pdbx_refine_id                           'X-RAY DIFFRACTION' 
_refine.entry_id                                 3ZJR 
_refine.pdbx_diffrn_id                           1 
_refine.pdbx_TLS_residual_ADP_flag               ? 
_refine.ls_number_reflns_obs                     3449 
_refine.ls_number_reflns_all                     ? 
_refine.pdbx_ls_sigma_I                          ? 
_refine.pdbx_ls_sigma_F                          . 
_refine.pdbx_data_cutoff_high_absF               ? 
_refine.pdbx_data_cutoff_low_absF                ? 
_refine.pdbx_data_cutoff_high_rms_absF           ? 
_refine.ls_d_res_low                             42.37 
_refine.ls_d_res_high                            3.00 
_refine.ls_percent_reflns_obs                    87.36 
_refine.ls_R_factor_obs                          0.20825 
_refine.ls_R_factor_all                          ? 
_refine.ls_R_factor_R_work                       0.20410 
_refine.ls_R_factor_R_free                       0.30621 
_refine.ls_R_factor_R_free_error                 ? 
_refine.ls_R_factor_R_free_error_details         ? 
_refine.ls_percent_reflns_R_free                 4.4 
_refine.ls_number_reflns_R_free                  160 
_refine.ls_number_parameters                     ? 
_refine.ls_number_restraints                     ? 
_refine.occupancy_min                            ? 
_refine.occupancy_max                            ? 
_refine.correlation_coeff_Fo_to_Fc               0.936 
_refine.correlation_coeff_Fo_to_Fc_free          0.862 
_refine.B_iso_mean                               53.786 
_refine.aniso_B[1][1]                            -0.25 
_refine.aniso_B[2][2]                            0.57 
_refine.aniso_B[3][3]                            -0.33 
_refine.aniso_B[1][2]                            0.00 
_refine.aniso_B[1][3]                            -0.03 
_refine.aniso_B[2][3]                            0.00 
_refine.solvent_model_details                    MASK 
_refine.solvent_model_param_ksol                 ? 
_refine.solvent_model_param_bsol                 ? 
_refine.pdbx_solvent_vdw_probe_radii             1.40 
_refine.pdbx_solvent_ion_probe_radii             0.80 
_refine.pdbx_solvent_shrinkage_radii             0.80 
_refine.pdbx_ls_cross_valid_method               THROUGHOUT 
_refine.details                                  
;HYDROGENS HAVE BEEN ADDED IN THE RIDING POSITIONS. FINAL STRUCTURE HAS NO RESIDUES IN THE DISALLOWED REGION OF RAMACHANDRAN PLOT AS DEFINED IN THE CCP4 PROCHECK PROGRAM.
;
_refine.pdbx_starting_model                      'PDB ENTRY 2VEB' 
_refine.pdbx_method_to_determine_struct          'MOLECULAR REPLACEMENT' 
_refine.pdbx_isotropic_thermal_model             ? 
_refine.pdbx_stereochemistry_target_values       'MAXIMUM LIKELIHOOD' 
_refine.pdbx_stereochem_target_val_spec_case     ? 
_refine.pdbx_R_Free_selection_details            RANDOM 
_refine.pdbx_overall_ESU_R                       ? 
_refine.pdbx_overall_ESU_R_Free                  0.679 
_refine.overall_SU_ML                            0.433 
_refine.pdbx_overall_phase_error                 ? 
_refine.overall_SU_B                             25.319 
_refine.overall_SU_R_Cruickshank_DPI             ? 
_refine.pdbx_overall_SU_R_free_Cruickshank_DPI   ? 
_refine.pdbx_overall_SU_R_Blow_DPI               ? 
_refine.pdbx_overall_SU_R_free_Blow_DPI          ? 
# 
_refine_hist.pdbx_refine_id                   'X-RAY DIFFRACTION' 
_refine_hist.cycle_id                         LAST 
_refine_hist.pdbx_number_atoms_protein        1591 
_refine_hist.pdbx_number_atoms_nucleic_acid   0 
_refine_hist.pdbx_number_atoms_ligand         46 
_refine_hist.number_atoms_solvent             22 
_refine_hist.number_atoms_total               1659 
_refine_hist.d_res_high                       3.00 
_refine_hist.d_res_low                        42.37 
# 
loop_
_refine_ls_restr.type 
_refine_ls_restr.dev_ideal 
_refine_ls_restr.dev_ideal_target 
_refine_ls_restr.weight 
_refine_ls_restr.number 
_refine_ls_restr.pdbx_refine_id 
_refine_ls_restr.pdbx_restraint_function 
r_bond_refined_d             0.011  0.022  ? 1703 'X-RAY DIFFRACTION' ? 
r_bond_other_d               ?      ?      ? ?    'X-RAY DIFFRACTION' ? 
r_angle_refined_deg          2.426  2.023  ? 2331 'X-RAY DIFFRACTION' ? 
r_angle_other_deg            ?      ?      ? ?    'X-RAY DIFFRACTION' ? 
r_dihedral_angle_1_deg       6.276  5.000  ? 190  'X-RAY DIFFRACTION' ? 
r_dihedral_angle_2_deg       36.259 23.678 ? 87   'X-RAY DIFFRACTION' ? 
r_dihedral_angle_3_deg       19.864 15.000 ? 266  'X-RAY DIFFRACTION' ? 
r_dihedral_angle_4_deg       18.335 15.000 ? 9    'X-RAY DIFFRACTION' ? 
r_chiral_restr               0.090  0.200  ? 230  'X-RAY DIFFRACTION' ? 
r_gen_planes_refined         0.006  0.021  ? 1343 'X-RAY DIFFRACTION' ? 
r_gen_planes_other           ?      ?      ? ?    'X-RAY DIFFRACTION' ? 
r_nbd_refined                ?      ?      ? ?    'X-RAY DIFFRACTION' ? 
r_nbd_other                  ?      ?      ? ?    'X-RAY DIFFRACTION' ? 
r_nbtor_refined              ?      ?      ? ?    'X-RAY DIFFRACTION' ? 
r_nbtor_other                ?      ?      ? ?    'X-RAY DIFFRACTION' ? 
r_xyhbond_nbd_refined        ?      ?      ? ?    'X-RAY DIFFRACTION' ? 
r_xyhbond_nbd_other          ?      ?      ? ?    'X-RAY DIFFRACTION' ? 
r_metal_ion_refined          ?      ?      ? ?    'X-RAY DIFFRACTION' ? 
r_metal_ion_other            ?      ?      ? ?    'X-RAY DIFFRACTION' ? 
r_symmetry_vdw_refined       ?      ?      ? ?    'X-RAY DIFFRACTION' ? 
r_symmetry_vdw_other         ?      ?      ? ?    'X-RAY DIFFRACTION' ? 
r_symmetry_hbond_refined     ?      ?      ? ?    'X-RAY DIFFRACTION' ? 
r_symmetry_hbond_other       ?      ?      ? ?    'X-RAY DIFFRACTION' ? 
r_symmetry_metal_ion_refined ?      ?      ? ?    'X-RAY DIFFRACTION' ? 
r_symmetry_metal_ion_other   ?      ?      ? ?    'X-RAY DIFFRACTION' ? 
r_mcbond_it                  0.545  1.500  ? 955  'X-RAY DIFFRACTION' ? 
r_mcbond_other               ?      ?      ? ?    'X-RAY DIFFRACTION' ? 
r_mcangle_it                 1.022  2.000  ? 1546 'X-RAY DIFFRACTION' ? 
r_mcangle_other              ?      ?      ? ?    'X-RAY DIFFRACTION' ? 
r_scbond_it                  0.996  3.000  ? 748  'X-RAY DIFFRACTION' ? 
r_scbond_other               ?      ?      ? ?    'X-RAY DIFFRACTION' ? 
r_scangle_it                 1.785  4.500  ? 784  'X-RAY DIFFRACTION' ? 
r_scangle_other              ?      ?      ? ?    'X-RAY DIFFRACTION' ? 
r_long_range_B_refined       ?      ?      ? ?    'X-RAY DIFFRACTION' ? 
r_long_range_B_other         ?      ?      ? ?    'X-RAY DIFFRACTION' ? 
r_rigid_bond_restr           ?      ?      ? ?    'X-RAY DIFFRACTION' ? 
r_sphericity_free            ?      ?      ? ?    'X-RAY DIFFRACTION' ? 
r_sphericity_bonded          ?      ?      ? ?    'X-RAY DIFFRACTION' ? 
# 
_refine_ls_shell.pdbx_refine_id                   'X-RAY DIFFRACTION' 
_refine_ls_shell.pdbx_total_number_of_bins_used   20 
_refine_ls_shell.d_res_high                       3.000 
_refine_ls_shell.d_res_low                        3.078 
_refine_ls_shell.number_reflns_R_work             241 
_refine_ls_shell.R_factor_R_work                  0.345 
_refine_ls_shell.percent_reflns_obs               89.47 
_refine_ls_shell.R_factor_R_free                  0.398 
_refine_ls_shell.R_factor_R_free_error            ? 
_refine_ls_shell.percent_reflns_R_free            ? 
_refine_ls_shell.number_reflns_R_free             14 
_refine_ls_shell.number_reflns_all                ? 
_refine_ls_shell.R_factor_all                     ? 
# 
_struct.entry_id                  3ZJR 
_struct.title                     'M.acetivorans protoglobin in complex with cyanide and Xenon' 
_struct.pdbx_model_details        ? 
_struct.pdbx_CASP_flag            ? 
_struct.pdbx_model_type_details   ? 
# 
_struct_keywords.entry_id        3ZJR 
_struct_keywords.pdbx_keywords   'IRON-BINDING PROTEIN' 
_struct_keywords.text            'IRON-BINDING PROTEIN, CYANIDE-XENON COMPLEX' 
# 
loop_
_struct_asym.id 
_struct_asym.pdbx_blank_PDB_chainid_flag 
_struct_asym.pdbx_modified 
_struct_asym.entity_id 
_struct_asym.details 
A N N 1 ? 
B N N 2 ? 
C N N 3 ? 
D N N 4 ? 
E N N 5 ? 
# 
_struct_biol.id   1 
# 
loop_
_struct_conf.conf_type_id 
_struct_conf.id 
_struct_conf.pdbx_PDB_helix_id 
_struct_conf.beg_label_comp_id 
_struct_conf.beg_label_asym_id 
_struct_conf.beg_label_seq_id 
_struct_conf.pdbx_beg_PDB_ins_code 
_struct_conf.end_label_comp_id 
_struct_conf.end_label_asym_id 
_struct_conf.end_label_seq_id 
_struct_conf.pdbx_end_PDB_ins_code 
_struct_conf.beg_auth_comp_id 
_struct_conf.beg_auth_asym_id 
_struct_conf.beg_auth_seq_id 
_struct_conf.end_auth_comp_id 
_struct_conf.end_auth_asym_id 
_struct_conf.end_auth_seq_id 
_struct_conf.pdbx_PDB_helix_class 
_struct_conf.details 
_struct_conf.pdbx_PDB_helix_length 
HELX_P HELX_P1  1  ASN A 21  ? VAL A 32  ? ASN A 21  VAL A 32  1 ? 12 
HELX_P HELX_P2  2  THR A 35  ? GLU A 50  ? THR A 35  GLU A 50  1 ? 16 
HELX_P HELX_P3  3  GLN A 52  ? GLY A 65  ? GLN A 52  GLY A 65  1 ? 14 
HELX_P HELX_P4  4  HIS A 67  ? TYR A 72  ? HIS A 67  TYR A 72  1 ? 6  
HELX_P HELX_P5  5  ALA A 88  ? SER A 101 ? ALA A 88  SER A 101 1 ? 14 
HELX_P HELX_P6  6  ASP A 106 ? ARG A 119 ? ASP A 106 ARG A 119 1 ? 14 
HELX_P HELX_P7  7  GLY A 138 ? PHE A 145 ? GLY A 138 PHE A 145 1 ? 8  
HELX_P HELX_P8  8  PHE A 145 ? THR A 152 ? PHE A 145 THR A 152 1 ? 8  
HELX_P HELX_P9  9  MET A 153 ? ALA A 158 ? MET A 153 ALA A 158 1 ? 6  
HELX_P HELX_P10 10 GLU A 165 ? SER A 186 ? GLU A 165 SER A 186 1 ? 22 
HELX_P HELX_P11 11 TYR A 187 ? VAL A 190 ? TYR A 187 VAL A 190 5 ? 4  
# 
_struct_conf_type.id          HELX_P 
_struct_conf_type.criteria    ? 
_struct_conf_type.reference   ? 
# 
_struct_conn.id                            metalc1 
_struct_conn.conn_type_id                  metalc 
_struct_conn.pdbx_leaving_atom_flag        ? 
_struct_conn.pdbx_PDB_id                   ? 
_struct_conn.ptnr1_label_asym_id           A 
_struct_conn.ptnr1_label_comp_id           HIS 
_struct_conn.ptnr1_label_seq_id            120 
_struct_conn.ptnr1_label_atom_id           NE2 
_struct_conn.pdbx_ptnr1_label_alt_id       ? 
_struct_conn.pdbx_ptnr1_PDB_ins_code       ? 
_struct_conn.pdbx_ptnr1_standard_comp_id   ? 
_struct_conn.ptnr1_symmetry                1_555 
_struct_conn.ptnr2_label_asym_id           B 
_struct_conn.ptnr2_label_comp_id           HEM 
_struct_conn.ptnr2_label_seq_id            . 
_struct_conn.ptnr2_label_atom_id           FE 
_struct_conn.pdbx_ptnr2_label_alt_id       ? 
_struct_conn.pdbx_ptnr2_PDB_ins_code       ? 
_struct_conn.ptnr1_auth_asym_id            A 
_struct_conn.ptnr1_auth_comp_id            HIS 
_struct_conn.ptnr1_auth_seq_id             120 
_struct_conn.ptnr2_auth_asym_id            A 
_struct_conn.ptnr2_auth_comp_id            HEM 
_struct_conn.ptnr2_auth_seq_id             200 
_struct_conn.ptnr2_symmetry                1_555 
_struct_conn.pdbx_ptnr3_label_atom_id      ? 
_struct_conn.pdbx_ptnr3_label_seq_id       ? 
_struct_conn.pdbx_ptnr3_label_comp_id      ? 
_struct_conn.pdbx_ptnr3_label_asym_id      ? 
_struct_conn.pdbx_ptnr3_label_alt_id       ? 
_struct_conn.pdbx_ptnr3_PDB_ins_code       ? 
_struct_conn.details                       ? 
_struct_conn.pdbx_dist_value               2.300 
_struct_conn.pdbx_value_order              ? 
_struct_conn.pdbx_role                     ? 
# 
_struct_conn_type.id          metalc 
_struct_conn_type.criteria    ? 
_struct_conn_type.reference   ? 
# 
loop_
_struct_site.id 
_struct_site.pdbx_evidence_code 
_struct_site.pdbx_auth_asym_id 
_struct_site.pdbx_auth_comp_id 
_struct_site.pdbx_auth_seq_id 
_struct_site.pdbx_auth_ins_code 
_struct_site.pdbx_num_residues 
_struct_site.details 
AC1 Software A HEM 200 ? 20 'BINDING SITE FOR RESIDUE HEM A 200' 
AC2 Software A CYN 201 ? 2  'BINDING SITE FOR RESIDUE CYN A 201' 
# 
loop_
_struct_site_gen.id 
_struct_site_gen.site_id 
_struct_site_gen.pdbx_num_res 
_struct_site_gen.label_comp_id 
_struct_site_gen.label_asym_id 
_struct_site_gen.label_seq_id 
_struct_site_gen.pdbx_auth_ins_code 
_struct_site_gen.auth_comp_id 
_struct_site_gen.auth_asym_id 
_struct_site_gen.auth_seq_id 
_struct_site_gen.label_atom_id 
_struct_site_gen.label_alt_id 
_struct_site_gen.symmetry 
_struct_site_gen.details 
1  AC1 20 LEU A 70  ? LEU A 70  . ? 1_555 ? 
2  AC1 20 TYR A 73  ? TYR A 73  . ? 1_555 ? 
3  AC1 20 PHE A 74  ? PHE A 74  . ? 1_555 ? 
4  AC1 20 TYR A 85  ? TYR A 85  . ? 1_555 ? 
5  AC1 20 VAL A 89  ? VAL A 89  . ? 1_555 ? 
6  AC1 20 ARG A 92  ? ARG A 92  . ? 1_555 ? 
7  AC1 20 PHE A 93  ? PHE A 93  . ? 1_555 ? 
8  AC1 20 TRP A 96  ? TRP A 96  . ? 1_555 ? 
9  AC1 20 TYR A 112 ? TYR A 112 . ? 1_555 ? 
10 AC1 20 ARG A 119 ? ARG A 119 . ? 1_555 ? 
11 AC1 20 HIS A 120 ? HIS A 120 . ? 1_555 ? 
12 AC1 20 LYS A 125 ? LYS A 125 . ? 1_555 ? 
13 AC1 20 ASN A 126 ? ASN A 126 . ? 1_555 ? 
14 AC1 20 ILE A 137 ? ILE A 137 . ? 1_555 ? 
15 AC1 20 TYR A 141 ? TYR A 141 . ? 1_555 ? 
16 AC1 20 LEU A 142 ? LEU A 142 . ? 1_555 ? 
17 AC1 20 PHE A 145 ? PHE A 145 . ? 1_555 ? 
18 AC1 20 ILE A 149 ? ILE A 149 . ? 1_555 ? 
19 AC1 20 TRP A 185 ? TRP A 185 . ? 1_555 ? 
20 AC1 20 CYN C .   ? CYN A 201 . ? 1_555 ? 
21 AC2 2  TRP A 60  ? TRP A 60  . ? 1_555 ? 
22 AC2 2  HEM B .   ? HEM A 200 . ? 1_555 ? 
# 
_atom_sites.entry_id                    3ZJR 
_atom_sites.fract_transf_matrix[1][1]   0.00219506 
_atom_sites.fract_transf_matrix[1][2]   0.01002641 
_atom_sites.fract_transf_matrix[1][3]   -0.00735192 
_atom_sites.fract_transf_matrix[2][1]   -0.00444476 
_atom_sites.fract_transf_matrix[2][2]   0.01211353 
_atom_sites.fract_transf_matrix[2][3]   0.01519313 
_atom_sites.fract_transf_matrix[3][1]   0.01927808 
_atom_sites.fract_transf_matrix[3][2]   0.00274814 
_atom_sites.fract_transf_matrix[3][3]   0.00344872 
_atom_sites.fract_transf_vector[1]      0.094874 
_atom_sites.fract_transf_vector[2]      -0.008317 
_atom_sites.fract_transf_vector[3]      0.207133 
# 
loop_
_atom_type.symbol 
C  
FE 
N  
O  
S  
XE 
# 
loop_
_atom_site.group_PDB 
_atom_site.id 
_atom_site.type_symbol 
_atom_site.label_atom_id 
_atom_site.label_alt_id 
_atom_site.label_comp_id 
_atom_site.label_asym_id 
_atom_site.label_entity_id 
_atom_site.label_seq_id 
_atom_site.pdbx_PDB_ins_code 
_atom_site.Cartn_x 
_atom_site.Cartn_y 
_atom_site.Cartn_z 
_atom_site.occupancy 
_atom_site.B_iso_or_equiv 
_atom_site.pdbx_formal_charge 
_atom_site.auth_seq_id 
_atom_site.auth_comp_id 
_atom_site.auth_asym_id 
_atom_site.auth_atom_id 
_atom_site.pdbx_PDB_model_num 
ATOM   1    N  N   . ILE A 1 6   ? 14.619  10.129  -0.677  1.00 62.79 ? 6    ILE A N   1 
ATOM   2    C  CA  . ILE A 1 6   ? 13.148  10.199  -0.980  1.00 62.83 ? 6    ILE A CA  1 
ATOM   3    C  C   . ILE A 1 6   ? 12.410  10.960  0.129   1.00 62.87 ? 6    ILE A C   1 
ATOM   4    O  O   . ILE A 1 6   ? 12.569  10.632  1.306   1.00 63.18 ? 6    ILE A O   1 
ATOM   5    C  CB  . ILE A 1 6   ? 12.542  8.786   -1.196  1.00 62.76 ? 6    ILE A CB  1 
ATOM   6    C  CG1 . ILE A 1 6   ? 13.091  8.173   -2.492  1.00 63.21 ? 6    ILE A CG1 1 
ATOM   7    C  CG2 . ILE A 1 6   ? 11.022  8.833   -1.243  1.00 61.98 ? 6    ILE A CG2 1 
ATOM   8    C  CD1 . ILE A 1 6   ? 13.311  6.654   -2.438  1.00 63.85 ? 6    ILE A CD1 1 
ATOM   9    N  N   . PRO A 1 7   ? 11.615  11.987  -0.245  1.00 62.65 ? 7    PRO A N   1 
ATOM   10   C  CA  . PRO A 1 7   ? 11.009  12.899  0.728   1.00 62.54 ? 7    PRO A CA  1 
ATOM   11   C  C   . PRO A 1 7   ? 9.759   12.352  1.409   1.00 62.48 ? 7    PRO A C   1 
ATOM   12   O  O   . PRO A 1 7   ? 8.784   11.992  0.742   1.00 62.23 ? 7    PRO A O   1 
ATOM   13   C  CB  . PRO A 1 7   ? 10.662  14.140  -0.111  1.00 62.68 ? 7    PRO A CB  1 
ATOM   14   C  CG  . PRO A 1 7   ? 11.271  13.896  -1.484  1.00 62.77 ? 7    PRO A CG  1 
ATOM   15   C  CD  . PRO A 1 7   ? 11.342  12.419  -1.624  1.00 62.71 ? 7    PRO A CD  1 
ATOM   16   N  N   . GLY A 1 8   ? 9.804   12.308  2.738   1.00 62.59 ? 8    GLY A N   1 
ATOM   17   C  CA  . GLY A 1 8   ? 8.715   11.795  3.553   1.00 62.77 ? 8    GLY A CA  1 
ATOM   18   C  C   . GLY A 1 8   ? 8.745   10.291  3.770   1.00 63.07 ? 8    GLY A C   1 
ATOM   19   O  O   . GLY A 1 8   ? 7.851   9.736   4.399   1.00 63.29 ? 8    GLY A O   1 
ATOM   20   N  N   . TYR A 1 9   ? 9.760   9.617   3.244   1.00 63.23 ? 9    TYR A N   1 
ATOM   21   C  CA  . TYR A 1 9   ? 9.898   8.186   3.447   1.00 63.45 ? 9    TYR A CA  1 
ATOM   22   C  C   . TYR A 1 9   ? 10.578  7.979   4.787   1.00 63.94 ? 9    TYR A C   1 
ATOM   23   O  O   . TYR A 1 9   ? 11.806  7.875   4.858   1.00 64.03 ? 9    TYR A O   1 
ATOM   24   C  CB  . TYR A 1 9   ? 10.695  7.570   2.301   1.00 63.33 ? 9    TYR A CB  1 
ATOM   25   C  CG  . TYR A 1 9   ? 10.861  6.074   2.351   1.00 63.25 ? 9    TYR A CG  1 
ATOM   26   C  CD1 . TYR A 1 9   ? 9.835   5.246   2.799   1.00 64.32 ? 9    TYR A CD1 1 
ATOM   27   C  CD2 . TYR A 1 9   ? 12.038  5.478   1.909   1.00 63.38 ? 9    TYR A CD2 1 
ATOM   28   C  CE1 . TYR A 1 9   ? 9.989   3.847   2.834   1.00 64.61 ? 9    TYR A CE1 1 
ATOM   29   C  CE2 . TYR A 1 9   ? 12.207  4.092   1.940   1.00 64.24 ? 9    TYR A CE2 1 
ATOM   30   C  CZ  . TYR A 1 9   ? 11.179  3.282   2.406   1.00 64.21 ? 9    TYR A CZ  1 
ATOM   31   O  OH  . TYR A 1 9   ? 11.338  1.918   2.432   1.00 62.89 ? 9    TYR A OH  1 
ATOM   32   N  N   . THR A 1 10  ? 9.768   7.948   5.849   1.00 64.53 ? 10   THR A N   1 
ATOM   33   C  CA  . THR A 1 10  ? 10.265  7.839   7.232   1.00 65.09 ? 10   THR A CA  1 
ATOM   34   C  C   . THR A 1 10  ? 10.218  6.394   7.762   1.00 65.84 ? 10   THR A C   1 
ATOM   35   O  O   . THR A 1 10  ? 9.834   6.143   8.914   1.00 65.96 ? 10   THR A O   1 
ATOM   36   C  CB  . THR A 1 10  ? 9.548   8.827   8.223   1.00 64.87 ? 10   THR A CB  1 
ATOM   37   O  OG1 . THR A 1 10  ? 8.381   8.218   8.781   1.00 64.38 ? 10   THR A OG1 1 
ATOM   38   C  CG2 . THR A 1 10  ? 9.168   10.149  7.548   1.00 64.82 ? 10   THR A CG2 1 
ATOM   39   N  N   . TYR A 1 11  ? 10.615  5.452   6.904   1.00 66.60 ? 11   TYR A N   1 
ATOM   40   C  CA  . TYR A 1 11  ? 10.675  4.040   7.253   1.00 67.43 ? 11   TYR A CA  1 
ATOM   41   C  C   . TYR A 1 11  ? 11.734  3.815   8.321   1.00 68.21 ? 11   TYR A C   1 
ATOM   42   O  O   . TYR A 1 11  ? 12.886  4.211   8.145   1.00 68.48 ? 11   TYR A O   1 
ATOM   43   C  CB  . TYR A 1 11  ? 11.002  3.201   6.016   1.00 67.21 ? 11   TYR A CB  1 
ATOM   44   C  CG  . TYR A 1 11  ? 10.744  1.717   6.193   1.00 67.53 ? 11   TYR A CG  1 
ATOM   45   C  CD1 . TYR A 1 11  ? 11.673  0.897   6.832   1.00 67.78 ? 11   TYR A CD1 1 
ATOM   46   C  CD2 . TYR A 1 11  ? 9.570   1.131   5.724   1.00 67.52 ? 11   TYR A CD2 1 
ATOM   47   C  CE1 . TYR A 1 11  ? 11.440  -0.460  7.003   1.00 67.88 ? 11   TYR A CE1 1 
ATOM   48   C  CE2 . TYR A 1 11  ? 9.327   -0.230  5.887   1.00 67.77 ? 11   TYR A CE2 1 
ATOM   49   C  CZ  . TYR A 1 11  ? 10.270  -1.023  6.527   1.00 68.28 ? 11   TYR A CZ  1 
ATOM   50   O  OH  . TYR A 1 11  ? 10.050  -2.376  6.698   1.00 68.24 ? 11   TYR A OH  1 
ATOM   51   N  N   . GLY A 1 12  ? 11.348  3.191   9.431   1.00 69.06 ? 12   GLY A N   1 
ATOM   52   C  CA  . GLY A 1 12  ? 12.313  2.830   10.477  1.00 70.24 ? 12   GLY A CA  1 
ATOM   53   C  C   . GLY A 1 12  ? 12.707  3.974   11.394  1.00 71.00 ? 12   GLY A C   1 
ATOM   54   O  O   . GLY A 1 12  ? 13.288  3.751   12.466  1.00 71.03 ? 12   GLY A O   1 
ATOM   55   N  N   . GLU A 1 13  ? 12.404  5.197   10.955  1.00 71.74 ? 13   GLU A N   1 
ATOM   56   C  CA  . GLU A 1 13  ? 12.562  6.407   11.771  1.00 72.39 ? 13   GLU A CA  1 
ATOM   57   C  C   . GLU A 1 13  ? 11.184  7.008   12.096  1.00 72.53 ? 13   GLU A C   1 
ATOM   58   O  O   . GLU A 1 13  ? 10.945  8.204   11.953  1.00 72.47 ? 13   GLU A O   1 
ATOM   59   C  CB  . GLU A 1 13  ? 13.539  7.418   11.122  1.00 72.41 ? 13   GLU A CB  1 
ATOM   60   C  CG  . GLU A 1 13  ? 13.354  7.671   9.613   1.00 73.13 ? 13   GLU A CG  1 
ATOM   61   C  CD  . GLU A 1 13  ? 14.681  7.880   8.860   1.00 74.26 ? 13   GLU A CD  1 
ATOM   62   O  OE1 . GLU A 1 13  ? 15.646  7.123   9.116   1.00 74.74 ? 13   GLU A OE1 1 
ATOM   63   O  OE2 . GLU A 1 13  ? 14.752  8.786   7.993   1.00 74.26 ? 13   GLU A OE2 1 
ATOM   64   N  N   . THR A 1 14  ? 10.287  6.137   12.540  1.00 72.88 ? 14   THR A N   1 
ATOM   65   C  CA  . THR A 1 14  ? 8.944   6.522   12.932  1.00 73.35 ? 14   THR A CA  1 
ATOM   66   C  C   . THR A 1 14  ? 9.172   7.015   14.358  1.00 73.63 ? 14   THR A C   1 
ATOM   67   O  O   . THR A 1 14  ? 8.838   8.162   14.695  1.00 73.49 ? 14   THR A O   1 
ATOM   68   C  CB  . THR A 1 14  ? 7.970   5.362   12.690  1.00 73.40 ? 14   THR A CB  1 
ATOM   69   O  OG1 . THR A 1 14  ? 8.373   4.227   13.473  1.00 73.63 ? 14   THR A OG1 1 
ATOM   70   C  CG2 . THR A 1 14  ? 7.969   4.971   11.221  1.00 73.52 ? 14   THR A CG2 1 
ATOM   71   N  N   . GLU A 1 15  ? 9.740   6.118   15.177  1.00 74.07 ? 15   GLU A N   1 
ATOM   72   C  CA  . GLU A 1 15  ? 9.974   6.298   16.615  1.00 74.51 ? 15   GLU A CA  1 
ATOM   73   C  C   . GLU A 1 15  ? 8.847   6.534   17.646  1.00 74.51 ? 15   GLU A C   1 
ATOM   74   O  O   . GLU A 1 15  ? 9.122   6.767   18.834  1.00 74.51 ? 15   GLU A O   1 
ATOM   75   C  CB  . GLU A 1 15  ? 10.561  7.680   16.970  1.00 74.74 ? 15   GLU A CB  1 
ATOM   76   C  CG  . GLU A 1 15  ? 11.654  8.183   16.006  1.00 75.59 ? 15   GLU A CG  1 
ATOM   77   C  CD  . GLU A 1 15  ? 13.066  7.739   16.403  1.00 76.45 ? 15   GLU A CD  1 
ATOM   78   O  OE1 . GLU A 1 15  ? 13.229  7.042   17.434  1.00 76.60 ? 15   GLU A OE1 1 
ATOM   79   O  OE2 . GLU A 1 15  ? 14.020  8.099   15.674  1.00 76.83 ? 15   GLU A OE2 1 
ATOM   80   N  N   . ASN A 1 16  ? 7.585   6.484   17.160  1.00 74.30 ? 16   ASN A N   1 
ATOM   81   C  CA  . ASN A 1 16  ? 6.333   6.144   17.848  1.00 73.87 ? 16   ASN A CA  1 
ATOM   82   C  C   . ASN A 1 16  ? 5.888   4.729   17.490  1.00 73.37 ? 16   ASN A C   1 
ATOM   83   O  O   . ASN A 1 16  ? 5.632   4.438   16.315  1.00 73.24 ? 16   ASN A O   1 
ATOM   84   C  CB  . ASN A 1 16  ? 5.236   7.162   17.568  1.00 74.01 ? 16   ASN A CB  1 
ATOM   85   C  CG  . ASN A 1 16  ? 4.000   6.979   18.458  1.00 74.78 ? 16   ASN A CG  1 
ATOM   86   O  OD1 . ASN A 1 16  ? 4.024   6.231   19.444  1.00 75.47 ? 16   ASN A OD1 1 
ATOM   87   N  ND2 . ASN A 1 16  ? 2.915   7.666   18.108  1.00 74.97 ? 16   ASN A ND2 1 
ATOM   88   N  N   . ARG A 1 17  ? 5.783   3.874   18.507  1.00 72.74 ? 17   ARG A N   1 
ATOM   89   C  CA  . ARG A 1 17  ? 5.625   2.431   18.319  1.00 72.19 ? 17   ARG A CA  1 
ATOM   90   C  C   . ARG A 1 17  ? 4.322   2.040   17.651  1.00 71.36 ? 17   ARG A C   1 
ATOM   91   O  O   . ARG A 1 17  ? 3.328   2.760   17.745  1.00 71.32 ? 17   ARG A O   1 
ATOM   92   C  CB  . ARG A 1 17  ? 5.763   1.691   19.657  1.00 72.56 ? 17   ARG A CB  1 
ATOM   93   C  CG  . ARG A 1 17  ? 5.951   0.179   19.518  1.00 73.71 ? 17   ARG A CG  1 
ATOM   94   C  CD  . ARG A 1 17  ? 7.109   -0.299  20.370  1.00 76.44 ? 17   ARG A CD  1 
ATOM   95   N  NE  . ARG A 1 17  ? 8.081   -1.096  19.605  1.00 79.43 ? 17   ARG A NE  1 
ATOM   96   C  CZ  . ARG A 1 17  ? 9.078   -0.601  18.854  1.00 80.42 ? 17   ARG A CZ  1 
ATOM   97   N  NH1 . ARG A 1 17  ? 9.265   0.716   18.729  1.00 80.18 ? 17   ARG A NH1 1 
ATOM   98   N  NH2 . ARG A 1 17  ? 9.899   -1.433  18.215  1.00 80.73 ? 17   ARG A NH2 1 
ATOM   99   N  N   . ALA A 1 18  ? 4.351   0.893   16.976  1.00 70.41 ? 18   ALA A N   1 
ATOM   100  C  CA  . ALA A 1 18  ? 3.175   0.303   16.348  1.00 69.49 ? 18   ALA A CA  1 
ATOM   101  C  C   . ALA A 1 18  ? 2.263   -0.279  17.414  1.00 68.73 ? 18   ALA A C   1 
ATOM   102  O  O   . ALA A 1 18  ? 2.607   -1.294  18.018  1.00 68.91 ? 18   ALA A O   1 
ATOM   103  C  CB  . ALA A 1 18  ? 3.597   -0.781  15.385  1.00 69.62 ? 18   ALA A CB  1 
ATOM   104  N  N   . PRO A 1 19  ? 1.089   0.349   17.647  1.00 67.88 ? 19   PRO A N   1 
ATOM   105  C  CA  . PRO A 1 19  ? 0.232   -0.064  18.752  1.00 66.91 ? 19   PRO A CA  1 
ATOM   106  C  C   . PRO A 1 19  ? -0.359  -1.432  18.482  1.00 66.03 ? 19   PRO A C   1 
ATOM   107  O  O   . PRO A 1 19  ? -1.180  -1.902  19.260  1.00 66.27 ? 19   PRO A O   1 
ATOM   108  C  CB  . PRO A 1 19  ? -0.857  1.006   18.774  1.00 66.95 ? 19   PRO A CB  1 
ATOM   109  C  CG  . PRO A 1 19  ? -0.975  1.421   17.367  1.00 67.67 ? 19   PRO A CG  1 
ATOM   110  C  CD  . PRO A 1 19  ? 0.422   1.346   16.793  1.00 67.92 ? 19   PRO A CD  1 
ATOM   111  N  N   . PHE A 1 20  ? 0.046   -2.051  17.375  1.00 64.99 ? 20   PHE A N   1 
ATOM   112  C  CA  . PHE A 1 20  ? -0.141  -3.490  17.189  1.00 63.81 ? 20   PHE A CA  1 
ATOM   113  C  C   . PHE A 1 20  ? 1.197   -4.226  17.242  1.00 63.38 ? 20   PHE A C   1 
ATOM   114  O  O   . PHE A 1 20  ? 2.185   -3.776  16.662  1.00 63.04 ? 20   PHE A O   1 
ATOM   115  C  CB  . PHE A 1 20  ? -0.940  -3.837  15.915  1.00 63.64 ? 20   PHE A CB  1 
ATOM   116  C  CG  . PHE A 1 20  ? -0.713  -2.905  14.737  1.00 62.05 ? 20   PHE A CG  1 
ATOM   117  C  CD1 . PHE A 1 20  ? 0.525   -2.810  14.117  1.00 61.09 ? 20   PHE A CD1 1 
ATOM   118  C  CD2 . PHE A 1 20  ? -1.761  -2.166  14.221  1.00 60.08 ? 20   PHE A CD2 1 
ATOM   119  C  CE1 . PHE A 1 20  ? 0.710   -1.974  13.023  1.00 59.54 ? 20   PHE A CE1 1 
ATOM   120  C  CE2 . PHE A 1 20  ? -1.576  -1.336  13.137  1.00 58.90 ? 20   PHE A CE2 1 
ATOM   121  C  CZ  . PHE A 1 20  ? -0.339  -1.242  12.539  1.00 58.87 ? 20   PHE A CZ  1 
ATOM   122  N  N   . ASN A 1 21  ? 1.220   -5.356  17.945  1.00 63.05 ? 21   ASN A N   1 
ATOM   123  C  CA  . ASN A 1 21  ? 2.471   -6.101  18.162  1.00 62.82 ? 21   ASN A CA  1 
ATOM   124  C  C   . ASN A 1 21  ? 2.855   -7.161  17.106  1.00 62.30 ? 21   ASN A C   1 
ATOM   125  O  O   . ASN A 1 21  ? 2.184   -7.326  16.086  1.00 62.34 ? 21   ASN A O   1 
ATOM   126  C  CB  . ASN A 1 21  ? 2.528   -6.678  19.587  1.00 62.81 ? 21   ASN A CB  1 
ATOM   127  C  CG  . ASN A 1 21  ? 1.672   -7.905  19.754  1.00 62.91 ? 21   ASN A CG  1 
ATOM   128  O  OD1 . ASN A 1 21  ? 2.154   -9.026  19.655  1.00 62.51 ? 21   ASN A OD1 1 
ATOM   129  N  ND2 . ASN A 1 21  ? 0.392   -7.698  20.011  1.00 63.86 ? 21   ASN A ND2 1 
ATOM   130  N  N   . LEU A 1 22  ? 3.959   -7.855  17.367  1.00 61.61 ? 22   LEU A N   1 
ATOM   131  C  CA  . LEU A 1 22  ? 4.534   -8.825  16.439  1.00 60.98 ? 22   LEU A CA  1 
ATOM   132  C  C   . LEU A 1 22  ? 3.775   -10.157 16.436  1.00 60.45 ? 22   LEU A C   1 
ATOM   133  O  O   . LEU A 1 22  ? 3.743   -10.874 15.429  1.00 60.11 ? 22   LEU A O   1 
ATOM   134  C  CB  . LEU A 1 22  ? 6.013   -9.046  16.785  1.00 61.20 ? 22   LEU A CB  1 
ATOM   135  C  CG  . LEU A 1 22  ? 7.050   -8.039  16.260  1.00 60.92 ? 22   LEU A CG  1 
ATOM   136  C  CD1 . LEU A 1 22  ? 8.365   -8.104  17.063  1.00 60.11 ? 22   LEU A CD1 1 
ATOM   137  C  CD2 . LEU A 1 22  ? 7.289   -8.255  14.756  1.00 60.45 ? 22   LEU A CD2 1 
ATOM   138  N  N   . GLU A 1 23  ? 3.188   -10.489 17.582  1.00 59.90 ? 23   GLU A N   1 
ATOM   139  C  CA  . GLU A 1 23  ? 2.275   -11.617 17.691  1.00 59.29 ? 23   GLU A CA  1 
ATOM   140  C  C   . GLU A 1 23  ? 1.042   -11.355 16.808  1.00 58.51 ? 23   GLU A C   1 
ATOM   141  O  O   . GLU A 1 23  ? 0.601   -12.244 16.071  1.00 58.85 ? 23   GLU A O   1 
ATOM   142  C  CB  . GLU A 1 23  ? 1.904   -11.856 19.167  1.00 59.41 ? 23   GLU A CB  1 
ATOM   143  C  CG  . GLU A 1 23  ? 0.656   -12.713 19.433  1.00 61.30 ? 23   GLU A CG  1 
ATOM   144  C  CD  . GLU A 1 23  ? 0.863   -14.228 19.234  1.00 63.44 ? 23   GLU A CD  1 
ATOM   145  O  OE1 . GLU A 1 23  ? 1.752   -14.641 18.450  1.00 64.12 ? 23   GLU A OE1 1 
ATOM   146  O  OE2 . GLU A 1 23  ? 0.108   -15.010 19.860  1.00 63.63 ? 23   GLU A OE2 1 
ATOM   147  N  N   . ASP A 1 24  ? 0.515   -10.128 16.851  1.00 57.01 ? 24   ASP A N   1 
ATOM   148  C  CA  . ASP A 1 24  ? -0.676  -9.772  16.077  1.00 55.25 ? 24   ASP A CA  1 
ATOM   149  C  C   . ASP A 1 24  ? -0.544  -10.137 14.609  1.00 53.77 ? 24   ASP A C   1 
ATOM   150  O  O   . ASP A 1 24  ? -1.440  -10.746 14.034  1.00 53.50 ? 24   ASP A O   1 
ATOM   151  C  CB  . ASP A 1 24  ? -1.019  -8.288  16.246  1.00 55.58 ? 24   ASP A CB  1 
ATOM   152  C  CG  . ASP A 1 24  ? -1.537  -7.959  17.644  1.00 56.00 ? 24   ASP A CG  1 
ATOM   153  O  OD1 . ASP A 1 24  ? -1.893  -8.891  18.394  1.00 56.40 ? 24   ASP A OD1 1 
ATOM   154  O  OD2 . ASP A 1 24  ? -1.588  -6.761  18.000  1.00 57.23 ? 24   ASP A OD2 1 
ATOM   155  N  N   . LEU A 1 25  ? 0.590   -9.788  14.020  1.00 52.23 ? 25   LEU A N   1 
ATOM   156  C  CA  . LEU A 1 25  ? 0.839   -10.085 12.614  1.00 51.17 ? 25   LEU A CA  1 
ATOM   157  C  C   . LEU A 1 25  ? 0.858   -11.594 12.311  1.00 50.27 ? 25   LEU A C   1 
ATOM   158  O  O   . LEU A 1 25  ? 0.591   -11.992 11.177  1.00 50.06 ? 25   LEU A O   1 
ATOM   159  C  CB  . LEU A 1 25  ? 2.121   -9.383  12.117  1.00 51.28 ? 25   LEU A CB  1 
ATOM   160  C  CG  . LEU A 1 25  ? 2.815   -9.848  10.822  1.00 51.10 ? 25   LEU A CG  1 
ATOM   161  C  CD1 . LEU A 1 25  ? 2.014   -9.486  9.594   1.00 51.12 ? 25   LEU A CD1 1 
ATOM   162  C  CD2 . LEU A 1 25  ? 4.213   -9.272  10.722  1.00 51.20 ? 25   LEU A CD2 1 
ATOM   163  N  N   . LYS A 1 26  ? 1.163   -12.417 13.319  1.00 49.05 ? 26   LYS A N   1 
ATOM   164  C  CA  . LYS A 1 26  ? 1.143   -13.886 13.176  1.00 47.79 ? 26   LYS A CA  1 
ATOM   165  C  C   . LYS A 1 26  ? -0.287  -14.383 12.960  1.00 47.24 ? 26   LYS A C   1 
ATOM   166  O  O   . LYS A 1 26  ? -0.553  -15.193 12.072  1.00 47.41 ? 26   LYS A O   1 
ATOM   167  C  CB  . LYS A 1 26  ? 1.794   -14.571 14.394  1.00 47.55 ? 26   LYS A CB  1 
ATOM   168  C  CG  . LYS A 1 26  ? 1.293   -15.989 14.725  1.00 46.72 ? 26   LYS A CG  1 
ATOM   169  C  CD  . LYS A 1 26  ? 2.026   -16.601 15.930  1.00 45.51 ? 26   LYS A CD  1 
ATOM   170  C  CE  . LYS A 1 26  ? 1.707   -18.094 16.121  1.00 45.28 ? 26   LYS A CE  1 
ATOM   171  N  NZ  . LYS A 1 26  ? 0.460   -18.385 16.923  1.00 45.29 ? 26   LYS A NZ  1 
ATOM   172  N  N   . LEU A 1 27  ? -1.204  -13.859 13.764  1.00 46.11 ? 27   LEU A N   1 
ATOM   173  C  CA  . LEU A 1 27  ? -2.592  -14.276 13.740  1.00 44.94 ? 27   LEU A CA  1 
ATOM   174  C  C   . LEU A 1 27  ? -3.306  -13.721 12.519  1.00 44.00 ? 27   LEU A C   1 
ATOM   175  O  O   . LEU A 1 27  ? -4.259  -14.305 12.011  1.00 43.72 ? 27   LEU A O   1 
ATOM   176  C  CB  . LEU A 1 27  ? -3.280  -13.779 15.015  1.00 45.30 ? 27   LEU A CB  1 
ATOM   177  C  CG  . LEU A 1 27  ? -2.593  -14.061 16.351  1.00 44.31 ? 27   LEU A CG  1 
ATOM   178  C  CD1 . LEU A 1 27  ? -3.425  -13.476 17.456  1.00 44.16 ? 27   LEU A CD1 1 
ATOM   179  C  CD2 . LEU A 1 27  ? -2.425  -15.551 16.536  1.00 44.24 ? 27   LEU A CD2 1 
ATOM   180  N  N   . LEU A 1 28  ? -2.836  -12.572 12.062  1.00 42.91 ? 28   LEU A N   1 
ATOM   181  C  CA  . LEU A 1 28  ? -3.433  -11.906 10.928  1.00 41.81 ? 28   LEU A CA  1 
ATOM   182  C  C   . LEU A 1 28  ? -2.913  -12.545 9.655   1.00 41.55 ? 28   LEU A C   1 
ATOM   183  O  O   . LEU A 1 28  ? -3.688  -12.849 8.757   1.00 41.38 ? 28   LEU A O   1 
ATOM   184  C  CB  . LEU A 1 28  ? -3.108  -10.416 10.979  1.00 41.33 ? 28   LEU A CB  1 
ATOM   185  C  CG  . LEU A 1 28  ? -3.899  -9.484  10.081  1.00 39.41 ? 28   LEU A CG  1 
ATOM   186  C  CD1 . LEU A 1 28  ? -5.377  -9.569  10.347  1.00 38.51 ? 28   LEU A CD1 1 
ATOM   187  C  CD2 . LEU A 1 28  ? -3.411  -8.115  10.343  1.00 38.06 ? 28   LEU A CD2 1 
ATOM   188  N  N   . LYS A 1 29  ? -1.599  -12.754 9.596   1.00 41.32 ? 29   LYS A N   1 
ATOM   189  C  CA  . LYS A 1 29  ? -0.966  -13.523 8.531   1.00 41.46 ? 29   LYS A CA  1 
ATOM   190  C  C   . LYS A 1 29  ? -1.712  -14.825 8.308   1.00 41.34 ? 29   LYS A C   1 
ATOM   191  O  O   . LYS A 1 29  ? -1.801  -15.319 7.180   1.00 41.31 ? 29   LYS A O   1 
ATOM   192  C  CB  . LYS A 1 29  ? 0.483   -13.862 8.903   1.00 41.74 ? 29   LYS A CB  1 
ATOM   193  C  CG  . LYS A 1 29  ? 1.574   -12.983 8.271   1.00 42.24 ? 29   LYS A CG  1 
ATOM   194  C  CD  . LYS A 1 29  ? 2.908   -13.134 9.014   1.00 42.43 ? 29   LYS A CD  1 
ATOM   195  C  CE  . LYS A 1 29  ? 4.112   -13.052 8.074   1.00 42.24 ? 29   LYS A CE  1 
ATOM   196  N  NZ  . LYS A 1 29  ? 5.352   -13.534 8.755   1.00 42.16 ? 29   LYS A NZ  1 
ATOM   197  N  N   . GLU A 1 30  ? -2.236  -15.371 9.404   1.00 41.03 ? 30   GLU A N   1 
ATOM   198  C  CA  . GLU A 1 30  ? -2.918  -16.646 9.389   1.00 40.93 ? 30   GLU A CA  1 
ATOM   199  C  C   . GLU A 1 30  ? -4.310  -16.525 8.794   1.00 40.54 ? 30   GLU A C   1 
ATOM   200  O  O   . GLU A 1 30  ? -4.752  -17.393 8.032   1.00 40.16 ? 30   GLU A O   1 
ATOM   201  C  CB  . GLU A 1 30  ? -2.984  -17.204 10.801  1.00 41.12 ? 30   GLU A CB  1 
ATOM   202  C  CG  . GLU A 1 30  ? -1.656  -17.732 11.289  1.00 42.94 ? 30   GLU A CG  1 
ATOM   203  C  CD  . GLU A 1 30  ? -1.767  -18.683 12.476  1.00 46.24 ? 30   GLU A CD  1 
ATOM   204  O  OE1 . GLU A 1 30  ? -2.660  -18.489 13.343  1.00 48.08 ? 30   GLU A OE1 1 
ATOM   205  O  OE2 . GLU A 1 30  ? -0.938  -19.625 12.543  1.00 46.85 ? 30   GLU A OE2 1 
ATOM   206  N  N   . ALA A 1 31  ? -4.986  -15.436 9.152   1.00 40.36 ? 31   ALA A N   1 
ATOM   207  C  CA  . ALA A 1 31  ? -6.302  -15.103 8.619   1.00 40.12 ? 31   ALA A CA  1 
ATOM   208  C  C   . ALA A 1 31  ? -6.224  -14.861 7.122   1.00 40.21 ? 31   ALA A C   1 
ATOM   209  O  O   . ALA A 1 31  ? -7.083  -15.321 6.376   1.00 40.10 ? 31   ALA A O   1 
ATOM   210  C  CB  . ALA A 1 31  ? -6.860  -13.888 9.318   1.00 39.77 ? 31   ALA A CB  1 
ATOM   211  N  N   . VAL A 1 32  ? -5.179  -14.152 6.695   1.00 40.59 ? 32   VAL A N   1 
ATOM   212  C  CA  . VAL A 1 32  ? -4.948  -13.823 5.280   1.00 41.07 ? 32   VAL A CA  1 
ATOM   213  C  C   . VAL A 1 32  ? -4.188  -14.984 4.581   1.00 41.62 ? 32   VAL A C   1 
ATOM   214  O  O   . VAL A 1 32  ? -3.803  -14.919 3.402   1.00 41.18 ? 32   VAL A O   1 
ATOM   215  C  CB  . VAL A 1 32  ? -4.274  -12.414 5.138   1.00 40.83 ? 32   VAL A CB  1 
ATOM   216  C  CG1 . VAL A 1 32  ? -2.775  -12.487 5.350   1.00 41.42 ? 32   VAL A CG1 1 
ATOM   217  C  CG2 . VAL A 1 32  ? -4.592  -11.779 3.809   1.00 40.66 ? 32   VAL A CG2 1 
ATOM   218  N  N   . MET A 1 33  ? -4.014  -16.059 5.349   1.00 42.61 ? 33   MET A N   1 
ATOM   219  C  CA  . MET A 1 33  ? -3.526  -17.349 4.865   1.00 43.43 ? 33   MET A CA  1 
ATOM   220  C  C   . MET A 1 33  ? -2.111  -17.259 4.347   1.00 43.88 ? 33   MET A C   1 
ATOM   221  O  O   . MET A 1 33  ? -1.719  -18.010 3.466   1.00 43.92 ? 33   MET A O   1 
ATOM   222  C  CB  . MET A 1 33  ? -4.478  -17.940 3.811   1.00 43.39 ? 33   MET A CB  1 
ATOM   223  C  CG  . MET A 1 33  ? -5.773  -18.523 4.395   1.00 43.55 ? 33   MET A CG  1 
ATOM   224  S  SD  . MET A 1 33  ? -6.950  -19.087 3.150   1.00 43.68 ? 33   MET A SD  1 
ATOM   225  C  CE  . MET A 1 33  ? -7.977  -20.180 4.116   1.00 43.51 ? 33   MET A CE  1 
ATOM   226  N  N   . PHE A 1 34  ? -1.342  -16.341 4.913   1.00 44.79 ? 34   PHE A N   1 
ATOM   227  C  CA  . PHE A 1 34  ? 0.021   -16.136 4.458   1.00 45.96 ? 34   PHE A CA  1 
ATOM   228  C  C   . PHE A 1 34  ? 0.981   -17.131 5.071   1.00 46.74 ? 34   PHE A C   1 
ATOM   229  O  O   . PHE A 1 34  ? 1.175   -17.110 6.286   1.00 47.31 ? 34   PHE A O   1 
ATOM   230  C  CB  . PHE A 1 34  ? 0.502   -14.730 4.791   1.00 45.76 ? 34   PHE A CB  1 
ATOM   231  C  CG  . PHE A 1 34  ? 1.707   -14.319 4.010   1.00 45.08 ? 34   PHE A CG  1 
ATOM   232  C  CD1 . PHE A 1 34  ? 1.582   -13.906 2.685   1.00 43.86 ? 34   PHE A CD1 1 
ATOM   233  C  CD2 . PHE A 1 34  ? 2.966   -14.356 4.585   1.00 45.00 ? 34   PHE A CD2 1 
ATOM   234  C  CE1 . PHE A 1 34  ? 2.688   -13.528 1.952   1.00 43.36 ? 34   PHE A CE1 1 
ATOM   235  C  CE2 . PHE A 1 34  ? 4.091   -13.973 3.845   1.00 45.06 ? 34   PHE A CE2 1 
ATOM   236  C  CZ  . PHE A 1 34  ? 3.948   -13.560 2.528   1.00 43.73 ? 34   PHE A CZ  1 
ATOM   237  N  N   . THR A 1 35  ? 1.584   -17.983 4.239   1.00 47.43 ? 35   THR A N   1 
ATOM   238  C  CA  . THR A 1 35  ? 2.574   -18.964 4.713   1.00 48.23 ? 35   THR A CA  1 
ATOM   239  C  C   . THR A 1 35  ? 3.945   -18.638 4.170   1.00 48.73 ? 35   THR A C   1 
ATOM   240  O  O   . THR A 1 35  ? 4.057   -17.978 3.140   1.00 49.08 ? 35   THR A O   1 
ATOM   241  C  CB  . THR A 1 35  ? 2.238   -20.410 4.285   1.00 48.27 ? 35   THR A CB  1 
ATOM   242  O  OG1 . THR A 1 35  ? 2.253   -20.520 2.852   1.00 48.23 ? 35   THR A OG1 1 
ATOM   243  C  CG2 . THR A 1 35  ? 0.885   -20.819 4.815   1.00 48.53 ? 35   THR A CG2 1 
ATOM   244  N  N   . ALA A 1 36  ? 4.986   -19.119 4.848   1.00 49.22 ? 36   ALA A N   1 
ATOM   245  C  CA  . ALA A 1 36  ? 6.366   -18.956 4.370   1.00 49.66 ? 36   ALA A CA  1 
ATOM   246  C  C   . ALA A 1 36  ? 6.507   -19.341 2.898   1.00 50.00 ? 36   ALA A C   1 
ATOM   247  O  O   . ALA A 1 36  ? 7.374   -18.837 2.197   1.00 50.42 ? 36   ALA A O   1 
ATOM   248  C  CB  . ALA A 1 36  ? 7.320   -19.773 5.220   1.00 49.68 ? 36   ALA A CB  1 
ATOM   249  N  N   . GLU A 1 37  ? 5.629   -20.226 2.441   1.00 50.32 ? 37   GLU A N   1 
ATOM   250  C  CA  . GLU A 1 37  ? 5.600   -20.670 1.054   1.00 50.56 ? 37   GLU A CA  1 
ATOM   251  C  C   . GLU A 1 37  ? 5.128   -19.547 0.120   1.00 50.84 ? 37   GLU A C   1 
ATOM   252  O  O   . GLU A 1 37  ? 5.193   -19.671 -1.115  1.00 50.76 ? 37   GLU A O   1 
ATOM   253  C  CB  . GLU A 1 37  ? 4.705   -21.910 0.932   1.00 50.67 ? 37   GLU A CB  1 
ATOM   254  C  CG  . GLU A 1 37  ? 4.905   -22.964 2.042   1.00 50.35 ? 37   GLU A CG  1 
ATOM   255  C  CD  . GLU A 1 37  ? 6.264   -23.649 1.987   1.00 49.90 ? 37   GLU A CD  1 
ATOM   256  O  OE1 . GLU A 1 37  ? 6.758   -23.917 0.869   1.00 50.41 ? 37   GLU A OE1 1 
ATOM   257  O  OE2 . GLU A 1 37  ? 6.833   -23.928 3.061   1.00 49.00 ? 37   GLU A OE2 1 
ATOM   258  N  N   . ASP A 1 38  ? 4.643   -18.463 0.727   1.00 51.12 ? 38   ASP A N   1 
ATOM   259  C  CA  . ASP A 1 38  ? 4.334   -17.230 0.023   1.00 51.39 ? 38   ASP A CA  1 
ATOM   260  C  C   . ASP A 1 38  ? 5.592   -16.381 -0.009  1.00 52.17 ? 38   ASP A C   1 
ATOM   261  O  O   . ASP A 1 38  ? 5.927   -15.807 -1.048  1.00 52.43 ? 38   ASP A O   1 
ATOM   262  C  CB  . ASP A 1 38  ? 3.213   -16.469 0.724   1.00 50.93 ? 38   ASP A CB  1 
ATOM   263  C  CG  . ASP A 1 38  ? 1.902   -17.214 0.709   1.00 50.32 ? 38   ASP A CG  1 
ATOM   264  O  OD1 . ASP A 1 38  ? 1.489   -17.635 -0.388  1.00 50.36 ? 38   ASP A OD1 1 
ATOM   265  O  OD2 . ASP A 1 38  ? 1.276   -17.371 1.778   1.00 47.63 ? 38   ASP A OD2 1 
ATOM   266  N  N   . GLU A 1 39  ? 6.308   -16.327 1.115   1.00 52.75 ? 39   GLU A N   1 
ATOM   267  C  CA  . GLU A 1 39  ? 7.518   -15.509 1.222   1.00 53.74 ? 39   GLU A CA  1 
ATOM   268  C  C   . GLU A 1 39  ? 8.457   -15.611 0.018   1.00 54.17 ? 39   GLU A C   1 
ATOM   269  O  O   . GLU A 1 39  ? 9.124   -14.652 -0.351  1.00 54.26 ? 39   GLU A O   1 
ATOM   270  C  CB  . GLU A 1 39  ? 8.264   -15.796 2.530   1.00 53.69 ? 39   GLU A CB  1 
ATOM   271  C  CG  . GLU A 1 39  ? 7.969   -14.786 3.647   1.00 55.84 ? 39   GLU A CG  1 
ATOM   272  C  CD  . GLU A 1 39  ? 8.160   -15.350 5.071   1.00 58.82 ? 39   GLU A CD  1 
ATOM   273  O  OE1 . GLU A 1 39  ? 9.216   -15.971 5.340   1.00 60.16 ? 39   GLU A OE1 1 
ATOM   274  O  OE2 . GLU A 1 39  ? 7.251   -15.171 5.928   1.00 58.82 ? 39   GLU A OE2 1 
ATOM   275  N  N   . GLU A 1 40  ? 8.495   -16.772 -0.615  1.00 55.18 ? 40   GLU A N   1 
ATOM   276  C  CA  . GLU A 1 40  ? 9.383   -16.981 -1.750  1.00 56.22 ? 40   GLU A CA  1 
ATOM   277  C  C   . GLU A 1 40  ? 8.855   -16.245 -2.955  1.00 56.54 ? 40   GLU A C   1 
ATOM   278  O  O   . GLU A 1 40  ? 9.577   -15.478 -3.591  1.00 56.42 ? 40   GLU A O   1 
ATOM   279  C  CB  . GLU A 1 40  ? 9.497   -18.474 -2.057  1.00 56.49 ? 40   GLU A CB  1 
ATOM   280  C  CG  . GLU A 1 40  ? 10.414  -18.842 -3.219  1.00 57.88 ? 40   GLU A CG  1 
ATOM   281  C  CD  . GLU A 1 40  ? 10.076  -20.213 -3.795  1.00 60.17 ? 40   GLU A CD  1 
ATOM   282  O  OE1 . GLU A 1 40  ? 9.227   -20.926 -3.200  1.00 60.09 ? 40   GLU A OE1 1 
ATOM   283  O  OE2 . GLU A 1 40  ? 10.655  -20.575 -4.848  1.00 61.79 ? 40   GLU A OE2 1 
ATOM   284  N  N   . TYR A 1 41  ? 7.581   -16.475 -3.254  1.00 57.25 ? 41   TYR A N   1 
ATOM   285  C  CA  . TYR A 1 41  ? 6.986   -15.977 -4.480  1.00 58.18 ? 41   TYR A CA  1 
ATOM   286  C  C   . TYR A 1 41  ? 6.714   -14.479 -4.483  1.00 58.53 ? 41   TYR A C   1 
ATOM   287  O  O   . TYR A 1 41  ? 6.510   -13.900 -5.553  1.00 58.69 ? 41   TYR A O   1 
ATOM   288  C  CB  . TYR A 1 41  ? 5.719   -16.749 -4.806  1.00 58.31 ? 41   TYR A CB  1 
ATOM   289  C  CG  . TYR A 1 41  ? 5.965   -18.077 -5.488  1.00 59.92 ? 41   TYR A CG  1 
ATOM   290  C  CD1 . TYR A 1 41  ? 6.139   -18.149 -6.876  1.00 60.90 ? 41   TYR A CD1 1 
ATOM   291  C  CD2 . TYR A 1 41  ? 6.011   -19.267 -4.753  1.00 61.32 ? 41   TYR A CD2 1 
ATOM   292  C  CE1 . TYR A 1 41  ? 6.351   -19.371 -7.518  1.00 62.37 ? 41   TYR A CE1 1 
ATOM   293  C  CE2 . TYR A 1 41  ? 6.221   -20.502 -5.384  1.00 62.52 ? 41   TYR A CE2 1 
ATOM   294  C  CZ  . TYR A 1 41  ? 6.392   -20.550 -6.771  1.00 63.23 ? 41   TYR A CZ  1 
ATOM   295  O  OH  . TYR A 1 41  ? 6.603   -21.768 -7.409  1.00 63.40 ? 41   TYR A OH  1 
ATOM   296  N  N   . ILE A 1 42  ? 6.703   -13.861 -3.296  1.00 58.99 ? 42   ILE A N   1 
ATOM   297  C  CA  . ILE A 1 42  ? 6.557   -12.411 -3.178  1.00 59.15 ? 42   ILE A CA  1 
ATOM   298  C  C   . ILE A 1 42  ? 7.855   -11.788 -3.676  1.00 60.00 ? 42   ILE A C   1 
ATOM   299  O  O   . ILE A 1 42  ? 7.848   -10.993 -4.613  1.00 60.11 ? 42   ILE A O   1 
ATOM   300  C  CB  . ILE A 1 42  ? 6.151   -11.947 -1.732  1.00 58.72 ? 42   ILE A CB  1 
ATOM   301  C  CG1 . ILE A 1 42  ? 5.613   -10.514 -1.742  1.00 58.60 ? 42   ILE A CG1 1 
ATOM   302  C  CG2 . ILE A 1 42  ? 7.296   -12.035 -0.755  1.00 58.19 ? 42   ILE A CG2 1 
ATOM   303  C  CD1 . ILE A 1 42  ? 4.128   -10.386 -2.036  1.00 57.82 ? 42   ILE A CD1 1 
ATOM   304  N  N   . GLN A 1 43  ? 8.971   -12.209 -3.079  1.00 61.05 ? 43   GLN A N   1 
ATOM   305  C  CA  . GLN A 1 43  ? 10.314  -11.756 -3.479  1.00 61.80 ? 43   GLN A CA  1 
ATOM   306  C  C   . GLN A 1 43  ? 10.553  -11.982 -4.971  1.00 61.96 ? 43   GLN A C   1 
ATOM   307  O  O   . GLN A 1 43  ? 11.059  -11.092 -5.655  1.00 61.89 ? 43   GLN A O   1 
ATOM   308  C  CB  . GLN A 1 43  ? 11.409  -12.405 -2.606  1.00 61.92 ? 43   GLN A CB  1 
ATOM   309  C  CG  . GLN A 1 43  ? 11.355  -11.974 -1.119  1.00 62.47 ? 43   GLN A CG  1 
ATOM   310  C  CD  . GLN A 1 43  ? 12.357  -12.700 -0.222  1.00 63.12 ? 43   GLN A CD  1 
ATOM   311  O  OE1 . GLN A 1 43  ? 12.855  -13.783 -0.559  1.00 62.70 ? 43   GLN A OE1 1 
ATOM   312  N  NE2 . GLN A 1 43  ? 12.645  -12.104 0.939   1.00 63.04 ? 43   GLN A NE2 1 
ATOM   313  N  N   . LYS A 1 44  ? 10.160  -13.158 -5.465  1.00 62.44 ? 44   LYS A N   1 
ATOM   314  C  CA  . LYS A 1 44  ? 10.130  -13.418 -6.901  1.00 62.95 ? 44   LYS A CA  1 
ATOM   315  C  C   . LYS A 1 44  ? 9.305   -12.347 -7.575  1.00 62.90 ? 44   LYS A C   1 
ATOM   316  O  O   . LYS A 1 44  ? 9.825   -11.552 -8.359  1.00 63.26 ? 44   LYS A O   1 
ATOM   317  C  CB  . LYS A 1 44  ? 9.547   -14.795 -7.218  1.00 63.07 ? 44   LYS A CB  1 
ATOM   318  C  CG  . LYS A 1 44  ? 10.596  -15.849 -7.468  1.00 64.49 ? 44   LYS A CG  1 
ATOM   319  C  CD  . LYS A 1 44  ? 10.050  -17.001 -8.301  1.00 66.49 ? 44   LYS A CD  1 
ATOM   320  C  CE  . LYS A 1 44  ? 11.191  -17.846 -8.863  1.00 68.21 ? 44   LYS A CE  1 
ATOM   321  N  NZ  . LYS A 1 44  ? 12.184  -18.262 -7.810  1.00 69.90 ? 44   LYS A NZ  1 
ATOM   322  N  N   . ALA A 1 45  ? 8.022   -12.305 -7.241  1.00 62.77 ? 45   ALA A N   1 
ATOM   323  C  CA  . ALA A 1 45  ? 7.142   -11.301 -7.792  1.00 62.41 ? 45   ALA A CA  1 
ATOM   324  C  C   . ALA A 1 45  ? 7.894   -9.981  -7.824  1.00 62.21 ? 45   ALA A C   1 
ATOM   325  O  O   . ALA A 1 45  ? 7.860   -9.281  -8.824  1.00 62.36 ? 45   ALA A O   1 
ATOM   326  C  CB  . ALA A 1 45  ? 5.870   -11.192 -6.970  1.00 62.43 ? 45   ALA A CB  1 
ATOM   327  N  N   . GLY A 1 46  ? 8.620   -9.676  -6.752  1.00 61.99 ? 46   GLY A N   1 
ATOM   328  C  CA  . GLY A 1 46  ? 9.321   -8.401  -6.641  1.00 61.91 ? 46   GLY A CA  1 
ATOM   329  C  C   . GLY A 1 46  ? 10.260  -8.179  -7.800  1.00 61.83 ? 46   GLY A C   1 
ATOM   330  O  O   . GLY A 1 46  ? 10.180  -7.167  -8.504  1.00 61.75 ? 46   GLY A O   1 
ATOM   331  N  N   . GLU A 1 47  ? 11.132  -9.158  -8.000  1.00 61.76 ? 47   GLU A N   1 
ATOM   332  C  CA  . GLU A 1 47  ? 12.153  -9.098  -9.020  1.00 61.73 ? 47   GLU A CA  1 
ATOM   333  C  C   . GLU A 1 47  ? 11.546  -9.176  -10.410 1.00 61.87 ? 47   GLU A C   1 
ATOM   334  O  O   . GLU A 1 47  ? 12.203  -8.856  -11.402 1.00 62.21 ? 47   GLU A O   1 
ATOM   335  C  CB  . GLU A 1 47  ? 13.175  -10.209 -8.801  1.00 61.73 ? 47   GLU A CB  1 
ATOM   336  C  CG  . GLU A 1 47  ? 12.684  -11.600 -9.149  1.00 61.63 ? 47   GLU A CG  1 
ATOM   337  C  CD  . GLU A 1 47  ? 13.613  -12.686 -8.659  1.00 61.71 ? 47   GLU A CD  1 
ATOM   338  O  OE1 . GLU A 1 47  ? 14.832  -12.442 -8.547  1.00 61.66 ? 47   GLU A OE1 1 
ATOM   339  O  OE2 . GLU A 1 47  ? 13.117  -13.796 -8.386  1.00 62.75 ? 47   GLU A OE2 1 
ATOM   340  N  N   . VAL A 1 48  ? 10.293  -9.601  -10.480 1.00 61.94 ? 48   VAL A N   1 
ATOM   341  C  CA  . VAL A 1 48  ? 9.551   -9.543  -11.727 1.00 62.31 ? 48   VAL A CA  1 
ATOM   342  C  C   . VAL A 1 48  ? 9.199   -8.091  -12.037 1.00 62.87 ? 48   VAL A C   1 
ATOM   343  O  O   . VAL A 1 48  ? 9.228   -7.653  -13.191 1.00 63.00 ? 48   VAL A O   1 
ATOM   344  C  CB  . VAL A 1 48  ? 8.261   -10.381 -11.657 1.00 62.13 ? 48   VAL A CB  1 
ATOM   345  C  CG1 . VAL A 1 48  ? 7.380   -10.136 -12.881 1.00 61.73 ? 48   VAL A CG1 1 
ATOM   346  C  CG2 . VAL A 1 48  ? 8.596   -11.851 -11.518 1.00 61.87 ? 48   VAL A CG2 1 
ATOM   347  N  N   . LEU A 1 49  ? 8.905   -7.338  -10.988 1.00 63.46 ? 49   LEU A N   1 
ATOM   348  C  CA  . LEU A 1 49  ? 8.266   -6.046  -11.150 1.00 64.07 ? 49   LEU A CA  1 
ATOM   349  C  C   . LEU A 1 49  ? 9.233   -4.862  -11.190 1.00 64.44 ? 49   LEU A C   1 
ATOM   350  O  O   . LEU A 1 49  ? 8.925   -3.838  -11.810 1.00 64.28 ? 49   LEU A O   1 
ATOM   351  C  CB  . LEU A 1 49  ? 7.189   -5.857  -10.064 1.00 64.23 ? 49   LEU A CB  1 
ATOM   352  C  CG  . LEU A 1 49  ? 6.020   -6.866  -10.017 1.00 64.38 ? 49   LEU A CG  1 
ATOM   353  C  CD1 . LEU A 1 49  ? 5.259   -6.829  -8.684  1.00 64.08 ? 49   LEU A CD1 1 
ATOM   354  C  CD2 . LEU A 1 49  ? 5.056   -6.718  -11.207 1.00 64.12 ? 49   LEU A CD2 1 
ATOM   355  N  N   . GLU A 1 50  ? 10.393  -5.013  -10.548 1.00 65.06 ? 50   GLU A N   1 
ATOM   356  C  CA  . GLU A 1 50  ? 11.342  -3.904  -10.335 1.00 65.75 ? 50   GLU A CA  1 
ATOM   357  C  C   . GLU A 1 50  ? 11.619  -3.075  -11.573 1.00 65.81 ? 50   GLU A C   1 
ATOM   358  O  O   . GLU A 1 50  ? 11.479  -1.857  -11.572 1.00 65.57 ? 50   GLU A O   1 
ATOM   359  C  CB  . GLU A 1 50  ? 12.672  -4.423  -9.793  1.00 65.85 ? 50   GLU A CB  1 
ATOM   360  C  CG  . GLU A 1 50  ? 13.718  -3.330  -9.625  1.00 66.92 ? 50   GLU A CG  1 
ATOM   361  C  CD  . GLU A 1 50  ? 14.933  -3.800  -8.846  1.00 69.45 ? 50   GLU A CD  1 
ATOM   362  O  OE1 . GLU A 1 50  ? 15.204  -5.027  -8.850  1.00 69.98 ? 50   GLU A OE1 1 
ATOM   363  O  OE2 . GLU A 1 50  ? 15.615  -2.943  -8.225  1.00 70.42 ? 50   GLU A OE2 1 
ATOM   364  N  N   . ASP A 1 51  ? 12.036  -3.768  -12.620 1.00 66.36 ? 51   ASP A N   1 
ATOM   365  C  CA  . ASP A 1 51  ? 12.379  -3.158  -13.887 1.00 66.88 ? 51   ASP A CA  1 
ATOM   366  C  C   . ASP A 1 51  ? 11.150  -2.451  -14.427 1.00 66.68 ? 51   ASP A C   1 
ATOM   367  O  O   . ASP A 1 51  ? 11.215  -1.280  -14.786 1.00 66.76 ? 51   ASP A O   1 
ATOM   368  C  CB  . ASP A 1 51  ? 12.862  -4.245  -14.856 1.00 67.26 ? 51   ASP A CB  1 
ATOM   369  C  CG  . ASP A 1 51  ? 13.689  -5.336  -14.149 1.00 69.05 ? 51   ASP A CG  1 
ATOM   370  O  OD1 . ASP A 1 51  ? 14.911  -5.111  -13.923 1.00 69.88 ? 51   ASP A OD1 1 
ATOM   371  O  OD2 . ASP A 1 51  ? 13.108  -6.409  -13.811 1.00 70.16 ? 51   ASP A OD2 1 
ATOM   372  N  N   . GLN A 1 52  ? 10.030  -3.173  -14.423 1.00 66.72 ? 52   GLN A N   1 
ATOM   373  C  CA  . GLN A 1 52  ? 8.742   -2.728  -14.965 1.00 66.42 ? 52   GLN A CA  1 
ATOM   374  C  C   . GLN A 1 52  ? 8.015   -1.673  -14.146 1.00 66.43 ? 52   GLN A C   1 
ATOM   375  O  O   . GLN A 1 52  ? 7.125   -0.996  -14.674 1.00 66.50 ? 52   GLN A O   1 
ATOM   376  C  CB  . GLN A 1 52  ? 7.813   -3.923  -15.106 1.00 66.36 ? 52   GLN A CB  1 
ATOM   377  C  CG  . GLN A 1 52  ? 7.882   -4.609  -16.441 1.00 65.81 ? 52   GLN A CG  1 
ATOM   378  C  CD  . GLN A 1 52  ? 6.617   -5.380  -16.729 1.00 64.79 ? 52   GLN A CD  1 
ATOM   379  O  OE1 . GLN A 1 52  ? 6.272   -6.324  -16.014 1.00 63.21 ? 52   GLN A OE1 1 
ATOM   380  N  NE2 . GLN A 1 52  ? 5.904   -4.971  -17.773 1.00 64.36 ? 52   GLN A NE2 1 
ATOM   381  N  N   . VAL A 1 53  ? 8.384   -1.552  -12.867 1.00 66.28 ? 53   VAL A N   1 
ATOM   382  C  CA  . VAL A 1 53  ? 7.800   -0.566  -11.938 1.00 66.14 ? 53   VAL A CA  1 
ATOM   383  C  C   . VAL A 1 53  ? 7.262   0.702   -12.621 1.00 66.16 ? 53   VAL A C   1 
ATOM   384  O  O   . VAL A 1 53  ? 6.103   1.069   -12.426 1.00 66.20 ? 53   VAL A O   1 
ATOM   385  C  CB  . VAL A 1 53  ? 8.787   -0.207  -10.771 1.00 66.12 ? 53   VAL A CB  1 
ATOM   386  C  CG1 . VAL A 1 53  ? 8.529   1.192   -10.192 1.00 65.76 ? 53   VAL A CG1 1 
ATOM   387  C  CG2 . VAL A 1 53  ? 8.719   -1.254  -9.675  1.00 65.80 ? 53   VAL A CG2 1 
ATOM   388  N  N   . GLU A 1 54  ? 8.081   1.351   -13.438 1.00 66.07 ? 54   GLU A N   1 
ATOM   389  C  CA  . GLU A 1 54  ? 7.682   2.634   -13.973 1.00 66.25 ? 54   GLU A CA  1 
ATOM   390  C  C   . GLU A 1 54  ? 6.316   2.647   -14.657 1.00 66.39 ? 54   GLU A C   1 
ATOM   391  O  O   . GLU A 1 54  ? 5.457   3.473   -14.334 1.00 66.34 ? 54   GLU A O   1 
ATOM   392  C  CB  . GLU A 1 54  ? 8.774   3.229   -14.850 1.00 66.26 ? 54   GLU A CB  1 
ATOM   393  C  CG  . GLU A 1 54  ? 9.642   4.229   -14.075 1.00 66.71 ? 54   GLU A CG  1 
ATOM   394  C  CD  . GLU A 1 54  ? 8.821   5.191   -13.192 1.00 66.23 ? 54   GLU A CD  1 
ATOM   395  O  OE1 . GLU A 1 54  ? 7.805   5.752   -13.664 1.00 65.86 ? 54   GLU A OE1 1 
ATOM   396  O  OE2 . GLU A 1 54  ? 9.200   5.384   -12.018 1.00 66.03 ? 54   GLU A OE2 1 
ATOM   397  N  N   . GLU A 1 55  ? 6.109   1.708   -15.573 1.00 66.54 ? 55   GLU A N   1 
ATOM   398  C  CA  . GLU A 1 55  ? 4.846   1.608   -16.306 1.00 66.61 ? 55   GLU A CA  1 
ATOM   399  C  C   . GLU A 1 55  ? 3.657   1.407   -15.361 1.00 66.33 ? 55   GLU A C   1 
ATOM   400  O  O   . GLU A 1 55  ? 2.552   1.883   -15.639 1.00 66.21 ? 55   GLU A O   1 
ATOM   401  C  CB  . GLU A 1 55  ? 4.926   0.470   -17.327 1.00 66.81 ? 55   GLU A CB  1 
ATOM   402  C  CG  . GLU A 1 55  ? 6.183   0.522   -18.206 1.00 68.14 ? 55   GLU A CG  1 
ATOM   403  C  CD  . GLU A 1 55  ? 6.916   -0.815  -18.275 1.00 70.04 ? 55   GLU A CD  1 
ATOM   404  O  OE1 . GLU A 1 55  ? 6.327   -1.846  -17.868 1.00 70.88 ? 55   GLU A OE1 1 
ATOM   405  O  OE2 . GLU A 1 55  ? 8.083   -0.834  -18.732 1.00 69.86 ? 55   GLU A OE2 1 
ATOM   406  N  N   . ILE A 1 56  ? 3.910   0.715   -14.245 1.00 66.16 ? 56   ILE A N   1 
ATOM   407  C  CA  . ILE A 1 56  ? 2.886   0.339   -13.251 1.00 65.95 ? 56   ILE A CA  1 
ATOM   408  C  C   . ILE A 1 56  ? 2.204   1.538   -12.622 1.00 65.76 ? 56   ILE A C   1 
ATOM   409  O  O   . ILE A 1 56  ? 0.988   1.534   -12.428 1.00 65.62 ? 56   ILE A O   1 
ATOM   410  C  CB  . ILE A 1 56  ? 3.480   -0.567  -12.133 1.00 66.03 ? 56   ILE A CB  1 
ATOM   411  C  CG1 . ILE A 1 56  ? 3.137   -2.029  -12.396 1.00 65.88 ? 56   ILE A CG1 1 
ATOM   412  C  CG2 . ILE A 1 56  ? 2.987   -0.159  -10.732 1.00 66.02 ? 56   ILE A CG2 1 
ATOM   413  C  CD1 . ILE A 1 56  ? 4.085   -2.995  -11.721 1.00 66.55 ? 56   ILE A CD1 1 
ATOM   414  N  N   . LEU A 1 57  ? 2.996   2.556   -12.299 1.00 65.57 ? 57   LEU A N   1 
ATOM   415  C  CA  . LEU A 1 57  ? 2.459   3.767   -11.706 1.00 65.40 ? 57   LEU A CA  1 
ATOM   416  C  C   . LEU A 1 57  ? 1.539   4.497   -12.688 1.00 65.31 ? 57   LEU A C   1 
ATOM   417  O  O   . LEU A 1 57  ? 0.578   5.135   -12.268 1.00 65.20 ? 57   LEU A O   1 
ATOM   418  C  CB  . LEU A 1 57  ? 3.582   4.682   -11.193 1.00 65.30 ? 57   LEU A CB  1 
ATOM   419  C  CG  . LEU A 1 57  ? 4.505   4.229   -10.045 1.00 64.90 ? 57   LEU A CG  1 
ATOM   420  C  CD1 . LEU A 1 57  ? 3.790   3.373   -9.004  1.00 64.32 ? 57   LEU A CD1 1 
ATOM   421  C  CD2 . LEU A 1 57  ? 5.734   3.505   -10.554 1.00 64.40 ? 57   LEU A CD2 1 
ATOM   422  N  N   . ASP A 1 58  ? 1.826   4.363   -13.988 1.00 65.23 ? 58   ASP A N   1 
ATOM   423  C  CA  . ASP A 1 58  ? 1.047   5.009   -15.057 1.00 65.09 ? 58   ASP A CA  1 
ATOM   424  C  C   . ASP A 1 58  ? -0.319  4.367   -15.235 1.00 64.57 ? 58   ASP A C   1 
ATOM   425  O  O   . ASP A 1 58  ? -1.341  5.050   -15.225 1.00 64.49 ? 58   ASP A O   1 
ATOM   426  C  CB  . ASP A 1 58  ? 1.804   4.977   -16.393 1.00 65.46 ? 58   ASP A CB  1 
ATOM   427  C  CG  . ASP A 1 58  ? 2.976   5.953   -16.439 1.00 66.15 ? 58   ASP A CG  1 
ATOM   428  O  OD1 . ASP A 1 58  ? 2.985   6.942   -15.671 1.00 66.73 ? 58   ASP A OD1 1 
ATOM   429  O  OD2 . ASP A 1 58  ? 3.888   5.734   -17.266 1.00 66.96 ? 58   ASP A OD2 1 
ATOM   430  N  N   . THR A 1 59  ? -0.313  3.052   -15.420 1.00 64.01 ? 59   THR A N   1 
ATOM   431  C  CA  . THR A 1 59  ? -1.528  2.244   -15.487 1.00 63.51 ? 59   THR A CA  1 
ATOM   432  C  C   . THR A 1 59  ? -2.484  2.594   -14.352 1.00 62.99 ? 59   THR A C   1 
ATOM   433  O  O   . THR A 1 59  ? -3.650  2.913   -14.581 1.00 62.78 ? 59   THR A O   1 
ATOM   434  C  CB  . THR A 1 59  ? -1.150  0.761   -15.390 1.00 63.57 ? 59   THR A CB  1 
ATOM   435  O  OG1 . THR A 1 59  ? -0.333  0.418   -16.518 1.00 63.72 ? 59   THR A OG1 1 
ATOM   436  C  CG2 . THR A 1 59  ? -2.392  -0.135  -15.327 1.00 63.40 ? 59   THR A CG2 1 
ATOM   437  N  N   . TRP A 1 60  ? -1.940  2.538   -13.138 1.00 62.65 ? 60   TRP A N   1 
ATOM   438  C  CA  . TRP A 1 60  ? -2.635  2.806   -11.877 1.00 62.26 ? 60   TRP A CA  1 
ATOM   439  C  C   . TRP A 1 60  ? -3.088  4.257   -11.748 1.00 62.13 ? 60   TRP A C   1 
ATOM   440  O  O   . TRP A 1 60  ? -4.193  4.529   -11.275 1.00 61.85 ? 60   TRP A O   1 
ATOM   441  C  CB  . TRP A 1 60  ? -1.709  2.411   -10.717 1.00 62.05 ? 60   TRP A CB  1 
ATOM   442  C  CG  . TRP A 1 60  ? -2.132  2.812   -9.347  1.00 60.95 ? 60   TRP A CG  1 
ATOM   443  C  CD1 . TRP A 1 60  ? -1.381  3.494   -8.444  1.00 60.77 ? 60   TRP A CD1 1 
ATOM   444  C  CD2 . TRP A 1 60  ? -3.385  2.530   -8.696  1.00 60.26 ? 60   TRP A CD2 1 
ATOM   445  N  NE1 . TRP A 1 60  ? -2.083  3.663   -7.274  1.00 60.78 ? 60   TRP A NE1 1 
ATOM   446  C  CE2 . TRP A 1 60  ? -3.318  3.085   -7.404  1.00 59.87 ? 60   TRP A CE2 1 
ATOM   447  C  CE3 . TRP A 1 60  ? -4.558  1.874   -9.083  1.00 59.24 ? 60   TRP A CE3 1 
ATOM   448  C  CZ2 . TRP A 1 60  ? -4.375  3.006   -6.502  1.00 58.12 ? 60   TRP A CZ2 1 
ATOM   449  C  CZ3 . TRP A 1 60  ? -5.612  1.808   -8.175  1.00 57.93 ? 60   TRP A CZ3 1 
ATOM   450  C  CH2 . TRP A 1 60  ? -5.506  2.363   -6.908  1.00 56.89 ? 60   TRP A CH2 1 
ATOM   451  N  N   . TYR A 1 61  ? -2.235  5.180   -12.183 1.00 62.06 ? 61   TYR A N   1 
ATOM   452  C  CA  . TYR A 1 61  ? -2.588  6.597   -12.200 1.00 62.01 ? 61   TYR A CA  1 
ATOM   453  C  C   . TYR A 1 61  ? -3.568  6.905   -13.317 1.00 61.12 ? 61   TYR A C   1 
ATOM   454  O  O   . TYR A 1 61  ? -4.330  7.866   -13.232 1.00 61.06 ? 61   TYR A O   1 
ATOM   455  C  CB  . TYR A 1 61  ? -1.337  7.477   -12.272 1.00 62.63 ? 61   TYR A CB  1 
ATOM   456  C  CG  . TYR A 1 61  ? -0.738  7.746   -10.907 1.00 64.87 ? 61   TYR A CG  1 
ATOM   457  C  CD1 . TYR A 1 61  ? -0.635  6.720   -9.959  1.00 67.00 ? 61   TYR A CD1 1 
ATOM   458  C  CD2 . TYR A 1 61  ? -0.280  9.022   -10.557 1.00 67.33 ? 61   TYR A CD2 1 
ATOM   459  C  CE1 . TYR A 1 61  ? -0.104  6.947   -8.699  1.00 69.14 ? 61   TYR A CE1 1 
ATOM   460  C  CE2 . TYR A 1 61  ? 0.263   9.267   -9.291  1.00 69.32 ? 61   TYR A CE2 1 
ATOM   461  C  CZ  . TYR A 1 61  ? 0.343   8.218   -8.366  1.00 70.38 ? 61   TYR A CZ  1 
ATOM   462  O  OH  . TYR A 1 61  ? 0.866   8.424   -7.105  1.00 72.14 ? 61   TYR A OH  1 
ATOM   463  N  N   . GLY A 1 62  ? -3.555  6.063   -14.348 1.00 60.27 ? 62   GLY A N   1 
ATOM   464  C  CA  . GLY A 1 62  ? -4.544  6.117   -15.415 1.00 59.37 ? 62   GLY A CA  1 
ATOM   465  C  C   . GLY A 1 62  ? -5.917  5.851   -14.850 1.00 58.72 ? 62   GLY A C   1 
ATOM   466  O  O   . GLY A 1 62  ? -6.907  6.406   -15.309 1.00 58.84 ? 62   GLY A O   1 
ATOM   467  N  N   . PHE A 1 63  ? -5.971  5.013   -13.823 1.00 58.16 ? 63   PHE A N   1 
ATOM   468  C  CA  . PHE A 1 63  ? -7.235  4.653   -13.205 1.00 57.24 ? 63   PHE A CA  1 
ATOM   469  C  C   . PHE A 1 63  ? -7.787  5.747   -12.284 1.00 57.11 ? 63   PHE A C   1 
ATOM   470  O  O   . PHE A 1 63  ? -8.820  6.336   -12.594 1.00 57.01 ? 63   PHE A O   1 
ATOM   471  C  CB  . PHE A 1 63  ? -7.110  3.319   -12.481 1.00 56.87 ? 63   PHE A CB  1 
ATOM   472  C  CG  . PHE A 1 63  ? -8.292  2.984   -11.660 1.00 55.72 ? 63   PHE A CG  1 
ATOM   473  C  CD1 . PHE A 1 63  ? -9.540  2.870   -12.246 1.00 54.86 ? 63   PHE A CD1 1 
ATOM   474  C  CD2 . PHE A 1 63  ? -8.163  2.804   -10.294 1.00 54.93 ? 63   PHE A CD2 1 
ATOM   475  C  CE1 . PHE A 1 63  ? -10.632 2.567   -11.491 1.00 55.29 ? 63   PHE A CE1 1 
ATOM   476  C  CE2 . PHE A 1 63  ? -9.246  2.500   -9.523  1.00 54.73 ? 63   PHE A CE2 1 
ATOM   477  C  CZ  . PHE A 1 63  ? -10.489 2.378   -10.118 1.00 55.59 ? 63   PHE A CZ  1 
ATOM   478  N  N   . VAL A 1 64  ? -7.101  6.019   -11.171 1.00 56.78 ? 64   VAL A N   1 
ATOM   479  C  CA  . VAL A 1 64  ? -7.511  7.065   -10.218 1.00 56.63 ? 64   VAL A CA  1 
ATOM   480  C  C   . VAL A 1 64  ? -7.894  8.333   -10.962 1.00 56.68 ? 64   VAL A C   1 
ATOM   481  O  O   . VAL A 1 64  ? -8.853  9.019   -10.590 1.00 56.61 ? 64   VAL A O   1 
ATOM   482  C  CB  . VAL A 1 64  ? -6.393  7.379   -9.179  1.00 56.60 ? 64   VAL A CB  1 
ATOM   483  C  CG1 . VAL A 1 64  ? -6.746  8.587   -8.292  1.00 56.27 ? 64   VAL A CG1 1 
ATOM   484  C  CG2 . VAL A 1 64  ? -6.128  6.166   -8.314  1.00 57.06 ? 64   VAL A CG2 1 
ATOM   485  N  N   . GLY A 1 65  ? -7.142  8.616   -12.026 1.00 56.76 ? 65   GLY A N   1 
ATOM   486  C  CA  . GLY A 1 65  ? -7.339  9.798   -12.858 1.00 56.78 ? 65   GLY A CA  1 
ATOM   487  C  C   . GLY A 1 65  ? -8.617  9.798   -13.673 1.00 56.82 ? 65   GLY A C   1 
ATOM   488  O  O   . GLY A 1 65  ? -9.127  10.861  -14.030 1.00 57.09 ? 65   GLY A O   1 
ATOM   489  N  N   . SER A 1 66  ? -9.140  8.615   -13.976 1.00 56.66 ? 66   SER A N   1 
ATOM   490  C  CA  . SER A 1 66  ? -10.378 8.535   -14.732 1.00 56.72 ? 66   SER A CA  1 
ATOM   491  C  C   . SER A 1 66  ? -11.602 8.775   -13.846 1.00 56.66 ? 66   SER A C   1 
ATOM   492  O  O   . SER A 1 66  ? -12.671 9.122   -14.357 1.00 57.05 ? 66   SER A O   1 
ATOM   493  C  CB  . SER A 1 66  ? -10.493 7.196   -15.446 1.00 56.76 ? 66   SER A CB  1 
ATOM   494  O  OG  . SER A 1 66  ? -10.600 6.138   -14.513 1.00 57.82 ? 66   SER A OG  1 
ATOM   495  N  N   . HIS A 1 67  ? -11.450 8.592   -12.530 1.00 56.30 ? 67   HIS A N   1 
ATOM   496  C  CA  . HIS A 1 67  ? -12.558 8.794   -11.581 1.00 55.78 ? 67   HIS A CA  1 
ATOM   497  C  C   . HIS A 1 67  ? -12.343 10.026  -10.708 1.00 55.31 ? 67   HIS A C   1 
ATOM   498  O  O   . HIS A 1 67  ? -11.358 10.092  -9.966  1.00 55.12 ? 67   HIS A O   1 
ATOM   499  C  CB  . HIS A 1 67  ? -12.749 7.583   -10.663 1.00 55.89 ? 67   HIS A CB  1 
ATOM   500  C  CG  . HIS A 1 67  ? -13.307 6.370   -11.336 1.00 55.94 ? 67   HIS A CG  1 
ATOM   501  N  ND1 . HIS A 1 67  ? -12.522 5.476   -12.032 1.00 56.49 ? 67   HIS A ND1 1 
ATOM   502  C  CD2 . HIS A 1 67  ? -14.567 5.878   -11.383 1.00 56.27 ? 67   HIS A CD2 1 
ATOM   503  C  CE1 . HIS A 1 67  ? -13.276 4.493   -12.493 1.00 57.01 ? 67   HIS A CE1 1 
ATOM   504  N  NE2 . HIS A 1 67  ? -14.522 4.714   -12.113 1.00 57.31 ? 67   HIS A NE2 1 
ATOM   505  N  N   . PRO A 1 68  ? -13.275 10.995  -10.787 1.00 55.07 ? 68   PRO A N   1 
ATOM   506  C  CA  . PRO A 1 68  ? -13.249 12.229  -9.976  1.00 54.86 ? 68   PRO A CA  1 
ATOM   507  C  C   . PRO A 1 68  ? -13.417 12.000  -8.473  1.00 54.49 ? 68   PRO A C   1 
ATOM   508  O  O   . PRO A 1 68  ? -12.646 12.549  -7.697  1.00 54.56 ? 68   PRO A O   1 
ATOM   509  C  CB  . PRO A 1 68  ? -14.411 13.060  -10.535 1.00 54.78 ? 68   PRO A CB  1 
ATOM   510  C  CG  . PRO A 1 68  ? -15.280 12.057  -11.274 1.00 55.29 ? 68   PRO A CG  1 
ATOM   511  C  CD  . PRO A 1 68  ? -14.332 11.038  -11.814 1.00 55.06 ? 68   PRO A CD  1 
ATOM   512  N  N   . HIS A 1 69  ? -14.394 11.190  -8.072  1.00 54.15 ? 69   HIS A N   1 
ATOM   513  C  CA  . HIS A 1 69  ? -14.647 10.894  -6.656  1.00 53.78 ? 69   HIS A CA  1 
ATOM   514  C  C   . HIS A 1 69  ? -13.423 10.299  -5.982  1.00 53.34 ? 69   HIS A C   1 
ATOM   515  O  O   . HIS A 1 69  ? -13.334 10.260  -4.747  1.00 53.13 ? 69   HIS A O   1 
ATOM   516  C  CB  . HIS A 1 69  ? -15.837 9.942   -6.514  1.00 54.08 ? 69   HIS A CB  1 
ATOM   517  C  CG  . HIS A 1 69  ? -15.685 8.661   -7.276  1.00 54.93 ? 69   HIS A CG  1 
ATOM   518  N  ND1 . HIS A 1 69  ? -15.668 7.427   -6.660  1.00 55.78 ? 69   HIS A ND1 1 
ATOM   519  C  CD2 . HIS A 1 69  ? -15.537 8.422   -8.602  1.00 55.44 ? 69   HIS A CD2 1 
ATOM   520  C  CE1 . HIS A 1 69  ? -15.513 6.485   -7.574  1.00 56.17 ? 69   HIS A CE1 1 
ATOM   521  N  NE2 . HIS A 1 69  ? -15.435 7.063   -8.761  1.00 55.80 ? 69   HIS A NE2 1 
ATOM   522  N  N   . LEU A 1 70  ? -12.492 9.840   -6.819  1.00 52.92 ? 70   LEU A N   1 
ATOM   523  C  CA  . LEU A 1 70  ? -11.228 9.263   -6.384  1.00 52.50 ? 70   LEU A CA  1 
ATOM   524  C  C   . LEU A 1 70  ? -10.097 10.288  -6.421  1.00 52.57 ? 70   LEU A C   1 
ATOM   525  O  O   . LEU A 1 70  ? -9.398  10.481  -5.419  1.00 52.29 ? 70   LEU A O   1 
ATOM   526  C  CB  . LEU A 1 70  ? -10.869 8.040   -7.240  1.00 52.19 ? 70   LEU A CB  1 
ATOM   527  C  CG  . LEU A 1 70  ? -11.796 6.819   -7.190  1.00 51.52 ? 70   LEU A CG  1 
ATOM   528  C  CD1 . LEU A 1 70  ? -11.177 5.677   -7.969  1.00 50.99 ? 70   LEU A CD1 1 
ATOM   529  C  CD2 . LEU A 1 70  ? -12.119 6.376   -5.750  1.00 50.85 ? 70   LEU A CD2 1 
ATOM   530  N  N   . LEU A 1 71  ? -9.920  10.941  -7.574  1.00 52.69 ? 71   LEU A N   1 
ATOM   531  C  CA  . LEU A 1 71  ? -8.868  11.955  -7.733  1.00 52.68 ? 71   LEU A CA  1 
ATOM   532  C  C   . LEU A 1 71  ? -9.035  13.153  -6.794  1.00 52.84 ? 71   LEU A C   1 
ATOM   533  O  O   . LEU A 1 71  ? -8.045  13.751  -6.361  1.00 53.14 ? 71   LEU A O   1 
ATOM   534  C  CB  . LEU A 1 71  ? -8.731  12.419  -9.187  1.00 52.41 ? 71   LEU A CB  1 
ATOM   535  C  CG  . LEU A 1 71  ? -7.638  13.464  -9.469  1.00 52.01 ? 71   LEU A CG  1 
ATOM   536  C  CD1 . LEU A 1 71  ? -6.234  12.978  -9.103  1.00 51.70 ? 71   LEU A CD1 1 
ATOM   537  C  CD2 . LEU A 1 71  ? -7.677  13.894  -10.908 1.00 52.07 ? 71   LEU A CD2 1 
ATOM   538  N  N   . TYR A 1 72  ? -10.284 13.484  -6.473  1.00 52.82 ? 72   TYR A N   1 
ATOM   539  C  CA  . TYR A 1 72  ? -10.617 14.496  -5.459  1.00 52.79 ? 72   TYR A CA  1 
ATOM   540  C  C   . TYR A 1 72  ? -9.720  14.397  -4.230  1.00 52.70 ? 72   TYR A C   1 
ATOM   541  O  O   . TYR A 1 72  ? -9.284  15.412  -3.694  1.00 52.58 ? 72   TYR A O   1 
ATOM   542  C  CB  . TYR A 1 72  ? -12.107 14.379  -5.110  1.00 52.83 ? 72   TYR A CB  1 
ATOM   543  C  CG  . TYR A 1 72  ? -12.561 14.762  -3.724  1.00 52.82 ? 72   TYR A CG  1 
ATOM   544  C  CD1 . TYR A 1 72  ? -12.347 13.918  -2.641  1.00 52.57 ? 72   TYR A CD1 1 
ATOM   545  C  CD2 . TYR A 1 72  ? -13.283 15.938  -3.511  1.00 54.06 ? 72   TYR A CD2 1 
ATOM   546  C  CE1 . TYR A 1 72  ? -12.795 14.253  -1.368  1.00 53.52 ? 72   TYR A CE1 1 
ATOM   547  C  CE2 . TYR A 1 72  ? -13.747 16.285  -2.232  1.00 54.17 ? 72   TYR A CE2 1 
ATOM   548  C  CZ  . TYR A 1 72  ? -13.498 15.430  -1.171  1.00 54.01 ? 72   TYR A CZ  1 
ATOM   549  O  OH  . TYR A 1 72  ? -13.945 15.749  0.085   1.00 54.28 ? 72   TYR A OH  1 
ATOM   550  N  N   . TYR A 1 73  ? -9.404  13.168  -3.826  1.00 52.81 ? 73   TYR A N   1 
ATOM   551  C  CA  . TYR A 1 73  ? -8.567  12.917  -2.648  1.00 52.80 ? 73   TYR A CA  1 
ATOM   552  C  C   . TYR A 1 73  ? -7.111  13.397  -2.792  1.00 53.47 ? 73   TYR A C   1 
ATOM   553  O  O   . TYR A 1 73  ? -6.288  13.170  -1.892  1.00 53.77 ? 73   TYR A O   1 
ATOM   554  C  CB  . TYR A 1 73  ? -8.645  11.437  -2.236  1.00 52.24 ? 73   TYR A CB  1 
ATOM   555  C  CG  . TYR A 1 73  ? -9.956  11.073  -1.572  1.00 50.10 ? 73   TYR A CG  1 
ATOM   556  C  CD1 . TYR A 1 73  ? -11.090 10.746  -2.329  1.00 48.75 ? 73   TYR A CD1 1 
ATOM   557  C  CD2 . TYR A 1 73  ? -10.072 11.081  -0.198  1.00 48.31 ? 73   TYR A CD2 1 
ATOM   558  C  CE1 . TYR A 1 73  ? -12.301 10.436  -1.724  1.00 46.68 ? 73   TYR A CE1 1 
ATOM   559  C  CE2 . TYR A 1 73  ? -11.269 10.762  0.413   1.00 47.62 ? 73   TYR A CE2 1 
ATOM   560  C  CZ  . TYR A 1 73  ? -12.377 10.444  -0.349  1.00 46.76 ? 73   TYR A CZ  1 
ATOM   561  O  OH  . TYR A 1 73  ? -13.550 10.137  0.297   1.00 46.37 ? 73   TYR A OH  1 
ATOM   562  N  N   . PHE A 1 74  ? -6.814  14.074  -3.905  1.00 53.95 ? 74   PHE A N   1 
ATOM   563  C  CA  . PHE A 1 74  ? -5.489  14.650  -4.177  1.00 54.50 ? 74   PHE A CA  1 
ATOM   564  C  C   . PHE A 1 74  ? -5.537  16.151  -4.430  1.00 54.98 ? 74   PHE A C   1 
ATOM   565  O  O   . PHE A 1 74  ? -4.511  16.840  -4.439  1.00 54.72 ? 74   PHE A O   1 
ATOM   566  C  CB  . PHE A 1 74  ? -4.840  13.932  -5.359  1.00 54.33 ? 74   PHE A CB  1 
ATOM   567  C  CG  . PHE A 1 74  ? -4.265  12.604  -4.989  1.00 54.60 ? 74   PHE A CG  1 
ATOM   568  C  CD1 . PHE A 1 74  ? -2.997  12.519  -4.403  1.00 54.13 ? 74   PHE A CD1 1 
ATOM   569  C  CD2 . PHE A 1 74  ? -5.000  11.435  -5.173  1.00 54.69 ? 74   PHE A CD2 1 
ATOM   570  C  CE1 . PHE A 1 74  ? -2.457  11.287  -4.028  1.00 53.29 ? 74   PHE A CE1 1 
ATOM   571  C  CE2 . PHE A 1 74  ? -4.465  10.198  -4.800  1.00 54.55 ? 74   PHE A CE2 1 
ATOM   572  C  CZ  . PHE A 1 74  ? -3.187  10.132  -4.222  1.00 53.51 ? 74   PHE A CZ  1 
ATOM   573  N  N   . THR A 1 75  ? -6.757  16.647  -4.597  1.00 55.81 ? 75   THR A N   1 
ATOM   574  C  CA  . THR A 1 75  ? -7.007  18.012  -5.033  1.00 56.54 ? 75   THR A CA  1 
ATOM   575  C  C   . THR A 1 75  ? -6.941  19.064  -3.919  1.00 57.13 ? 75   THR A C   1 
ATOM   576  O  O   . THR A 1 75  ? -7.425  18.859  -2.794  1.00 57.23 ? 75   THR A O   1 
ATOM   577  C  CB  . THR A 1 75  ? -8.377  18.123  -5.722  1.00 56.52 ? 75   THR A CB  1 
ATOM   578  O  OG1 . THR A 1 75  ? -9.384  17.578  -4.859  1.00 56.32 ? 75   THR A OG1 1 
ATOM   579  C  CG2 . THR A 1 75  ? -8.376  17.372  -7.052  1.00 56.31 ? 75   THR A CG2 1 
ATOM   580  N  N   . SER A 1 76  ? -6.339  20.197  -4.275  1.00 57.54 ? 76   SER A N   1 
ATOM   581  C  CA  . SER A 1 76  ? -6.279  21.384  -3.444  1.00 57.83 ? 76   SER A CA  1 
ATOM   582  C  C   . SER A 1 76  ? -7.708  21.827  -3.118  1.00 57.96 ? 76   SER A C   1 
ATOM   583  O  O   . SER A 1 76  ? -8.638  21.408  -3.807  1.00 57.79 ? 76   SER A O   1 
ATOM   584  C  CB  . SER A 1 76  ? -5.526  22.467  -4.216  1.00 58.09 ? 76   SER A CB  1 
ATOM   585  O  OG  . SER A 1 76  ? -4.582  21.882  -5.111  1.00 58.50 ? 76   SER A OG  1 
ATOM   586  N  N   . PRO A 1 77  ? -7.892  22.677  -2.082  1.00 58.21 ? 77   PRO A N   1 
ATOM   587  C  CA  . PRO A 1 77  ? -9.211  23.029  -1.524  1.00 58.61 ? 77   PRO A CA  1 
ATOM   588  C  C   . PRO A 1 77  ? -10.249 23.522  -2.548  1.00 59.05 ? 77   PRO A C   1 
ATOM   589  O  O   . PRO A 1 77  ? -11.469 23.423  -2.299  1.00 58.83 ? 77   PRO A O   1 
ATOM   590  C  CB  . PRO A 1 77  ? -8.878  24.155  -0.538  1.00 58.55 ? 77   PRO A CB  1 
ATOM   591  C  CG  . PRO A 1 77  ? -7.478  23.943  -0.193  1.00 58.14 ? 77   PRO A CG  1 
ATOM   592  C  CD  . PRO A 1 77  ? -6.833  23.475  -1.446  1.00 58.15 ? 77   PRO A CD  1 
ATOM   593  N  N   . ASP A 1 78  ? -9.749  24.046  -3.673  1.00 59.52 ? 78   ASP A N   1 
ATOM   594  C  CA  . ASP A 1 78  ? -10.564 24.569  -4.768  1.00 59.87 ? 78   ASP A CA  1 
ATOM   595  C  C   . ASP A 1 78  ? -11.053 23.463  -5.704  1.00 60.30 ? 78   ASP A C   1 
ATOM   596  O  O   . ASP A 1 78  ? -11.985 23.676  -6.482  1.00 60.54 ? 78   ASP A O   1 
ATOM   597  C  CB  . ASP A 1 78  ? -9.778  25.625  -5.558  1.00 59.77 ? 78   ASP A CB  1 
ATOM   598  C  CG  . ASP A 1 78  ? -8.677  25.021  -6.434  1.00 59.67 ? 78   ASP A CG  1 
ATOM   599  O  OD1 . ASP A 1 78  ? -8.933  24.020  -7.140  1.00 59.15 ? 78   ASP A OD1 1 
ATOM   600  O  OD2 . ASP A 1 78  ? -7.555  25.566  -6.435  1.00 59.42 ? 78   ASP A OD2 1 
ATOM   601  N  N   . GLY A 1 79  ? -10.404 22.300  -5.643  1.00 60.78 ? 79   GLY A N   1 
ATOM   602  C  CA  . GLY A 1 79  ? -10.827 21.117  -6.405  1.00 61.41 ? 79   GLY A CA  1 
ATOM   603  C  C   . GLY A 1 79  ? -10.027 20.835  -7.675  1.00 61.92 ? 79   GLY A C   1 
ATOM   604  O  O   . GLY A 1 79  ? -10.583 20.370  -8.672  1.00 61.93 ? 79   GLY A O   1 
ATOM   605  N  N   . THR A 1 80  ? -8.726  21.119  -7.643  1.00 62.23 ? 80   THR A N   1 
ATOM   606  C  CA  . THR A 1 80  ? -7.839  20.809  -8.764  1.00 62.45 ? 80   THR A CA  1 
ATOM   607  C  C   . THR A 1 80  ? -6.481  20.251  -8.276  1.00 63.08 ? 80   THR A C   1 
ATOM   608  O  O   . THR A 1 80  ? -5.851  20.838  -7.385  1.00 62.83 ? 80   THR A O   1 
ATOM   609  C  CB  . THR A 1 80  ? -7.662  22.022  -9.663  1.00 62.30 ? 80   THR A CB  1 
ATOM   610  O  OG1 . THR A 1 80  ? -7.224  23.125  -8.867  1.00 62.29 ? 80   THR A OG1 1 
ATOM   611  C  CG2 . THR A 1 80  ? -8.988  22.379  -10.321 1.00 62.01 ? 80   THR A CG2 1 
ATOM   612  N  N   . PRO A 1 81  ? -6.024  19.126  -8.881  1.00 63.71 ? 81   PRO A N   1 
ATOM   613  C  CA  . PRO A 1 81  ? -5.045  18.181  -8.326  1.00 64.19 ? 81   PRO A CA  1 
ATOM   614  C  C   . PRO A 1 81  ? -3.706  18.789  -7.896  1.00 64.81 ? 81   PRO A C   1 
ATOM   615  O  O   . PRO A 1 81  ? -2.928  19.223  -8.751  1.00 65.18 ? 81   PRO A O   1 
ATOM   616  C  CB  . PRO A 1 81  ? -4.822  17.189  -9.483  1.00 64.07 ? 81   PRO A CB  1 
ATOM   617  C  CG  . PRO A 1 81  ? -5.947  17.382  -10.407 1.00 63.80 ? 81   PRO A CG  1 
ATOM   618  C  CD  . PRO A 1 81  ? -6.267  18.835  -10.306 1.00 63.95 ? 81   PRO A CD  1 
ATOM   619  N  N   . ASN A 1 82  ? -3.456  18.797  -6.580  1.00 65.24 ? 82   ASN A N   1 
ATOM   620  C  CA  . ASN A 1 82  ? -2.220  19.314  -5.960  1.00 65.25 ? 82   ASN A CA  1 
ATOM   621  C  C   . ASN A 1 82  ? -1.020  18.453  -6.380  1.00 65.11 ? 82   ASN A C   1 
ATOM   622  O  O   . ASN A 1 82  ? -0.605  17.578  -5.639  1.00 65.16 ? 82   ASN A O   1 
ATOM   623  C  CB  . ASN A 1 82  ? -2.396  19.327  -4.424  1.00 65.29 ? 82   ASN A CB  1 
ATOM   624  C  CG  . ASN A 1 82  ? -1.387  20.227  -3.701  1.00 65.77 ? 82   ASN A CG  1 
ATOM   625  O  OD1 . ASN A 1 82  ? -0.179  20.153  -3.946  1.00 66.32 ? 82   ASN A OD1 1 
ATOM   626  N  ND2 . ASN A 1 82  ? -1.888  21.061  -2.779  1.00 65.06 ? 82   ASN A ND2 1 
ATOM   627  N  N   . GLU A 1 83  ? -0.470  18.714  -7.566  1.00 65.12 ? 83   GLU A N   1 
ATOM   628  C  CA  . GLU A 1 83  ? 0.485   17.798  -8.231  1.00 65.20 ? 83   GLU A CA  1 
ATOM   629  C  C   . GLU A 1 83  ? 1.867   17.617  -7.607  1.00 64.90 ? 83   GLU A C   1 
ATOM   630  O  O   . GLU A 1 83  ? 2.486   16.547  -7.739  1.00 64.56 ? 83   GLU A O   1 
ATOM   631  C  CB  . GLU A 1 83  ? 0.660   18.173  -9.692  1.00 65.31 ? 83   GLU A CB  1 
ATOM   632  C  CG  . GLU A 1 83  ? 0.239   17.083  -10.626 1.00 66.22 ? 83   GLU A CG  1 
ATOM   633  C  CD  . GLU A 1 83  ? 0.441   17.482  -12.055 1.00 67.58 ? 83   GLU A CD  1 
ATOM   634  O  OE1 . GLU A 1 83  ? 1.610   17.552  -12.496 1.00 68.99 ? 83   GLU A OE1 1 
ATOM   635  O  OE2 . GLU A 1 83  ? -0.570  17.751  -12.732 1.00 68.22 ? 83   GLU A OE2 1 
ATOM   636  N  N   . LYS A 1 84  ? 2.345   18.677  -6.959  1.00 64.62 ? 84   LYS A N   1 
ATOM   637  C  CA  . LYS A 1 84  ? 3.515   18.610  -6.092  1.00 64.36 ? 84   LYS A CA  1 
ATOM   638  C  C   . LYS A 1 84  ? 3.236   17.563  -4.998  1.00 63.84 ? 84   LYS A C   1 
ATOM   639  O  O   . LYS A 1 84  ? 4.155   17.083  -4.323  1.00 63.82 ? 84   LYS A O   1 
ATOM   640  C  CB  . LYS A 1 84  ? 3.778   19.988  -5.481  1.00 64.50 ? 84   LYS A CB  1 
ATOM   641  C  CG  . LYS A 1 84  ? 5.248   20.339  -5.264  1.00 65.09 ? 84   LYS A CG  1 
ATOM   642  C  CD  . LYS A 1 84  ? 5.380   21.792  -4.776  1.00 65.45 ? 84   LYS A CD  1 
ATOM   643  C  CE  . LYS A 1 84  ? 6.683   22.030  -4.023  1.00 64.88 ? 84   LYS A CE  1 
ATOM   644  N  NZ  . LYS A 1 84  ? 6.782   21.161  -2.817  1.00 64.74 ? 84   LYS A NZ  1 
ATOM   645  N  N   . TYR A 1 85  ? 1.951   17.223  -4.862  1.00 62.99 ? 85   TYR A N   1 
ATOM   646  C  CA  . TYR A 1 85  ? 1.432   16.215  -3.935  1.00 62.16 ? 85   TYR A CA  1 
ATOM   647  C  C   . TYR A 1 85  ? 1.183   14.881  -4.676  1.00 61.74 ? 85   TYR A C   1 
ATOM   648  O  O   . TYR A 1 85  ? 1.197   13.805  -4.069  1.00 61.38 ? 85   TYR A O   1 
ATOM   649  C  CB  . TYR A 1 85  ? 0.156   16.778  -3.281  1.00 61.99 ? 85   TYR A CB  1 
ATOM   650  C  CG  . TYR A 1 85  ? -0.596  15.889  -2.320  1.00 61.79 ? 85   TYR A CG  1 
ATOM   651  C  CD1 . TYR A 1 85  ? 0.072   15.123  -1.365  1.00 62.23 ? 85   TYR A CD1 1 
ATOM   652  C  CD2 . TYR A 1 85  ? -1.990  15.856  -2.332  1.00 61.82 ? 85   TYR A CD2 1 
ATOM   653  C  CE1 . TYR A 1 85  ? -0.629  14.314  -0.467  1.00 62.27 ? 85   TYR A CE1 1 
ATOM   654  C  CE2 . TYR A 1 85  ? -2.705  15.055  -1.437  1.00 61.85 ? 85   TYR A CE2 1 
ATOM   655  C  CZ  . TYR A 1 85  ? -2.016  14.285  -0.507  1.00 61.76 ? 85   TYR A CZ  1 
ATOM   656  O  OH  . TYR A 1 85  ? -2.699  13.491  0.383   1.00 60.43 ? 85   TYR A OH  1 
ATOM   657  N  N   . LEU A 1 86  ? 0.995   14.971  -5.997  1.00 61.24 ? 86   LEU A N   1 
ATOM   658  C  CA  . LEU A 1 86  ? 0.801   13.811  -6.879  1.00 60.60 ? 86   LEU A CA  1 
ATOM   659  C  C   . LEU A 1 86  ? 2.106   13.363  -7.551  1.00 60.16 ? 86   LEU A C   1 
ATOM   660  O  O   . LEU A 1 86  ? 2.105   12.535  -8.465  1.00 60.06 ? 86   LEU A O   1 
ATOM   661  C  CB  . LEU A 1 86  ? -0.263  14.124  -7.936  1.00 60.65 ? 86   LEU A CB  1 
ATOM   662  C  CG  . LEU A 1 86  ? -1.731  13.990  -7.515  1.00 60.34 ? 86   LEU A CG  1 
ATOM   663  C  CD1 . LEU A 1 86  ? -2.553  15.151  -8.025  1.00 59.52 ? 86   LEU A CD1 1 
ATOM   664  C  CD2 . LEU A 1 86  ? -2.313  12.677  -7.997  1.00 60.38 ? 86   LEU A CD2 1 
ATOM   665  N  N   . ALA A 1 87  ? 3.215   13.925  -7.088  1.00 59.56 ? 87   ALA A N   1 
ATOM   666  C  CA  . ALA A 1 87  ? 4.528   13.496  -7.519  1.00 59.01 ? 87   ALA A CA  1 
ATOM   667  C  C   . ALA A 1 87  ? 5.352   13.086  -6.308  1.00 58.55 ? 87   ALA A C   1 
ATOM   668  O  O   . ALA A 1 87  ? 6.446   12.545  -6.446  1.00 58.80 ? 87   ALA A O   1 
ATOM   669  C  CB  . ALA A 1 87  ? 5.215   14.608  -8.275  1.00 59.24 ? 87   ALA A CB  1 
ATOM   670  N  N   . ALA A 1 88  ? 4.816   13.350  -5.121  1.00 57.75 ? 88   ALA A N   1 
ATOM   671  C  CA  . ALA A 1 88  ? 5.507   13.070  -3.867  1.00 56.86 ? 88   ALA A CA  1 
ATOM   672  C  C   . ALA A 1 88  ? 4.982   11.794  -3.264  1.00 56.30 ? 88   ALA A C   1 
ATOM   673  O  O   . ALA A 1 88  ? 5.715   11.071  -2.600  1.00 56.17 ? 88   ALA A O   1 
ATOM   674  C  CB  . ALA A 1 88  ? 5.314   14.214  -2.903  1.00 57.03 ? 88   ALA A CB  1 
ATOM   675  N  N   . VAL A 1 89  ? 3.692   11.547  -3.478  1.00 55.85 ? 89   VAL A N   1 
ATOM   676  C  CA  . VAL A 1 89  ? 3.084   10.261  -3.166  1.00 55.31 ? 89   VAL A CA  1 
ATOM   677  C  C   . VAL A 1 89  ? 3.627   9.257   -4.160  1.00 55.23 ? 89   VAL A C   1 
ATOM   678  O  O   . VAL A 1 89  ? 4.230   8.261   -3.761  1.00 55.37 ? 89   VAL A O   1 
ATOM   679  C  CB  . VAL A 1 89  ? 1.544   10.283  -3.276  1.00 55.12 ? 89   VAL A CB  1 
ATOM   680  C  CG1 . VAL A 1 89  ? 0.972   8.900   -3.034  1.00 54.62 ? 89   VAL A CG1 1 
ATOM   681  C  CG2 . VAL A 1 89  ? 0.953   11.267  -2.290  1.00 55.27 ? 89   VAL A CG2 1 
ATOM   682  N  N   . ARG A 1 90  ? 3.443   9.547   -5.454  1.00 54.93 ? 90   ARG A N   1 
ATOM   683  C  CA  . ARG A 1 90  ? 3.875   8.652   -6.522  1.00 54.41 ? 90   ARG A CA  1 
ATOM   684  C  C   . ARG A 1 90  ? 5.234   8.075   -6.227  1.00 54.15 ? 90   ARG A C   1 
ATOM   685  O  O   . ARG A 1 90  ? 5.490   6.912   -6.531  1.00 54.28 ? 90   ARG A O   1 
ATOM   686  C  CB  . ARG A 1 90  ? 3.928   9.360   -7.864  1.00 54.44 ? 90   ARG A CB  1 
ATOM   687  C  CG  . ARG A 1 90  ? 4.130   8.380   -9.005  1.00 54.47 ? 90   ARG A CG  1 
ATOM   688  C  CD  . ARG A 1 90  ? 5.021   8.959   -10.070 1.00 55.22 ? 90   ARG A CD  1 
ATOM   689  N  NE  . ARG A 1 90  ? 5.074   8.103   -11.247 1.00 54.96 ? 90   ARG A NE  1 
ATOM   690  C  CZ  . ARG A 1 90  ? 4.135   8.058   -12.184 1.00 54.75 ? 90   ARG A CZ  1 
ATOM   691  N  NH1 . ARG A 1 90  ? 3.046   8.815   -12.086 1.00 54.45 ? 90   ARG A NH1 1 
ATOM   692  N  NH2 . ARG A 1 90  ? 4.287   7.244   -13.218 1.00 54.77 ? 90   ARG A NH2 1 
ATOM   693  N  N   . LYS A 1 91  ? 6.094   8.900   -5.635  1.00 53.67 ? 91   LYS A N   1 
ATOM   694  C  CA  . LYS A 1 91  ? 7.424   8.477   -5.227  1.00 53.32 ? 91   LYS A CA  1 
ATOM   695  C  C   . LYS A 1 91  ? 7.377   7.440   -4.089  1.00 52.88 ? 91   LYS A C   1 
ATOM   696  O  O   . LYS A 1 91  ? 7.799   6.295   -4.284  1.00 53.33 ? 91   LYS A O   1 
ATOM   697  C  CB  . LYS A 1 91  ? 8.302   9.689   -4.867  1.00 53.59 ? 91   LYS A CB  1 
ATOM   698  C  CG  . LYS A 1 91  ? 8.883   10.448  -6.079  1.00 53.99 ? 91   LYS A CG  1 
ATOM   699  C  CD  . LYS A 1 91  ? 10.111  11.309  -5.699  1.00 55.13 ? 91   LYS A CD  1 
ATOM   700  C  CE  . LYS A 1 91  ? 10.854  11.836  -6.946  1.00 55.93 ? 91   LYS A CE  1 
ATOM   701  N  NZ  . LYS A 1 91  ? 12.351  11.886  -6.807  1.00 55.58 ? 91   LYS A NZ  1 
ATOM   702  N  N   . ARG A 1 92  ? 6.840   7.825   -2.927  1.00 51.97 ? 92   ARG A N   1 
ATOM   703  C  CA  . ARG A 1 92  ? 6.800   6.954   -1.738  1.00 50.91 ? 92   ARG A CA  1 
ATOM   704  C  C   . ARG A 1 92  ? 6.119   5.609   -1.963  1.00 50.38 ? 92   ARG A C   1 
ATOM   705  O  O   . ARG A 1 92  ? 6.568   4.595   -1.436  1.00 50.21 ? 92   ARG A O   1 
ATOM   706  C  CB  . ARG A 1 92  ? 6.133   7.676   -0.580  1.00 50.73 ? 92   ARG A CB  1 
ATOM   707  C  CG  . ARG A 1 92  ? 6.767   9.012   -0.272  1.00 51.21 ? 92   ARG A CG  1 
ATOM   708  C  CD  . ARG A 1 92  ? 6.541   9.416   1.167   1.00 51.84 ? 92   ARG A CD  1 
ATOM   709  N  NE  . ARG A 1 92  ? 5.132   9.343   1.508   1.00 52.49 ? 92   ARG A NE  1 
ATOM   710  C  CZ  . ARG A 1 92  ? 4.279   10.346  1.357   1.00 53.95 ? 92   ARG A CZ  1 
ATOM   711  N  NH1 . ARG A 1 92  ? 4.710   11.509  0.877   1.00 53.77 ? 92   ARG A NH1 1 
ATOM   712  N  NH2 . ARG A 1 92  ? 2.996   10.182  1.687   1.00 54.91 ? 92   ARG A NH2 1 
ATOM   713  N  N   . PHE A 1 93  ? 5.036   5.627   -2.744  1.00 49.87 ? 93   PHE A N   1 
ATOM   714  C  CA  . PHE A 1 93  ? 4.274   4.444   -3.155  1.00 49.42 ? 93   PHE A CA  1 
ATOM   715  C  C   . PHE A 1 93  ? 5.137   3.479   -3.964  1.00 49.66 ? 93   PHE A C   1 
ATOM   716  O  O   . PHE A 1 93  ? 5.136   2.276   -3.712  1.00 49.45 ? 93   PHE A O   1 
ATOM   717  C  CB  . PHE A 1 93  ? 3.062   4.903   -3.972  1.00 49.08 ? 93   PHE A CB  1 
ATOM   718  C  CG  . PHE A 1 93  ? 2.196   3.786   -4.526  1.00 48.33 ? 93   PHE A CG  1 
ATOM   719  C  CD1 . PHE A 1 93  ? 2.640   2.966   -5.570  1.00 47.49 ? 93   PHE A CD1 1 
ATOM   720  C  CD2 . PHE A 1 93  ? 0.897   3.605   -4.059  1.00 46.95 ? 93   PHE A CD2 1 
ATOM   721  C  CE1 . PHE A 1 93  ? 1.814   1.960   -6.101  1.00 46.14 ? 93   PHE A CE1 1 
ATOM   722  C  CE2 . PHE A 1 93  ? 0.073   2.605   -4.591  1.00 45.94 ? 93   PHE A CE2 1 
ATOM   723  C  CZ  . PHE A 1 93  ? 0.533   1.786   -5.612  1.00 45.08 ? 93   PHE A CZ  1 
ATOM   724  N  N   . SER A 1 94  ? 5.866   4.016   -4.938  1.00 49.91 ? 94   SER A N   1 
ATOM   725  C  CA  . SER A 1 94  ? 6.781   3.222   -5.748  1.00 50.22 ? 94   SER A CA  1 
ATOM   726  C  C   . SER A 1 94  ? 7.960   2.660   -4.944  1.00 50.35 ? 94   SER A C   1 
ATOM   727  O  O   . SER A 1 94  ? 8.550   1.642   -5.345  1.00 50.94 ? 94   SER A O   1 
ATOM   728  C  CB  . SER A 1 94  ? 7.304   4.021   -6.939  1.00 50.36 ? 94   SER A CB  1 
ATOM   729  O  OG  . SER A 1 94  ? 8.048   3.184   -7.817  1.00 51.12 ? 94   SER A OG  1 
ATOM   730  N  N   . ARG A 1 95  ? 8.318   3.307   -3.830  1.00 49.83 ? 95   ARG A N   1 
ATOM   731  C  CA  . ARG A 1 95  ? 9.242   2.681   -2.881  1.00 49.29 ? 95   ARG A CA  1 
ATOM   732  C  C   . ARG A 1 95  ? 8.529   1.500   -2.229  1.00 48.33 ? 95   ARG A C   1 
ATOM   733  O  O   . ARG A 1 95  ? 9.131   0.491   -1.888  1.00 48.40 ? 95   ARG A O   1 
ATOM   734  C  CB  . ARG A 1 95  ? 9.744   3.673   -1.820  1.00 49.59 ? 95   ARG A CB  1 
ATOM   735  C  CG  . ARG A 1 95  ? 10.896  3.152   -0.898  1.00 51.25 ? 95   ARG A CG  1 
ATOM   736  C  CD  . ARG A 1 95  ? 11.856  2.128   -1.593  1.00 54.19 ? 95   ARG A CD  1 
ATOM   737  N  NE  . ARG A 1 95  ? 13.203  2.034   -1.014  1.00 55.23 ? 95   ARG A NE  1 
ATOM   738  C  CZ  . ARG A 1 95  ? 14.340  2.187   -1.700  1.00 55.94 ? 95   ARG A CZ  1 
ATOM   739  N  NH1 . ARG A 1 95  ? 14.316  2.439   -3.007  1.00 56.10 ? 95   ARG A NH1 1 
ATOM   740  N  NH2 . ARG A 1 95  ? 15.511  2.077   -1.080  1.00 56.11 ? 95   ARG A NH2 1 
ATOM   741  N  N   . TRP A 1 96  ? 7.223   1.623   -2.102  1.00 47.19 ? 96   TRP A N   1 
ATOM   742  C  CA  . TRP A 1 96  ? 6.471   0.675   -1.338  1.00 46.15 ? 96   TRP A CA  1 
ATOM   743  C  C   . TRP A 1 96  ? 6.374   -0.699  -2.012  1.00 45.53 ? 96   TRP A C   1 
ATOM   744  O  O   . TRP A 1 96  ? 6.542   -1.706  -1.341  1.00 45.61 ? 96   TRP A O   1 
ATOM   745  C  CB  . TRP A 1 96  ? 5.116   1.282   -1.011  1.00 46.14 ? 96   TRP A CB  1 
ATOM   746  C  CG  . TRP A 1 96  ? 4.112   0.329   -0.538  1.00 45.46 ? 96   TRP A CG  1 
ATOM   747  C  CD1 . TRP A 1 96  ? 3.889   -0.049  0.743   1.00 45.49 ? 96   TRP A CD1 1 
ATOM   748  C  CD2 . TRP A 1 96  ? 3.159   -0.367  -1.341  1.00 44.34 ? 96   TRP A CD2 1 
ATOM   749  N  NE1 . TRP A 1 96  ? 2.854   -0.952  0.797   1.00 45.26 ? 96   TRP A NE1 1 
ATOM   750  C  CE2 . TRP A 1 96  ? 2.386   -1.163  -0.471  1.00 44.34 ? 96   TRP A CE2 1 
ATOM   751  C  CE3 . TRP A 1 96  ? 2.885   -0.398  -2.713  1.00 43.54 ? 96   TRP A CE3 1 
ATOM   752  C  CZ2 . TRP A 1 96  ? 1.356   -1.983  -0.921  1.00 44.12 ? 96   TRP A CZ2 1 
ATOM   753  C  CZ3 . TRP A 1 96  ? 1.861   -1.212  -3.165  1.00 43.38 ? 96   TRP A CZ3 1 
ATOM   754  C  CH2 . TRP A 1 96  ? 1.109   -1.995  -2.273  1.00 43.99 ? 96   TRP A CH2 1 
ATOM   755  N  N   . ILE A 1 97  ? 6.133   -0.735  -3.325  1.00 44.64 ? 97   ILE A N   1 
ATOM   756  C  CA  . ILE A 1 97  ? 5.972   -1.996  -4.084  1.00 43.59 ? 97   ILE A CA  1 
ATOM   757  C  C   . ILE A 1 97  ? 7.106   -2.978  -3.882  1.00 43.27 ? 97   ILE A C   1 
ATOM   758  O  O   . ILE A 1 97  ? 6.869   -4.177  -3.722  1.00 43.31 ? 97   ILE A O   1 
ATOM   759  C  CB  . ILE A 1 97  ? 5.870   -1.744  -5.590  1.00 43.41 ? 97   ILE A CB  1 
ATOM   760  C  CG1 . ILE A 1 97  ? 4.653   -0.892  -5.894  1.00 43.68 ? 97   ILE A CG1 1 
ATOM   761  C  CG2 . ILE A 1 97  ? 5.784   -3.054  -6.370  1.00 43.03 ? 97   ILE A CG2 1 
ATOM   762  C  CD1 . ILE A 1 97  ? 4.845   0.000   -7.078  1.00 44.85 ? 97   ILE A CD1 1 
ATOM   763  N  N   . LEU A 1 98  ? 8.334   -2.475  -3.913  1.00 42.77 ? 98   LEU A N   1 
ATOM   764  C  CA  . LEU A 1 98  ? 9.502   -3.317  -3.700  1.00 42.42 ? 98   LEU A CA  1 
ATOM   765  C  C   . LEU A 1 98  ? 9.712   -3.548  -2.199  1.00 42.76 ? 98   LEU A C   1 
ATOM   766  O  O   . LEU A 1 98  ? 10.341  -4.518  -1.809  1.00 42.56 ? 98   LEU A O   1 
ATOM   767  C  CB  . LEU A 1 98  ? 10.754  -2.751  -4.421  1.00 41.99 ? 98   LEU A CB  1 
ATOM   768  C  CG  . LEU A 1 98  ? 10.715  -2.601  -5.966  1.00 40.74 ? 98   LEU A CG  1 
ATOM   769  C  CD1 . LEU A 1 98  ? 11.659  -1.542  -6.488  1.00 39.51 ? 98   LEU A CD1 1 
ATOM   770  C  CD2 . LEU A 1 98  ? 10.944  -3.898  -6.714  1.00 38.68 ? 98   LEU A CD2 1 
ATOM   771  N  N   . ASP A 1 99  ? 9.156   -2.662  -1.368  1.00 43.45 ? 99   ASP A N   1 
ATOM   772  C  CA  . ASP A 1 99  ? 9.124   -2.844  0.094   1.00 44.36 ? 99   ASP A CA  1 
ATOM   773  C  C   . ASP A 1 99  ? 8.188   -3.984  0.521   1.00 44.68 ? 99   ASP A C   1 
ATOM   774  O  O   . ASP A 1 99  ? 8.392   -4.638  1.547   1.00 44.68 ? 99   ASP A O   1 
ATOM   775  C  CB  . ASP A 1 99  ? 8.688   -1.553  0.791   1.00 44.48 ? 99   ASP A CB  1 
ATOM   776  C  CG  . ASP A 1 99  ? 9.831   -0.606  1.028   1.00 45.52 ? 99   ASP A CG  1 
ATOM   777  O  OD1 . ASP A 1 99  ? 10.938  -1.074  1.352   1.00 47.22 ? 99   ASP A OD1 1 
ATOM   778  O  OD2 . ASP A 1 99  ? 9.627   0.618   0.899   1.00 47.55 ? 99   ASP A OD2 1 
ATOM   779  N  N   . THR A 1 100 ? 7.150   -4.194  -0.271  1.00 45.02 ? 100  THR A N   1 
ATOM   780  C  CA  . THR A 1 100 ? 6.275   -5.326  -0.117  1.00 45.69 ? 100  THR A CA  1 
ATOM   781  C  C   . THR A 1 100 ? 6.918   -6.616  -0.663  1.00 46.30 ? 100  THR A C   1 
ATOM   782  O  O   . THR A 1 100 ? 6.529   -7.715  -0.254  1.00 46.94 ? 100  THR A O   1 
ATOM   783  C  CB  . THR A 1 100 ? 4.930   -5.028  -0.797  1.00 45.69 ? 100  THR A CB  1 
ATOM   784  O  OG1 . THR A 1 100 ? 4.272   -3.994  -0.057  1.00 46.49 ? 100  THR A OG1 1 
ATOM   785  C  CG2 . THR A 1 100 ? 4.028   -6.250  -0.852  1.00 45.61 ? 100  THR A CG2 1 
ATOM   786  N  N   . SER A 1 101 ? 7.899   -6.497  -1.565  1.00 46.42 ? 101  SER A N   1 
ATOM   787  C  CA  . SER A 1 101 ? 8.567   -7.679  -2.115  1.00 46.40 ? 101  SER A CA  1 
ATOM   788  C  C   . SER A 1 101 ? 9.931   -7.927  -1.476  1.00 47.34 ? 101  SER A C   1 
ATOM   789  O  O   . SER A 1 101 ? 10.654  -8.827  -1.889  1.00 47.57 ? 101  SER A O   1 
ATOM   790  C  CB  . SER A 1 101 ? 8.740   -7.532  -3.614  1.00 45.94 ? 101  SER A CB  1 
ATOM   791  O  OG  . SER A 1 101 ? 7.499   -7.334  -4.245  1.00 45.13 ? 101  SER A OG  1 
ATOM   792  N  N   . ASN A 1 102 ? 10.291  -7.137  -0.465  1.00 48.30 ? 102  ASN A N   1 
ATOM   793  C  CA  . ASN A 1 102 ? 11.665  -7.155  0.048   1.00 49.07 ? 102  ASN A CA  1 
ATOM   794  C  C   . ASN A 1 102 ? 11.894  -7.022  1.544   1.00 49.41 ? 102  ASN A C   1 
ATOM   795  O  O   . ASN A 1 102 ? 12.778  -7.665  2.087   1.00 49.82 ? 102  ASN A O   1 
ATOM   796  C  CB  . ASN A 1 102 ? 12.505  -6.109  -0.672  1.00 49.35 ? 102  ASN A CB  1 
ATOM   797  C  CG  . ASN A 1 102 ? 13.354  -6.708  -1.742  1.00 50.11 ? 102  ASN A CG  1 
ATOM   798  O  OD1 . ASN A 1 102 ? 14.570  -6.813  -1.582  1.00 51.90 ? 102  ASN A OD1 1 
ATOM   799  N  ND2 . ASN A 1 102 ? 12.727  -7.136  -2.836  1.00 50.20 ? 102  ASN A ND2 1 
ATOM   800  N  N   . ARG A 1 103 ? 11.152  -6.157  2.214   1.00 49.88 ? 103  ARG A N   1 
ATOM   801  C  CA  . ARG A 1 103 ? 11.288  -6.098  3.652   1.00 50.29 ? 103  ARG A CA  1 
ATOM   802  C  C   . ARG A 1 103 ? 10.727  -7.408  4.172   1.00 50.92 ? 103  ARG A C   1 
ATOM   803  O  O   . ARG A 1 103 ? 9.713   -7.905  3.673   1.00 51.00 ? 103  ARG A O   1 
ATOM   804  C  CB  . ARG A 1 103 ? 10.515  -4.921  4.266   1.00 50.10 ? 103  ARG A CB  1 
ATOM   805  C  CG  . ARG A 1 103 ? 10.880  -3.546  3.762   1.00 48.96 ? 103  ARG A CG  1 
ATOM   806  C  CD  . ARG A 1 103 ? 12.096  -2.964  4.449   1.00 48.46 ? 103  ARG A CD  1 
ATOM   807  N  NE  . ARG A 1 103 ? 12.525  -1.760  3.739   1.00 48.78 ? 103  ARG A NE  1 
ATOM   808  C  CZ  . ARG A 1 103 ? 13.401  -0.865  4.186   1.00 48.59 ? 103  ARG A CZ  1 
ATOM   809  N  NH1 . ARG A 1 103 ? 13.974  -1.009  5.373   1.00 48.72 ? 103  ARG A NH1 1 
ATOM   810  N  NH2 . ARG A 1 103 ? 13.703  0.187   3.433   1.00 48.92 ? 103  ARG A NH2 1 
ATOM   811  N  N   . SER A 1 104 ? 11.408  -7.981  5.151   1.00 51.81 ? 104  SER A N   1 
ATOM   812  C  CA  . SER A 1 104 ? 10.802  -9.017  5.980   1.00 52.83 ? 104  SER A CA  1 
ATOM   813  C  C   . SER A 1 104 ? 9.783   -8.338  6.922   1.00 53.00 ? 104  SER A C   1 
ATOM   814  O  O   . SER A 1 104 ? 10.002  -7.215  7.399   1.00 52.66 ? 104  SER A O   1 
ATOM   815  C  CB  . SER A 1 104 ? 11.877  -9.796  6.768   1.00 53.10 ? 104  SER A CB  1 
ATOM   816  O  OG  . SER A 1 104 ? 13.015  -10.128 5.966   1.00 54.00 ? 104  SER A OG  1 
ATOM   817  N  N   . TYR A 1 105 ? 8.665   -9.008  7.174   1.00 53.56 ? 105  TYR A N   1 
ATOM   818  C  CA  . TYR A 1 105 ? 7.609   -8.388  7.955   1.00 54.26 ? 105  TYR A CA  1 
ATOM   819  C  C   . TYR A 1 105 ? 7.962   -8.505  9.424   1.00 54.21 ? 105  TYR A C   1 
ATOM   820  O  O   . TYR A 1 105 ? 7.499   -9.390  10.142  1.00 53.94 ? 105  TYR A O   1 
ATOM   821  C  CB  . TYR A 1 105 ? 6.226   -8.945  7.585   1.00 54.69 ? 105  TYR A CB  1 
ATOM   822  C  CG  . TYR A 1 105 ? 5.935   -8.925  6.075   1.00 56.78 ? 105  TYR A CG  1 
ATOM   823  C  CD1 . TYR A 1 105 ? 6.616   -8.046  5.211   1.00 58.23 ? 105  TYR A CD1 1 
ATOM   824  C  CD2 . TYR A 1 105 ? 4.974   -9.776  5.509   1.00 58.26 ? 105  TYR A CD2 1 
ATOM   825  C  CE1 . TYR A 1 105 ? 6.361   -8.029  3.831   1.00 58.14 ? 105  TYR A CE1 1 
ATOM   826  C  CE2 . TYR A 1 105 ? 4.707   -9.756  4.124   1.00 58.26 ? 105  TYR A CE2 1 
ATOM   827  C  CZ  . TYR A 1 105 ? 5.409   -8.879  3.301   1.00 58.15 ? 105  TYR A CZ  1 
ATOM   828  O  OH  . TYR A 1 105 ? 5.159   -8.850  1.955   1.00 57.76 ? 105  TYR A OH  1 
ATOM   829  N  N   . ASP A 1 106 ? 8.843   -7.590  9.819   1.00 54.62 ? 106  ASP A N   1 
ATOM   830  C  CA  . ASP A 1 106 ? 9.390   -7.464  11.164  1.00 55.01 ? 106  ASP A CA  1 
ATOM   831  C  C   . ASP A 1 106 ? 8.836   -6.196  11.818  1.00 55.28 ? 106  ASP A C   1 
ATOM   832  O  O   . ASP A 1 106 ? 8.091   -5.446  11.174  1.00 55.79 ? 106  ASP A O   1 
ATOM   833  C  CB  . ASP A 1 106 ? 10.915  -7.384  11.089  1.00 55.02 ? 106  ASP A CB  1 
ATOM   834  C  CG  . ASP A 1 106 ? 11.413  -6.133  10.357  1.00 55.53 ? 106  ASP A CG  1 
ATOM   835  O  OD1 . ASP A 1 106 ? 10.687  -5.574  9.499   1.00 55.45 ? 106  ASP A OD1 1 
ATOM   836  O  OD2 . ASP A 1 106 ? 12.559  -5.715  10.642  1.00 56.39 ? 106  ASP A OD2 1 
ATOM   837  N  N   . GLN A 1 107 ? 9.219   -5.932  13.070  1.00 55.17 ? 107  GLN A N   1 
ATOM   838  C  CA  . GLN A 1 107 ? 8.569   -4.884  13.873  1.00 54.85 ? 107  GLN A CA  1 
ATOM   839  C  C   . GLN A 1 107 ? 8.577   -3.513  13.257  1.00 54.09 ? 107  GLN A C   1 
ATOM   840  O  O   . GLN A 1 107 ? 7.590   -2.813  13.382  1.00 54.22 ? 107  GLN A O   1 
ATOM   841  C  CB  . GLN A 1 107 ? 9.157   -4.786  15.276  1.00 55.46 ? 107  GLN A CB  1 
ATOM   842  C  CG  . GLN A 1 107 ? 8.598   -3.617  16.104  1.00 57.58 ? 107  GLN A CG  1 
ATOM   843  C  CD  . GLN A 1 107 ? 7.127   -3.798  16.522  1.00 60.93 ? 107  GLN A CD  1 
ATOM   844  O  OE1 . GLN A 1 107 ? 6.704   -4.890  16.941  1.00 61.39 ? 107  GLN A OE1 1 
ATOM   845  N  NE2 . GLN A 1 107 ? 6.348   -2.710  16.428  1.00 61.23 ? 107  GLN A NE2 1 
ATOM   846  N  N   . ALA A 1 108 ? 9.678   -3.120  12.616  1.00 53.34 ? 108  ALA A N   1 
ATOM   847  C  CA  . ALA A 1 108 ? 9.773   -1.769  12.034  1.00 52.49 ? 108  ALA A CA  1 
ATOM   848  C  C   . ALA A 1 108 ? 8.907   -1.633  10.788  1.00 51.68 ? 108  ALA A C   1 
ATOM   849  O  O   . ALA A 1 108 ? 8.404   -0.556  10.472  1.00 51.37 ? 108  ALA A O   1 
ATOM   850  C  CB  . ALA A 1 108 ? 11.223  -1.383  11.753  1.00 52.61 ? 108  ALA A CB  1 
ATOM   851  N  N   . TRP A 1 109 ? 8.733   -2.750  10.100  1.00 50.90 ? 109  TRP A N   1 
ATOM   852  C  CA  . TRP A 1 109 ? 7.792   -2.842  9.006   1.00 50.42 ? 109  TRP A CA  1 
ATOM   853  C  C   . TRP A 1 109 ? 6.379   -2.585  9.542   1.00 50.18 ? 109  TRP A C   1 
ATOM   854  O  O   . TRP A 1 109 ? 5.567   -1.935  8.881   1.00 50.04 ? 109  TRP A O   1 
ATOM   855  C  CB  . TRP A 1 109 ? 7.921   -4.223  8.340   1.00 50.43 ? 109  TRP A CB  1 
ATOM   856  C  CG  . TRP A 1 109 ? 6.936   -4.527  7.229   1.00 49.31 ? 109  TRP A CG  1 
ATOM   857  C  CD1 . TRP A 1 109 ? 7.084   -4.261  5.899   1.00 47.72 ? 109  TRP A CD1 1 
ATOM   858  C  CD2 . TRP A 1 109 ? 5.678   -5.185  7.365   1.00 47.60 ? 109  TRP A CD2 1 
ATOM   859  N  NE1 . TRP A 1 109 ? 5.993   -4.700  5.205   1.00 46.13 ? 109  TRP A NE1 1 
ATOM   860  C  CE2 . TRP A 1 109 ? 5.111   -5.270  6.083   1.00 47.00 ? 109  TRP A CE2 1 
ATOM   861  C  CE3 . TRP A 1 109 ? 4.969   -5.695  8.451   1.00 47.01 ? 109  TRP A CE3 1 
ATOM   862  C  CZ2 . TRP A 1 109 ? 3.866   -5.845  5.856   1.00 47.39 ? 109  TRP A CZ2 1 
ATOM   863  C  CZ3 . TRP A 1 109 ? 3.747   -6.265  8.225   1.00 47.18 ? 109  TRP A CZ3 1 
ATOM   864  C  CH2 . TRP A 1 109 ? 3.199   -6.331  6.938   1.00 47.17 ? 109  TRP A CH2 1 
ATOM   865  N  N   . LEU A 1 110 ? 6.108   -3.083  10.750  1.00 49.83 ? 110  LEU A N   1 
ATOM   866  C  CA  . LEU A 1 110 ? 4.846   -2.815  11.460  1.00 49.45 ? 110  LEU A CA  1 
ATOM   867  C  C   . LEU A 1 110 ? 4.759   -1.386  11.983  1.00 49.13 ? 110  LEU A C   1 
ATOM   868  O  O   . LEU A 1 110 ? 3.695   -0.803  11.963  1.00 49.32 ? 110  LEU A O   1 
ATOM   869  C  CB  . LEU A 1 110 ? 4.614   -3.796  12.620  1.00 49.21 ? 110  LEU A CB  1 
ATOM   870  C  CG  . LEU A 1 110 ? 4.290   -5.258  12.315  1.00 49.23 ? 110  LEU A CG  1 
ATOM   871  C  CD1 . LEU A 1 110 ? 4.323   -6.077  13.580  1.00 50.12 ? 110  LEU A CD1 1 
ATOM   872  C  CD2 . LEU A 1 110 ? 2.951   -5.415  11.643  1.00 49.13 ? 110  LEU A CD2 1 
ATOM   873  N  N   . ASP A 1 111 ? 5.864   -0.827  12.460  1.00 48.96 ? 111  ASP A N   1 
ATOM   874  C  CA  . ASP A 1 111 ? 5.876   0.561   12.902  1.00 49.04 ? 111  ASP A CA  1 
ATOM   875  C  C   . ASP A 1 111 ? 5.315   1.449   11.799  1.00 48.78 ? 111  ASP A C   1 
ATOM   876  O  O   . ASP A 1 111 ? 4.538   2.380   12.061  1.00 48.96 ? 111  ASP A O   1 
ATOM   877  C  CB  . ASP A 1 111 ? 7.303   1.012   13.232  1.00 49.39 ? 111  ASP A CB  1 
ATOM   878  C  CG  . ASP A 1 111 ? 7.931   0.202   14.342  1.00 50.81 ? 111  ASP A CG  1 
ATOM   879  O  OD1 . ASP A 1 111 ? 7.163   -0.448  15.090  1.00 52.61 ? 111  ASP A OD1 1 
ATOM   880  O  OD2 . ASP A 1 111 ? 9.185   0.211   14.466  1.00 51.90 ? 111  ASP A OD2 1 
ATOM   881  N  N   . TYR A 1 112 ? 5.704   1.129   10.564  1.00 48.01 ? 112  TYR A N   1 
ATOM   882  C  CA  . TYR A 1 112 ? 5.426   1.966   9.410   1.00 47.23 ? 112  TYR A CA  1 
ATOM   883  C  C   . TYR A 1 112 ? 4.118   1.627   8.670   1.00 47.07 ? 112  TYR A C   1 
ATOM   884  O  O   . TYR A 1 112 ? 3.608   2.452   7.903   1.00 47.24 ? 112  TYR A O   1 
ATOM   885  C  CB  . TYR A 1 112 ? 6.615   1.919   8.456   1.00 47.03 ? 112  TYR A CB  1 
ATOM   886  C  CG  . TYR A 1 112 ? 6.631   3.036   7.442   1.00 46.06 ? 112  TYR A CG  1 
ATOM   887  C  CD1 . TYR A 1 112 ? 6.989   4.334   7.808   1.00 45.09 ? 112  TYR A CD1 1 
ATOM   888  C  CD2 . TYR A 1 112 ? 6.313   2.793   6.113   1.00 44.77 ? 112  TYR A CD2 1 
ATOM   889  C  CE1 . TYR A 1 112 ? 7.014   5.363   6.877   1.00 43.87 ? 112  TYR A CE1 1 
ATOM   890  C  CE2 . TYR A 1 112 ? 6.340   3.820   5.175   1.00 44.45 ? 112  TYR A CE2 1 
ATOM   891  C  CZ  . TYR A 1 112 ? 6.687   5.099   5.565   1.00 43.54 ? 112  TYR A CZ  1 
ATOM   892  O  OH  . TYR A 1 112 ? 6.712   6.110   4.635   1.00 42.87 ? 112  TYR A OH  1 
ATOM   893  N  N   . GLN A 1 113 ? 3.583   0.424   8.888   1.00 46.52 ? 113  GLN A N   1 
ATOM   894  C  CA  . GLN A 1 113 ? 2.271   0.062   8.352   1.00 45.76 ? 113  GLN A CA  1 
ATOM   895  C  C   . GLN A 1 113 ? 1.263   0.945   9.012   1.00 45.59 ? 113  GLN A C   1 
ATOM   896  O  O   . GLN A 1 113 ? 0.409   1.504   8.345   1.00 45.52 ? 113  GLN A O   1 
ATOM   897  C  CB  . GLN A 1 113 ? 1.921   -1.399  8.630   1.00 45.66 ? 113  GLN A CB  1 
ATOM   898  C  CG  . GLN A 1 113 ? 2.714   -2.407  7.820   1.00 44.95 ? 113  GLN A CG  1 
ATOM   899  C  CD  . GLN A 1 113 ? 3.090   -1.887  6.452   1.00 44.20 ? 113  GLN A CD  1 
ATOM   900  O  OE1 . GLN A 1 113 ? 4.268   -1.661  6.171   1.00 44.19 ? 113  GLN A OE1 1 
ATOM   901  N  NE2 . GLN A 1 113 ? 2.092   -1.676  5.596   1.00 43.05 ? 113  GLN A NE2 1 
ATOM   902  N  N   . TYR A 1 114 ? 1.398   1.043   10.333  1.00 45.69 ? 114  TYR A N   1 
ATOM   903  C  CA  . TYR A 1 114 ? 0.726   2.014   11.207  1.00 45.99 ? 114  TYR A CA  1 
ATOM   904  C  C   . TYR A 1 114 ? 0.854   3.478   10.770  1.00 45.59 ? 114  TYR A C   1 
ATOM   905  O  O   . TYR A 1 114 ? -0.123  4.239   10.781  1.00 45.07 ? 114  TYR A O   1 
ATOM   906  C  CB  . TYR A 1 114 ? 1.322   1.882   12.611  1.00 46.29 ? 114  TYR A CB  1 
ATOM   907  C  CG  . TYR A 1 114 ? 0.817   2.887   13.626  1.00 48.05 ? 114  TYR A CG  1 
ATOM   908  C  CD1 . TYR A 1 114 ? -0.536  2.951   13.964  1.00 49.29 ? 114  TYR A CD1 1 
ATOM   909  C  CD2 . TYR A 1 114 ? 1.695   3.748   14.271  1.00 49.20 ? 114  TYR A CD2 1 
ATOM   910  C  CE1 . TYR A 1 114 ? -0.996  3.853   14.893  1.00 49.93 ? 114  TYR A CE1 1 
ATOM   911  C  CE2 . TYR A 1 114 ? 1.241   4.650   15.209  1.00 50.28 ? 114  TYR A CE2 1 
ATOM   912  C  CZ  . TYR A 1 114 ? -0.104  4.695   15.512  1.00 51.12 ? 114  TYR A CZ  1 
ATOM   913  O  OH  . TYR A 1 114 ? -0.565  5.591   16.448  1.00 54.06 ? 114  TYR A OH  1 
ATOM   914  N  N   . GLU A 1 115 ? 2.075   3.872   10.423  1.00 45.35 ? 115  GLU A N   1 
ATOM   915  C  CA  . GLU A 1 115 ? 2.319   5.213   9.964   1.00 45.30 ? 115  GLU A CA  1 
ATOM   916  C  C   . GLU A 1 115 ? 1.463   5.482   8.744   1.00 45.52 ? 115  GLU A C   1 
ATOM   917  O  O   . GLU A 1 115 ? 0.783   6.508   8.706   1.00 46.40 ? 115  GLU A O   1 
ATOM   918  C  CB  . GLU A 1 115 ? 3.804   5.432   9.672   1.00 45.28 ? 115  GLU A CB  1 
ATOM   919  C  CG  . GLU A 1 115 ? 4.145   6.697   8.848   1.00 45.13 ? 115  GLU A CG  1 
ATOM   920  C  CD  . GLU A 1 115 ? 4.025   8.040   9.598   1.00 45.03 ? 115  GLU A CD  1 
ATOM   921  O  OE1 . GLU A 1 115 ? 3.651   8.105   10.803  1.00 44.07 ? 115  GLU A OE1 1 
ATOM   922  O  OE2 . GLU A 1 115 ? 4.326   9.055   8.942   1.00 44.84 ? 115  GLU A OE2 1 
ATOM   923  N  N   . ILE A 1 116 ? 1.466   4.559   7.773   1.00 45.34 ? 116  ILE A N   1 
ATOM   924  C  CA  . ILE A 1 116 ? 0.711   4.727   6.510   1.00 44.73 ? 116  ILE A CA  1 
ATOM   925  C  C   . ILE A 1 116 ? -0.815  4.746   6.693   1.00 44.69 ? 116  ILE A C   1 
ATOM   926  O  O   . ILE A 1 116 ? -1.537  5.213   5.825   1.00 44.95 ? 116  ILE A O   1 
ATOM   927  C  CB  . ILE A 1 116 ? 1.103   3.693   5.428   1.00 44.49 ? 116  ILE A CB  1 
ATOM   928  C  CG1 . ILE A 1 116 ? 2.605   3.672   5.214   1.00 43.20 ? 116  ILE A CG1 1 
ATOM   929  C  CG2 . ILE A 1 116 ? 0.448   4.029   4.097   1.00 44.17 ? 116  ILE A CG2 1 
ATOM   930  C  CD1 . ILE A 1 116 ? 3.042   2.400   4.568   1.00 43.16 ? 116  ILE A CD1 1 
ATOM   931  N  N   . GLY A 1 117 ? -1.304  4.242   7.811   1.00 44.69 ? 117  GLY A N   1 
ATOM   932  C  CA  . GLY A 1 117 ? -2.713  4.372   8.120   1.00 45.22 ? 117  GLY A CA  1 
ATOM   933  C  C   . GLY A 1 117 ? -2.980  5.827   8.420   1.00 45.74 ? 117  GLY A C   1 
ATOM   934  O  O   . GLY A 1 117 ? -3.796  6.465   7.758   1.00 45.87 ? 117  GLY A O   1 
ATOM   935  N  N   . LEU A 1 118 ? -2.256  6.347   9.409   1.00 46.22 ? 118  LEU A N   1 
ATOM   936  C  CA  . LEU A 1 118 ? -2.333  7.751   9.834   1.00 46.45 ? 118  LEU A CA  1 
ATOM   937  C  C   . LEU A 1 118 ? -2.172  8.723   8.677   1.00 46.34 ? 118  LEU A C   1 
ATOM   938  O  O   . LEU A 1 118 ? -2.783  9.792   8.671   1.00 46.75 ? 118  LEU A O   1 
ATOM   939  C  CB  . LEU A 1 118 ? -1.278  8.053   10.908  1.00 46.56 ? 118  LEU A CB  1 
ATOM   940  C  CG  . LEU A 1 118 ? -1.320  7.199   12.186  1.00 47.95 ? 118  LEU A CG  1 
ATOM   941  C  CD1 . LEU A 1 118 ? -0.016  7.306   12.979  1.00 48.32 ? 118  LEU A CD1 1 
ATOM   942  C  CD2 . LEU A 1 118 ? -2.543  7.527   13.083  1.00 48.84 ? 118  LEU A CD2 1 
ATOM   943  N  N   . ARG A 1 119 ? -1.354  8.349   7.700   1.00 45.97 ? 119  ARG A N   1 
ATOM   944  C  CA  . ARG A 1 119 ? -1.153  9.178   6.521   1.00 45.75 ? 119  ARG A CA  1 
ATOM   945  C  C   . ARG A 1 119 ? -2.348  9.193   5.576   1.00 45.71 ? 119  ARG A C   1 
ATOM   946  O  O   . ARG A 1 119 ? -2.463  10.086  4.731   1.00 45.76 ? 119  ARG A O   1 
ATOM   947  C  CB  . ARG A 1 119 ? 0.073   8.720   5.759   1.00 45.73 ? 119  ARG A CB  1 
ATOM   948  C  CG  . ARG A 1 119 ? 1.322   8.975   6.498   1.00 44.91 ? 119  ARG A CG  1 
ATOM   949  C  CD  . ARG A 1 119 ? 2.500   8.871   5.588   1.00 43.42 ? 119  ARG A CD  1 
ATOM   950  N  NE  . ARG A 1 119 ? 3.683   9.074   6.399   1.00 42.80 ? 119  ARG A NE  1 
ATOM   951  C  CZ  . ARG A 1 119 ? 4.905   9.210   5.923   1.00 42.96 ? 119  ARG A CZ  1 
ATOM   952  N  NH1 . ARG A 1 119 ? 5.121   9.164   4.612   1.00 43.54 ? 119  ARG A NH1 1 
ATOM   953  N  NH2 . ARG A 1 119 ? 5.905   9.392   6.770   1.00 42.76 ? 119  ARG A NH2 1 
ATOM   954  N  N   . HIS A 1 120 ? -3.209  8.185   5.700   1.00 45.50 ? 120  HIS A N   1 
ATOM   955  C  CA  . HIS A 1 120 ? -4.447  8.132   4.938   1.00 45.18 ? 120  HIS A CA  1 
ATOM   956  C  C   . HIS A 1 120 ? -5.520  8.769   5.814   1.00 45.94 ? 120  HIS A C   1 
ATOM   957  O  O   . HIS A 1 120 ? -6.412  9.445   5.316   1.00 45.69 ? 120  HIS A O   1 
ATOM   958  C  CB  . HIS A 1 120 ? -4.817  6.678   4.540   1.00 44.56 ? 120  HIS A CB  1 
ATOM   959  C  CG  . HIS A 1 120 ? -4.044  6.126   3.372   1.00 40.75 ? 120  HIS A CG  1 
ATOM   960  N  ND1 . HIS A 1 120 ? -2.806  5.534   3.504   1.00 37.55 ? 120  HIS A ND1 1 
ATOM   961  C  CD2 . HIS A 1 120 ? -4.358  6.042   2.060   1.00 37.85 ? 120  HIS A CD2 1 
ATOM   962  C  CE1 . HIS A 1 120 ? -2.382  5.130   2.322   1.00 36.64 ? 120  HIS A CE1 1 
ATOM   963  N  NE2 . HIS A 1 120 ? -3.303  5.429   1.426   1.00 36.16 ? 120  HIS A NE2 1 
ATOM   964  N  N   . HIS A 1 121 ? -5.401  8.551   7.122   1.00 47.26 ? 121  HIS A N   1 
ATOM   965  C  CA  . HIS A 1 121 ? -6.293  9.127   8.140   1.00 48.90 ? 121  HIS A CA  1 
ATOM   966  C  C   . HIS A 1 121 ? -6.100  10.636  8.317   1.00 49.68 ? 121  HIS A C   1 
ATOM   967  O  O   . HIS A 1 121 ? -5.102  11.223  7.842   1.00 49.74 ? 121  HIS A O   1 
ATOM   968  C  CB  . HIS A 1 121 ? -6.060  8.440   9.485   1.00 49.01 ? 121  HIS A CB  1 
ATOM   969  C  CG  . HIS A 1 121 ? -7.167  8.631   10.477  1.00 50.73 ? 121  HIS A CG  1 
ATOM   970  N  ND1 . HIS A 1 121 ? -8.465  8.228   10.237  1.00 52.33 ? 121  HIS A ND1 1 
ATOM   971  C  CD2 . HIS A 1 121 ? -7.160  9.138   11.735  1.00 51.78 ? 121  HIS A CD2 1 
ATOM   972  C  CE1 . HIS A 1 121 ? -9.210  8.495   11.297  1.00 52.51 ? 121  HIS A CE1 1 
ATOM   973  N  NE2 . HIS A 1 121 ? -8.441  9.037   12.225  1.00 51.93 ? 121  HIS A NE2 1 
ATOM   974  N  N   . ARG A 1 122 ? -7.056  11.259  9.009   1.00 50.46 ? 122  ARG A N   1 
ATOM   975  C  CA  . ARG A 1 122 ? -6.995  12.701  9.247   1.00 51.18 ? 122  ARG A CA  1 
ATOM   976  C  C   . ARG A 1 122 ? -6.027  13.009  10.372  1.00 51.40 ? 122  ARG A C   1 
ATOM   977  O  O   . ARG A 1 122 ? -5.745  14.180  10.645  1.00 50.98 ? 122  ARG A O   1 
ATOM   978  C  CB  . ARG A 1 122 ? -8.380  13.352  9.468   1.00 51.19 ? 122  ARG A CB  1 
ATOM   979  C  CG  . ARG A 1 122 ? -9.398  12.547  10.275  1.00 51.84 ? 122  ARG A CG  1 
ATOM   980  C  CD  . ARG A 1 122 ? -10.640 13.381  10.663  1.00 52.95 ? 122  ARG A CD  1 
ATOM   981  N  NE  . ARG A 1 122 ? -11.643 13.545  9.599   1.00 53.73 ? 122  ARG A NE  1 
ATOM   982  C  CZ  . ARG A 1 122 ? -11.769 14.632  8.834   1.00 55.13 ? 122  ARG A CZ  1 
ATOM   983  N  NH1 . ARG A 1 122 ? -10.942 15.661  8.986   1.00 56.19 ? 122  ARG A NH1 1 
ATOM   984  N  NH2 . ARG A 1 122 ? -12.717 14.698  7.901   1.00 55.17 ? 122  ARG A NH2 1 
ATOM   985  N  N   . THR A 1 123 ? -5.497  11.960  11.001  1.00 52.04 ? 123  THR A N   1 
ATOM   986  C  CA  . THR A 1 123 ? -4.488  12.178  12.025  1.00 53.05 ? 123  THR A CA  1 
ATOM   987  C  C   . THR A 1 123 ? -3.257  12.778  11.357  1.00 53.65 ? 123  THR A C   1 
ATOM   988  O  O   . THR A 1 123 ? -2.740  13.788  11.834  1.00 53.96 ? 123  THR A O   1 
ATOM   989  C  CB  . THR A 1 123 ? -4.100  10.916  12.851  1.00 53.11 ? 123  THR A CB  1 
ATOM   990  O  OG1 . THR A 1 123 ? -5.199  10.005  12.958  1.00 53.08 ? 123  THR A OG1 1 
ATOM   991  C  CG2 . THR A 1 123 ? -3.690  11.330  14.255  1.00 53.48 ? 123  THR A CG2 1 
ATOM   992  N  N   . LYS A 1 124 ? -2.824  12.175  10.241  1.00 54.21 ? 124  LYS A N   1 
ATOM   993  C  CA  . LYS A 1 124 ? -1.604  12.604  9.527   1.00 54.33 ? 124  LYS A CA  1 
ATOM   994  C  C   . LYS A 1 124 ? -1.677  12.582  7.994   1.00 54.66 ? 124  LYS A C   1 
ATOM   995  O  O   . LYS A 1 124 ? -0.651  12.356  7.329   1.00 54.53 ? 124  LYS A O   1 
ATOM   996  C  CB  . LYS A 1 124 ? -0.387  11.793  9.988   1.00 54.16 ? 124  LYS A CB  1 
ATOM   997  C  CG  . LYS A 1 124 ? 0.286   12.344  11.221  1.00 53.84 ? 124  LYS A CG  1 
ATOM   998  C  CD  . LYS A 1 124 ? 1.496   11.512  11.615  1.00 54.21 ? 124  LYS A CD  1 
ATOM   999  C  CE  . LYS A 1 124 ? 2.765   11.993  10.924  1.00 54.13 ? 124  LYS A CE  1 
ATOM   1000 N  NZ  . LYS A 1 124 ? 3.945   11.206  11.369  1.00 53.93 ? 124  LYS A NZ  1 
ATOM   1001 N  N   . LYS A 1 125 ? -2.867  12.813  7.436   1.00 55.03 ? 125  LYS A N   1 
ATOM   1002 C  CA  . LYS A 1 125 ? -2.964  13.146  6.007   1.00 55.67 ? 125  LYS A CA  1 
ATOM   1003 C  C   . LYS A 1 125 ? -2.532  14.551  5.547   1.00 56.30 ? 125  LYS A C   1 
ATOM   1004 O  O   . LYS A 1 125 ? -3.031  15.560  6.055   1.00 56.49 ? 125  LYS A O   1 
ATOM   1005 C  CB  . LYS A 1 125 ? -4.420  13.144  5.514   1.00 55.46 ? 125  LYS A CB  1 
ATOM   1006 C  CG  . LYS A 1 125 ? -4.566  13.125  3.972   1.00 54.60 ? 125  LYS A CG  1 
ATOM   1007 C  CD  . LYS A 1 125 ? -5.972  13.493  3.481   1.00 52.40 ? 125  LYS A CD  1 
ATOM   1008 C  CE  . LYS A 1 125 ? -6.075  13.431  1.950   1.00 51.65 ? 125  LYS A CE  1 
ATOM   1009 N  NZ  . LYS A 1 125 ? -5.656  14.675  1.221   1.00 50.32 ? 125  LYS A NZ  1 
ATOM   1010 N  N   . ASN A 1 126 ? -1.591  14.604  4.603   1.00 57.04 ? 126  ASN A N   1 
ATOM   1011 C  CA  . ASN A 1 126 ? -0.979  15.863  4.119   1.00 57.71 ? 126  ASN A CA  1 
ATOM   1012 C  C   . ASN A 1 126 ? 0.055   16.663  4.948   1.00 58.08 ? 126  ASN A C   1 
ATOM   1013 O  O   . ASN A 1 126 ? 0.626   17.644  4.452   1.00 58.22 ? 126  ASN A O   1 
ATOM   1014 C  CB  . ASN A 1 126 ? -2.006  17.021  4.069   1.00 57.67 ? 126  ASN A CB  1 
ATOM   1015 C  CG  . ASN A 1 126 ? -3.191  16.743  3.139   1.00 57.87 ? 126  ASN A CG  1 
ATOM   1016 O  OD1 . ASN A 1 126 ? -3.025  16.513  1.927   1.00 57.87 ? 126  ASN A OD1 1 
ATOM   1017 N  ND2 . ASN A 1 126 ? -4.403  16.812  3.701   1.00 56.99 ? 126  ASN A ND2 1 
ATOM   1018 N  N   . GLN A 1 127 ? 0.292   16.242  6.198   1.00 58.27 ? 127  GLN A N   1 
ATOM   1019 C  CA  . GLN A 1 127 ? 1.341   16.846  7.047   1.00 58.50 ? 127  GLN A CA  1 
ATOM   1020 C  C   . GLN A 1 127 ? 2.749   16.658  6.499   1.00 58.77 ? 127  GLN A C   1 
ATOM   1021 O  O   . GLN A 1 127 ? 3.522   17.616  6.390   1.00 58.73 ? 127  GLN A O   1 
ATOM   1022 C  CB  . GLN A 1 127 ? 1.240   16.326  8.477   1.00 58.03 ? 127  GLN A CB  1 
ATOM   1023 C  CG  . GLN A 1 127 ? -0.190  16.268  8.948   1.00 58.62 ? 127  GLN A CG  1 
ATOM   1024 C  CD  . GLN A 1 127 ? -0.316  16.190  10.445  1.00 59.62 ? 127  GLN A CD  1 
ATOM   1025 O  OE1 . GLN A 1 127 ? 0.534   15.621  11.122  1.00 60.59 ? 127  GLN A OE1 1 
ATOM   1026 N  NE2 . GLN A 1 127 ? -1.391  16.760  10.975  1.00 59.85 ? 127  GLN A NE2 1 
ATOM   1027 N  N   . THR A 1 128 ? 3.040   15.413  6.137   1.00 59.28 ? 128  THR A N   1 
ATOM   1028 C  CA  . THR A 1 128 ? 4.290   14.997  5.527   1.00 59.76 ? 128  THR A CA  1 
ATOM   1029 C  C   . THR A 1 128 ? 4.662   15.870  4.341   1.00 60.05 ? 128  THR A C   1 
ATOM   1030 O  O   . THR A 1 128 ? 5.795   16.346  4.255   1.00 60.24 ? 128  THR A O   1 
ATOM   1031 C  CB  . THR A 1 128 ? 4.191   13.520  5.069   1.00 59.86 ? 128  THR A CB  1 
ATOM   1032 O  OG1 . THR A 1 128 ? 4.088   12.674  6.222   1.00 60.35 ? 128  THR A OG1 1 
ATOM   1033 C  CG2 . THR A 1 128 ? 5.401   13.101  4.235   1.00 59.42 ? 128  THR A CG2 1 
ATOM   1034 N  N   . ASP A 1 129 ? 3.701   16.098  3.449   1.00 60.24 ? 129  ASP A N   1 
ATOM   1035 C  CA  . ASP A 1 129 ? 3.951   16.738  2.152   1.00 60.52 ? 129  ASP A CA  1 
ATOM   1036 C  C   . ASP A 1 129 ? 3.624   18.166  1.951   1.00 60.73 ? 129  ASP A C   1 
ATOM   1037 O  O   . ASP A 1 129 ? 3.649   18.650  0.804   1.00 60.85 ? 129  ASP A O   1 
ATOM   1038 C  CB  . ASP A 1 129 ? 3.162   16.009  1.065   1.00 60.52 ? 129  ASP A CB  1 
ATOM   1039 C  CG  . ASP A 1 129 ? 3.746   14.693  0.668   1.00 60.65 ? 129  ASP A CG  1 
ATOM   1040 O  OD1 . ASP A 1 129 ? 4.741   14.692  -0.085  1.00 59.39 ? 129  ASP A OD1 1 
ATOM   1041 O  OD2 . ASP A 1 129 ? 3.211   13.665  1.131   1.00 61.93 ? 129  ASP A OD2 1 
ATOM   1042 N  N   . ASN A 1 130 ? 3.243   18.899  3.058   1.00 60.79 ? 130  ASN A N   1 
ATOM   1043 C  CA  . ASN A 1 130 ? 3.205   20.368  3.150   1.00 60.86 ? 130  ASN A CA  1 
ATOM   1044 C  C   . ASN A 1 130 ? 2.121   20.991  2.336   1.00 60.65 ? 130  ASN A C   1 
ATOM   1045 O  O   . ASN A 1 130 ? 2.089   22.211  2.206   1.00 60.32 ? 130  ASN A O   1 
ATOM   1046 C  CB  . ASN A 1 130 ? 4.602   20.900  2.728   1.00 61.24 ? 130  ASN A CB  1 
ATOM   1047 C  CG  . ASN A 1 130 ? 4.969   22.149  3.479   1.00 61.96 ? 130  ASN A CG  1 
ATOM   1048 O  OD1 . ASN A 1 130 ? 4.135   22.735  4.175   1.00 63.41 ? 130  ASN A OD1 1 
ATOM   1049 N  ND2 . ASN A 1 130 ? 6.237   22.570  3.351   1.00 62.12 ? 130  ASN A ND2 1 
ATOM   1050 N  N   . VAL A 1 131 ? 1.206   20.184  1.804   1.00 60.76 ? 131  VAL A N   1 
ATOM   1051 C  CA  . VAL A 1 131 ? 0.158   20.665  0.899   1.00 60.94 ? 131  VAL A CA  1 
ATOM   1052 C  C   . VAL A 1 131 ? -1.181  20.906  1.606   1.00 60.87 ? 131  VAL A C   1 
ATOM   1053 O  O   . VAL A 1 131 ? -1.408  20.406  2.717   1.00 60.56 ? 131  VAL A O   1 
ATOM   1054 C  CB  . VAL A 1 131 ? -0.057  19.714  -0.320  1.00 61.14 ? 131  VAL A CB  1 
ATOM   1055 C  CG1 . VAL A 1 131 ? 1.247   19.528  -1.108  1.00 60.97 ? 131  VAL A CG1 1 
ATOM   1056 C  CG2 . VAL A 1 131 ? -0.656  18.363  0.123   1.00 61.45 ? 131  VAL A CG2 1 
ATOM   1057 N  N   . GLU A 1 132 ? -2.048  21.679  0.943   1.00 60.89 ? 132  GLU A N   1 
ATOM   1058 C  CA  . GLU A 1 132 ? -3.372  22.030  1.459   1.00 60.95 ? 132  GLU A CA  1 
ATOM   1059 C  C   . GLU A 1 132 ? -4.376  21.305  0.589   1.00 60.49 ? 132  GLU A C   1 
ATOM   1060 O  O   . GLU A 1 132 ? -4.432  21.559  -0.621  1.00 60.64 ? 132  GLU A O   1 
ATOM   1061 C  CB  . GLU A 1 132 ? -3.587  23.547  1.385   1.00 61.30 ? 132  GLU A CB  1 
ATOM   1062 C  CG  . GLU A 1 132 ? -4.499  24.140  2.473   1.00 62.84 ? 132  GLU A CG  1 
ATOM   1063 C  CD  . GLU A 1 132 ? -4.253  25.646  2.717   1.00 64.71 ? 132  GLU A CD  1 
ATOM   1064 O  OE1 . GLU A 1 132 ? -3.513  26.279  1.924   1.00 64.91 ? 132  GLU A OE1 1 
ATOM   1065 O  OE2 . GLU A 1 132 ? -4.797  26.191  3.712   1.00 65.10 ? 132  GLU A OE2 1 
ATOM   1066 N  N   . SER A 1 133 ? -5.145  20.396  1.209   1.00 59.82 ? 133  SER A N   1 
ATOM   1067 C  CA  . SER A 1 133 ? -5.988  19.403  0.503   1.00 59.02 ? 133  SER A CA  1 
ATOM   1068 C  C   . SER A 1 133 ? -7.020  18.767  1.438   1.00 58.44 ? 133  SER A C   1 
ATOM   1069 O  O   . SER A 1 133 ? -6.955  18.968  2.657   1.00 58.37 ? 133  SER A O   1 
ATOM   1070 C  CB  . SER A 1 133 ? -5.115  18.296  -0.121  1.00 59.13 ? 133  SER A CB  1 
ATOM   1071 O  OG  . SER A 1 133 ? -5.894  17.271  -0.721  1.00 58.95 ? 133  SER A OG  1 
ATOM   1072 N  N   . VAL A 1 134 ? -7.942  17.984  0.851   1.00 57.51 ? 134  VAL A N   1 
ATOM   1073 C  CA  . VAL A 1 134 ? -9.056  17.317  1.563   1.00 56.45 ? 134  VAL A CA  1 
ATOM   1074 C  C   . VAL A 1 134 ? -8.653  16.748  2.937   1.00 55.73 ? 134  VAL A C   1 
ATOM   1075 O  O   . VAL A 1 134 ? -7.541  16.225  3.109   1.00 55.60 ? 134  VAL A O   1 
ATOM   1076 C  CB  . VAL A 1 134 ? -9.833  16.258  0.667   1.00 56.42 ? 134  VAL A CB  1 
ATOM   1077 C  CG1 . VAL A 1 134 ? -9.850  16.678  -0.779  1.00 56.23 ? 134  VAL A CG1 1 
ATOM   1078 C  CG2 . VAL A 1 134 ? -9.271  14.852  0.777   1.00 56.64 ? 134  VAL A CG2 1 
ATOM   1079 N  N   . PRO A 1 135 ? -9.549  16.873  3.924   1.00 54.83 ? 135  PRO A N   1 
ATOM   1080 C  CA  . PRO A 1 135 ? -9.109  16.567  5.277   1.00 54.26 ? 135  PRO A CA  1 
ATOM   1081 C  C   . PRO A 1 135 ? -8.774  15.093  5.477   1.00 53.81 ? 135  PRO A C   1 
ATOM   1082 O  O   . PRO A 1 135 ? -7.701  14.788  6.002   1.00 53.92 ? 135  PRO A O   1 
ATOM   1083 C  CB  . PRO A 1 135 ? -10.294 16.991  6.140   1.00 54.21 ? 135  PRO A CB  1 
ATOM   1084 C  CG  . PRO A 1 135 ? -11.469 16.963  5.230   1.00 54.68 ? 135  PRO A CG  1 
ATOM   1085 C  CD  . PRO A 1 135 ? -10.962 17.282  3.865   1.00 54.65 ? 135  PRO A CD  1 
ATOM   1086 N  N   . ASN A 1 136 ? -9.668  14.199  5.031   1.00 53.06 ? 136  ASN A N   1 
ATOM   1087 C  CA  . ASN A 1 136 ? -9.592  12.749  5.323   1.00 51.88 ? 136  ASN A CA  1 
ATOM   1088 C  C   . ASN A 1 136 ? -9.917  11.867  4.117   1.00 51.14 ? 136  ASN A C   1 
ATOM   1089 O  O   . ASN A 1 136 ? -10.669 12.293  3.233   1.00 51.41 ? 136  ASN A O   1 
ATOM   1090 C  CB  . ASN A 1 136 ? -10.552 12.406  6.454   1.00 51.76 ? 136  ASN A CB  1 
ATOM   1091 C  CG  . ASN A 1 136 ? -10.565 10.938  6.777   1.00 51.79 ? 136  ASN A CG  1 
ATOM   1092 O  OD1 . ASN A 1 136 ? -11.589 10.274  6.659   1.00 52.41 ? 136  ASN A OD1 1 
ATOM   1093 N  ND2 . ASN A 1 136 ? -9.426  10.419  7.183   1.00 52.58 ? 136  ASN A ND2 1 
ATOM   1094 N  N   . ILE A 1 137 ? -9.348  10.655  4.073   1.00 49.80 ? 137  ILE A N   1 
ATOM   1095 C  CA  . ILE A 1 137 ? -9.696  9.681   3.032   1.00 48.45 ? 137  ILE A CA  1 
ATOM   1096 C  C   . ILE A 1 137 ? -10.674 8.681   3.611   1.00 47.75 ? 137  ILE A C   1 
ATOM   1097 O  O   . ILE A 1 137 ? -10.337 7.968   4.539   1.00 47.60 ? 137  ILE A O   1 
ATOM   1098 C  CB  . ILE A 1 137 ? -8.476  8.907   2.459   1.00 48.46 ? 137  ILE A CB  1 
ATOM   1099 C  CG1 . ILE A 1 137 ? -7.350  9.853   2.038   1.00 48.00 ? 137  ILE A CG1 1 
ATOM   1100 C  CG2 . ILE A 1 137 ? -8.899  8.009   1.279   1.00 47.81 ? 137  ILE A CG2 1 
ATOM   1101 C  CD1 . ILE A 1 137 ? -6.047  9.147   1.698   1.00 46.63 ? 137  ILE A CD1 1 
ATOM   1102 N  N   . GLY A 1 138 ? -11.881 8.642   3.065   1.00 47.02 ? 138  GLY A N   1 
ATOM   1103 C  CA  . GLY A 1 138 ? -12.924 7.729   3.531   1.00 46.55 ? 138  GLY A CA  1 
ATOM   1104 C  C   . GLY A 1 138 ? -12.529 6.269   3.444   1.00 46.12 ? 138  GLY A C   1 
ATOM   1105 O  O   . GLY A 1 138 ? -12.259 5.741   2.356   1.00 46.26 ? 138  GLY A O   1 
ATOM   1106 N  N   . TYR A 1 139 ? -12.523 5.609   4.597   1.00 45.45 ? 139  TYR A N   1 
ATOM   1107 C  CA  . TYR A 1 139 ? -11.911 4.302   4.715   1.00 45.07 ? 139  TYR A CA  1 
ATOM   1108 C  C   . TYR A 1 139 ? -12.483 3.299   3.739   1.00 45.07 ? 139  TYR A C   1 
ATOM   1109 O  O   . TYR A 1 139 ? -11.853 2.275   3.454   1.00 45.39 ? 139  TYR A O   1 
ATOM   1110 C  CB  . TYR A 1 139 ? -12.010 3.748   6.138   1.00 44.99 ? 139  TYR A CB  1 
ATOM   1111 C  CG  . TYR A 1 139 ? -11.287 2.432   6.252   1.00 45.11 ? 139  TYR A CG  1 
ATOM   1112 C  CD1 . TYR A 1 139 ? -9.913  2.375   6.104   1.00 46.31 ? 139  TYR A CD1 1 
ATOM   1113 C  CD2 . TYR A 1 139 ? -11.973 1.243   6.446   1.00 45.61 ? 139  TYR A CD2 1 
ATOM   1114 C  CE1 . TYR A 1 139 ? -9.229  1.176   6.173   1.00 46.99 ? 139  TYR A CE1 1 
ATOM   1115 C  CE2 . TYR A 1 139 ? -11.296 0.035   6.522   1.00 46.59 ? 139  TYR A CE2 1 
ATOM   1116 C  CZ  . TYR A 1 139 ? -9.918  0.014   6.375   1.00 46.82 ? 139  TYR A CZ  1 
ATOM   1117 O  OH  . TYR A 1 139 ? -9.200  -1.158  6.435   1.00 47.19 ? 139  TYR A OH  1 
ATOM   1118 N  N   . ARG A 1 140 ? -13.674 3.588   3.220   1.00 44.80 ? 140  ARG A N   1 
ATOM   1119 C  CA  . ARG A 1 140 ? -14.378 2.618   2.393   1.00 44.28 ? 140  ARG A CA  1 
ATOM   1120 C  C   . ARG A 1 140 ? -13.589 2.340   1.128   1.00 43.60 ? 140  ARG A C   1 
ATOM   1121 O  O   . ARG A 1 140 ? -13.602 1.224   0.622   1.00 43.68 ? 140  ARG A O   1 
ATOM   1122 C  CB  . ARG A 1 140 ? -15.779 3.106   2.058   1.00 44.43 ? 140  ARG A CB  1 
ATOM   1123 C  CG  . ARG A 1 140 ? -15.823 4.085   0.929   1.00 45.55 ? 140  ARG A CG  1 
ATOM   1124 C  CD  . ARG A 1 140 ? -17.225 4.514   0.680   1.00 47.50 ? 140  ARG A CD  1 
ATOM   1125 N  NE  . ARG A 1 140 ? -17.656 5.452   1.700   1.00 49.68 ? 140  ARG A NE  1 
ATOM   1126 C  CZ  . ARG A 1 140 ? -18.493 6.457   1.473   1.00 51.78 ? 140  ARG A CZ  1 
ATOM   1127 N  NH1 . ARG A 1 140 ? -18.990 6.646   0.252   1.00 51.87 ? 140  ARG A NH1 1 
ATOM   1128 N  NH2 . ARG A 1 140 ? -18.829 7.276   2.467   1.00 53.35 ? 140  ARG A NH2 1 
ATOM   1129 N  N   . TYR A 1 141 ? -12.886 3.362   0.645   1.00 42.71 ? 141  TYR A N   1 
ATOM   1130 C  CA  . TYR A 1 141 ? -12.125 3.266   -0.596  1.00 41.77 ? 141  TYR A CA  1 
ATOM   1131 C  C   . TYR A 1 141 ? -10.817 2.512   -0.408  1.00 40.49 ? 141  TYR A C   1 
ATOM   1132 O  O   . TYR A 1 141 ? -10.307 1.914   -1.353  1.00 40.54 ? 141  TYR A O   1 
ATOM   1133 C  CB  . TYR A 1 141 ? -11.902 4.663   -1.218  1.00 42.36 ? 141  TYR A CB  1 
ATOM   1134 C  CG  . TYR A 1 141 ? -13.202 5.314   -1.675  1.00 43.12 ? 141  TYR A CG  1 
ATOM   1135 C  CD1 . TYR A 1 141 ? -13.884 4.827   -2.793  1.00 43.42 ? 141  TYR A CD1 1 
ATOM   1136 C  CD2 . TYR A 1 141 ? -13.763 6.385   -0.974  1.00 42.21 ? 141  TYR A CD2 1 
ATOM   1137 C  CE1 . TYR A 1 141 ? -15.089 5.390   -3.205  1.00 43.87 ? 141  TYR A CE1 1 
ATOM   1138 C  CE2 . TYR A 1 141 ? -14.968 6.952   -1.384  1.00 42.34 ? 141  TYR A CE2 1 
ATOM   1139 C  CZ  . TYR A 1 141 ? -15.625 6.451   -2.502  1.00 42.65 ? 141  TYR A CZ  1 
ATOM   1140 O  OH  . TYR A 1 141 ? -16.815 6.995   -2.940  1.00 41.93 ? 141  TYR A OH  1 
ATOM   1141 N  N   . LEU A 1 142 ? -10.282 2.543   0.810   1.00 38.83 ? 142  LEU A N   1 
ATOM   1142 C  CA  . LEU A 1 142 ? -9.062  1.820   1.116   1.00 37.22 ? 142  LEU A CA  1 
ATOM   1143 C  C   . LEU A 1 142 ? -9.292  0.341   0.889   1.00 36.61 ? 142  LEU A C   1 
ATOM   1144 O  O   . LEU A 1 142 ? -8.593  -0.322  0.119   1.00 36.38 ? 142  LEU A O   1 
ATOM   1145 C  CB  . LEU A 1 142 ? -8.636  2.079   2.553   1.00 36.81 ? 142  LEU A CB  1 
ATOM   1146 C  CG  . LEU A 1 142 ? -7.427  2.972   2.774   1.00 35.71 ? 142  LEU A CG  1 
ATOM   1147 C  CD1 . LEU A 1 142 ? -7.776  4.405   2.468   1.00 36.28 ? 142  LEU A CD1 1 
ATOM   1148 C  CD2 . LEU A 1 142 ? -6.942  2.836   4.202   1.00 34.42 ? 142  LEU A CD2 1 
ATOM   1149 N  N   . VAL A 1 143 ? -10.314 -0.158  1.556   1.00 36.08 ? 143  VAL A N   1 
ATOM   1150 C  CA  . VAL A 1 143 ? -10.748 -1.523  1.384   1.00 35.84 ? 143  VAL A CA  1 
ATOM   1151 C  C   . VAL A 1 143 ? -10.957 -1.843  -0.094  1.00 35.78 ? 143  VAL A C   1 
ATOM   1152 O  O   . VAL A 1 143 ? -10.565 -2.889  -0.573  1.00 35.58 ? 143  VAL A O   1 
ATOM   1153 C  CB  . VAL A 1 143 ? -12.043 -1.736  2.128   1.00 35.51 ? 143  VAL A CB  1 
ATOM   1154 C  CG1 . VAL A 1 143 ? -12.361 -3.182  2.162   1.00 35.59 ? 143  VAL A CG1 1 
ATOM   1155 C  CG2 . VAL A 1 143 ? -11.909 -1.193  3.530   1.00 35.50 ? 143  VAL A CG2 1 
ATOM   1156 N  N   . ALA A 1 144 ? -11.561 -0.910  -0.808  1.00 36.03 ? 144  ALA A N   1 
ATOM   1157 C  CA  . ALA A 1 144 ? -11.890 -1.093  -2.200  1.00 36.21 ? 144  ALA A CA  1 
ATOM   1158 C  C   . ALA A 1 144 ? -10.630 -1.263  -3.033  1.00 36.71 ? 144  ALA A C   1 
ATOM   1159 O  O   . ALA A 1 144 ? -10.600 -2.042  -3.999  1.00 36.94 ? 144  ALA A O   1 
ATOM   1160 C  CB  . ALA A 1 144 ? -12.678 0.091   -2.679  1.00 36.17 ? 144  ALA A CB  1 
ATOM   1161 N  N   . PHE A 1 145 ? -9.578  -0.552  -2.639  1.00 36.97 ? 145  PHE A N   1 
ATOM   1162 C  CA  . PHE A 1 145 ? -8.369  -0.501  -3.448  1.00 37.14 ? 145  PHE A CA  1 
ATOM   1163 C  C   . PHE A 1 145 ? -7.587  -1.790  -3.430  1.00 37.15 ? 145  PHE A C   1 
ATOM   1164 O  O   . PHE A 1 145 ? -6.511  -1.897  -3.996  1.00 37.28 ? 145  PHE A O   1 
ATOM   1165 C  CB  . PHE A 1 145 ? -7.537  0.720   -3.087  1.00 36.91 ? 145  PHE A CB  1 
ATOM   1166 C  CG  . PHE A 1 145 ? -7.916  1.918   -3.880  1.00 37.20 ? 145  PHE A CG  1 
ATOM   1167 C  CD1 . PHE A 1 145 ? -9.254  2.139   -4.223  1.00 36.63 ? 145  PHE A CD1 1 
ATOM   1168 C  CD2 . PHE A 1 145 ? -6.962  2.810   -4.315  1.00 37.32 ? 145  PHE A CD2 1 
ATOM   1169 C  CE1 . PHE A 1 145 ? -9.632  3.232   -4.984  1.00 36.29 ? 145  PHE A CE1 1 
ATOM   1170 C  CE2 . PHE A 1 145 ? -7.334  3.917   -5.079  1.00 38.11 ? 145  PHE A CE2 1 
ATOM   1171 C  CZ  . PHE A 1 145 ? -8.682  4.118   -5.418  1.00 37.06 ? 145  PHE A CZ  1 
ATOM   1172 N  N   . ILE A 1 146 ? -8.173  -2.785  -2.786  1.00 37.46 ? 146  ILE A N   1 
ATOM   1173 C  CA  . ILE A 1 146 ? -7.625  -4.123  -2.773  1.00 37.21 ? 146  ILE A CA  1 
ATOM   1174 C  C   . ILE A 1 146 ? -7.826  -4.707  -4.150  1.00 37.48 ? 146  ILE A C   1 
ATOM   1175 O  O   . ILE A 1 146 ? -6.928  -5.341  -4.675  1.00 37.43 ? 146  ILE A O   1 
ATOM   1176 C  CB  . ILE A 1 146 ? -8.280  -5.019  -1.685  1.00 36.71 ? 146  ILE A CB  1 
ATOM   1177 C  CG1 . ILE A 1 146 ? -7.971  -4.464  -0.292  1.00 36.08 ? 146  ILE A CG1 1 
ATOM   1178 C  CG2 . ILE A 1 146 ? -7.776  -6.438  -1.802  1.00 36.24 ? 146  ILE A CG2 1 
ATOM   1179 C  CD1 . ILE A 1 146 ? -8.709  -5.132  0.858   1.00 34.63 ? 146  ILE A CD1 1 
ATOM   1180 N  N   . TYR A 1 147 ? -8.988  -4.490  -4.752  1.00 37.90 ? 147  TYR A N   1 
ATOM   1181 C  CA  . TYR A 1 147 ? -9.199  -5.156  -6.015  1.00 38.93 ? 147  TYR A CA  1 
ATOM   1182 C  C   . TYR A 1 147 ? -8.363  -4.604  -7.192  1.00 39.55 ? 147  TYR A C   1 
ATOM   1183 O  O   . TYR A 1 147 ? -7.693  -5.378  -7.885  1.00 39.76 ? 147  TYR A O   1 
ATOM   1184 C  CB  . TYR A 1 147 ? -10.670 -5.318  -6.392  1.00 38.88 ? 147  TYR A CB  1 
ATOM   1185 C  CG  . TYR A 1 147 ? -10.764 -6.083  -7.687  1.00 39.66 ? 147  TYR A CG  1 
ATOM   1186 C  CD1 . TYR A 1 147 ? -10.549 -7.459  -7.712  1.00 40.81 ? 147  TYR A CD1 1 
ATOM   1187 C  CD2 . TYR A 1 147 ? -10.977 -5.433  -8.896  1.00 39.55 ? 147  TYR A CD2 1 
ATOM   1188 C  CE1 . TYR A 1 147 ? -10.589 -8.177  -8.899  1.00 40.84 ? 147  TYR A CE1 1 
ATOM   1189 C  CE2 . TYR A 1 147 ? -11.012 -6.143  -10.086 1.00 40.00 ? 147  TYR A CE2 1 
ATOM   1190 C  CZ  . TYR A 1 147 ? -10.824 -7.514  -10.078 1.00 40.29 ? 147  TYR A CZ  1 
ATOM   1191 O  OH  . TYR A 1 147 ? -10.857 -8.224  -11.246 1.00 40.31 ? 147  TYR A OH  1 
ATOM   1192 N  N   . PRO A 1 148 ? -8.376  -3.275  -7.417  1.00 40.03 ? 148  PRO A N   1 
ATOM   1193 C  CA  . PRO A 1 148 ? -7.617  -2.818  -8.584  1.00 39.85 ? 148  PRO A CA  1 
ATOM   1194 C  C   . PRO A 1 148 ? -6.123  -3.027  -8.385  1.00 39.71 ? 148  PRO A C   1 
ATOM   1195 O  O   . PRO A 1 148 ? -5.471  -3.561  -9.260  1.00 39.76 ? 148  PRO A O   1 
ATOM   1196 C  CB  . PRO A 1 148 ? -7.950  -1.331  -8.673  1.00 39.96 ? 148  PRO A CB  1 
ATOM   1197 C  CG  . PRO A 1 148 ? -8.861  -1.006  -7.481  1.00 40.13 ? 148  PRO A CG  1 
ATOM   1198 C  CD  . PRO A 1 148 ? -8.790  -2.155  -6.546  1.00 40.24 ? 148  PRO A CD  1 
ATOM   1199 N  N   . ILE A 1 149 ? -5.599  -2.645  -7.229  1.00 39.79 ? 149  ILE A N   1 
ATOM   1200 C  CA  . ILE A 1 149 ? -4.196  -2.858  -6.918  1.00 40.35 ? 149  ILE A CA  1 
ATOM   1201 C  C   . ILE A 1 149 ? -3.780  -4.292  -7.125  1.00 41.32 ? 149  ILE A C   1 
ATOM   1202 O  O   . ILE A 1 149 ? -2.585  -4.563  -7.234  1.00 41.56 ? 149  ILE A O   1 
ATOM   1203 C  CB  . ILE A 1 149 ? -3.860  -2.420  -5.487  1.00 40.14 ? 149  ILE A CB  1 
ATOM   1204 C  CG1 . ILE A 1 149 ? -3.090  -1.106  -5.534  1.00 40.37 ? 149  ILE A CG1 1 
ATOM   1205 C  CG2 . ILE A 1 149 ? -3.033  -3.463  -4.755  1.00 39.19 ? 149  ILE A CG2 1 
ATOM   1206 C  CD1 . ILE A 1 149 ? -3.584  -0.068  -4.555  1.00 40.85 ? 149  ILE A CD1 1 
ATOM   1207 N  N   . THR A 1 150 ? -4.767  -5.199  -7.182  1.00 42.48 ? 150  THR A N   1 
ATOM   1208 C  CA  . THR A 1 150 ? -4.538  -6.650  -7.420  1.00 43.01 ? 150  THR A CA  1 
ATOM   1209 C  C   . THR A 1 150 ? -4.704  -7.027  -8.904  1.00 43.80 ? 150  THR A C   1 
ATOM   1210 O  O   . THR A 1 150 ? -3.731  -7.396  -9.555  1.00 43.41 ? 150  THR A O   1 
ATOM   1211 C  CB  . THR A 1 150 ? -5.443  -7.575  -6.531  1.00 42.68 ? 150  THR A CB  1 
ATOM   1212 O  OG1 . THR A 1 150 ? -5.526  -7.073  -5.197  1.00 41.29 ? 150  THR A OG1 1 
ATOM   1213 C  CG2 . THR A 1 150 ? -4.864  -8.947  -6.459  1.00 42.65 ? 150  THR A CG2 1 
ATOM   1214 N  N   . ALA A 1 151 ? -5.931  -6.919  -9.415  1.00 44.92 ? 151  ALA A N   1 
ATOM   1215 C  CA  . ALA A 1 151 ? -6.256  -7.228  -10.807 1.00 46.53 ? 151  ALA A CA  1 
ATOM   1216 C  C   . ALA A 1 151 ? -5.263  -6.654  -11.805 1.00 47.82 ? 151  ALA A C   1 
ATOM   1217 O  O   . ALA A 1 151 ? -4.737  -7.378  -12.655 1.00 48.38 ? 151  ALA A O   1 
ATOM   1218 C  CB  . ALA A 1 151 ? -7.650  -6.737  -11.143 1.00 46.49 ? 151  ALA A CB  1 
ATOM   1219 N  N   . THR A 1 152 ? -5.012  -5.351  -11.698 1.00 49.20 ? 152  THR A N   1 
ATOM   1220 C  CA  . THR A 1 152 ? -4.105  -4.640  -12.602 1.00 50.32 ? 152  THR A CA  1 
ATOM   1221 C  C   . THR A 1 152 ? -2.671  -5.156  -12.560 1.00 51.46 ? 152  THR A C   1 
ATOM   1222 O  O   . THR A 1 152 ? -1.854  -4.745  -13.363 1.00 51.64 ? 152  THR A O   1 
ATOM   1223 C  CB  . THR A 1 152 ? -4.088  -3.125  -12.306 1.00 50.13 ? 152  THR A CB  1 
ATOM   1224 O  OG1 . THR A 1 152 ? -3.501  -2.874  -11.019 1.00 49.72 ? 152  THR A OG1 1 
ATOM   1225 C  CG2 . THR A 1 152 ? -5.499  -2.561  -12.348 1.00 50.35 ? 152  THR A CG2 1 
ATOM   1226 N  N   . MET A 1 153 ? -2.388  -6.059  -11.627 1.00 53.07 ? 153  MET A N   1 
ATOM   1227 C  CA  . MET A 1 153 ? -1.040  -6.553  -11.381 1.00 54.75 ? 153  MET A CA  1 
ATOM   1228 C  C   . MET A 1 153 ? -0.758  -7.871  -12.099 1.00 56.01 ? 153  MET A C   1 
ATOM   1229 O  O   . MET A 1 153 ? 0.399   -8.189  -12.391 1.00 56.02 ? 153  MET A O   1 
ATOM   1230 C  CB  . MET A 1 153 ? -0.844  -6.770  -9.884  1.00 54.78 ? 153  MET A CB  1 
ATOM   1231 C  CG  . MET A 1 153 ? 0.560   -6.570  -9.436  1.00 55.07 ? 153  MET A CG  1 
ATOM   1232 S  SD  . MET A 1 153 ? 1.011   -4.909  -9.940  1.00 56.10 ? 153  MET A SD  1 
ATOM   1233 C  CE  . MET A 1 153 ? 2.407   -4.633  -8.852  1.00 56.20 ? 153  MET A CE  1 
ATOM   1234 N  N   . LYS A 1 154 ? -1.825  -8.640  -12.338 1.00 57.59 ? 154  LYS A N   1 
ATOM   1235 C  CA  . LYS A 1 154 ? -1.761  -9.946  -13.006 1.00 59.03 ? 154  LYS A CA  1 
ATOM   1236 C  C   . LYS A 1 154 ? -0.982  -9.853  -14.318 1.00 60.10 ? 154  LYS A C   1 
ATOM   1237 O  O   . LYS A 1 154 ? -0.017  -10.596 -14.516 1.00 59.82 ? 154  LYS A O   1 
ATOM   1238 C  CB  . LYS A 1 154 ? -3.186  -10.499 -13.238 1.00 58.96 ? 154  LYS A CB  1 
ATOM   1239 C  CG  . LYS A 1 154 ? -3.303  -11.753 -14.129 1.00 59.27 ? 154  LYS A CG  1 
ATOM   1240 C  CD  . LYS A 1 154 ? -2.956  -13.057 -13.385 1.00 59.22 ? 154  LYS A CD  1 
ATOM   1241 C  CE  . LYS A 1 154 ? -3.881  -14.210 -13.786 1.00 58.77 ? 154  LYS A CE  1 
ATOM   1242 N  NZ  . LYS A 1 154 ? -3.392  -15.519 -13.269 1.00 58.26 ? 154  LYS A NZ  1 
ATOM   1243 N  N   . PRO A 1 155 ? -1.382  -8.914  -15.199 1.00 61.44 ? 155  PRO A N   1 
ATOM   1244 C  CA  . PRO A 1 155 ? -0.733  -8.783  -16.497 1.00 62.52 ? 155  PRO A CA  1 
ATOM   1245 C  C   . PRO A 1 155 ? 0.769   -8.553  -16.365 1.00 63.51 ? 155  PRO A C   1 
ATOM   1246 O  O   . PRO A 1 155 ? 1.559   -9.265  -16.990 1.00 63.64 ? 155  PRO A O   1 
ATOM   1247 C  CB  . PRO A 1 155 ? -1.413  -7.546  -17.098 1.00 62.63 ? 155  PRO A CB  1 
ATOM   1248 C  CG  . PRO A 1 155 ? -2.742  -7.478  -16.409 1.00 62.31 ? 155  PRO A CG  1 
ATOM   1249 C  CD  . PRO A 1 155 ? -2.432  -7.892  -15.019 1.00 61.55 ? 155  PRO A CD  1 
ATOM   1250 N  N   . PHE A 1 156 ? 1.146   -7.577  -15.544 1.00 64.68 ? 156  PHE A N   1 
ATOM   1251 C  CA  . PHE A 1 156 ? 2.548   -7.230  -15.330 1.00 65.89 ? 156  PHE A CA  1 
ATOM   1252 C  C   . PHE A 1 156 ? 3.373   -8.414  -14.830 1.00 66.84 ? 156  PHE A C   1 
ATOM   1253 O  O   . PHE A 1 156 ? 4.542   -8.554  -15.188 1.00 67.08 ? 156  PHE A O   1 
ATOM   1254 C  CB  . PHE A 1 156 ? 2.671   -6.077  -14.330 1.00 65.82 ? 156  PHE A CB  1 
ATOM   1255 C  CG  . PHE A 1 156 ? 2.297   -4.738  -14.887 1.00 65.59 ? 156  PHE A CG  1 
ATOM   1256 C  CD1 . PHE A 1 156 ? 0.970   -4.337  -14.944 1.00 66.18 ? 156  PHE A CD1 1 
ATOM   1257 C  CD2 . PHE A 1 156 ? 3.276   -3.867  -15.340 1.00 65.98 ? 156  PHE A CD2 1 
ATOM   1258 C  CE1 . PHE A 1 156 ? 0.618   -3.087  -15.455 1.00 66.66 ? 156  PHE A CE1 1 
ATOM   1259 C  CE2 . PHE A 1 156 ? 2.938   -2.615  -15.851 1.00 66.34 ? 156  PHE A CE2 1 
ATOM   1260 C  CZ  . PHE A 1 156 ? 1.606   -2.224  -15.906 1.00 66.31 ? 156  PHE A CZ  1 
ATOM   1261 N  N   . LEU A 1 157 ? 2.772   -9.266  -14.007 1.00 67.99 ? 157  LEU A N   1 
ATOM   1262 C  CA  . LEU A 1 157 ? 3.524   -10.353 -13.392 1.00 69.38 ? 157  LEU A CA  1 
ATOM   1263 C  C   . LEU A 1 157 ? 4.015   -11.399 -14.404 1.00 70.40 ? 157  LEU A C   1 
ATOM   1264 O  O   . LEU A 1 157 ? 4.993   -12.119 -14.148 1.00 70.62 ? 157  LEU A O   1 
ATOM   1265 C  CB  . LEU A 1 157 ? 2.720   -10.980 -12.246 1.00 69.30 ? 157  LEU A CB  1 
ATOM   1266 C  CG  . LEU A 1 157 ? 2.762   -10.168 -10.939 1.00 69.54 ? 157  LEU A CG  1 
ATOM   1267 C  CD1 . LEU A 1 157 ? 1.456   -10.248 -10.154 1.00 70.00 ? 157  LEU A CD1 1 
ATOM   1268 C  CD2 . LEU A 1 157 ? 3.943   -10.569 -10.061 1.00 68.89 ? 157  LEU A CD2 1 
ATOM   1269 N  N   . ALA A 1 158 ? 3.362   -11.439 -15.569 1.00 71.52 ? 158  ALA A N   1 
ATOM   1270 C  CA  . ALA A 1 158 ? 3.608   -12.462 -16.595 1.00 72.24 ? 158  ALA A CA  1 
ATOM   1271 C  C   . ALA A 1 158 ? 4.267   -11.933 -17.875 1.00 72.70 ? 158  ALA A C   1 
ATOM   1272 O  O   . ALA A 1 158 ? 4.482   -12.697 -18.822 1.00 73.01 ? 158  ALA A O   1 
ATOM   1273 C  CB  . ALA A 1 158 ? 2.296   -13.191 -16.934 1.00 72.20 ? 158  ALA A CB  1 
ATOM   1274 N  N   . ARG A 1 159 ? 4.582   -10.641 -17.910 1.00 73.06 ? 159  ARG A N   1 
ATOM   1275 C  CA  . ARG A 1 159 ? 5.197   -10.044 -19.097 1.00 73.44 ? 159  ARG A CA  1 
ATOM   1276 C  C   . ARG A 1 159 ? 6.682   -10.397 -19.225 1.00 73.74 ? 159  ARG A C   1 
ATOM   1277 O  O   . ARG A 1 159 ? 7.156   -10.675 -20.331 1.00 73.98 ? 159  ARG A O   1 
ATOM   1278 C  CB  . ARG A 1 159 ? 5.003   -8.530  -19.113 1.00 73.41 ? 159  ARG A CB  1 
ATOM   1279 C  CG  . ARG A 1 159 ? 5.346   -7.870  -20.440 1.00 73.59 ? 159  ARG A CG  1 
ATOM   1280 C  CD  . ARG A 1 159 ? 5.118   -6.367  -20.387 1.00 74.00 ? 159  ARG A CD  1 
ATOM   1281 N  NE  . ARG A 1 159 ? 3.704   -6.015  -20.240 1.00 74.07 ? 159  ARG A NE  1 
ATOM   1282 C  CZ  . ARG A 1 159 ? 3.254   -4.800  -19.939 1.00 73.62 ? 159  ARG A CZ  1 
ATOM   1283 N  NH1 . ARG A 1 159 ? 4.108   -3.798  -19.738 1.00 73.57 ? 159  ARG A NH1 1 
ATOM   1284 N  NH2 . ARG A 1 159 ? 1.946   -4.587  -19.839 1.00 72.90 ? 159  ARG A NH2 1 
ATOM   1285 N  N   . LYS A 1 160 ? 7.405   -10.393 -18.104 1.00 73.88 ? 160  LYS A N   1 
ATOM   1286 C  CA  . LYS A 1 160 ? 8.826   -10.767 -18.089 1.00 73.95 ? 160  LYS A CA  1 
ATOM   1287 C  C   . LYS A 1 160 ? 8.986   -12.293 -18.229 1.00 74.18 ? 160  LYS A C   1 
ATOM   1288 O  O   . LYS A 1 160 ? 9.956   -12.883 -17.740 1.00 74.15 ? 160  LYS A O   1 
ATOM   1289 C  CB  . LYS A 1 160 ? 9.524   -10.214 -16.828 1.00 73.84 ? 160  LYS A CB  1 
ATOM   1290 C  CG  . LYS A 1 160 ? 11.059  -10.100 -16.907 1.00 73.19 ? 160  LYS A CG  1 
ATOM   1291 C  CD  . LYS A 1 160 ? 11.605  -9.061  -15.936 1.00 72.00 ? 160  LYS A CD  1 
ATOM   1292 C  CE  . LYS A 1 160 ? 11.666  -7.688  -16.593 1.00 71.88 ? 160  LYS A CE  1 
ATOM   1293 N  NZ  . LYS A 1 160 ? 11.208  -6.606  -15.684 1.00 71.29 ? 160  LYS A NZ  1 
ATOM   1294 N  N   . GLY A 1 161 ? 8.016   -12.910 -18.906 1.00 74.38 ? 161  GLY A N   1 
ATOM   1295 C  CA  . GLY A 1 161 ? 8.050   -14.328 -19.251 1.00 74.80 ? 161  GLY A CA  1 
ATOM   1296 C  C   . GLY A 1 161 ? 8.029   -15.260 -18.056 1.00 75.16 ? 161  GLY A C   1 
ATOM   1297 O  O   . GLY A 1 161 ? 9.073   -15.533 -17.454 1.00 75.30 ? 161  GLY A O   1 
ATOM   1298 N  N   . HIS A 1 162 ? 6.838   -15.748 -17.712 1.00 75.27 ? 162  HIS A N   1 
ATOM   1299 C  CA  . HIS A 1 162 ? 6.674   -16.714 -16.626 1.00 75.28 ? 162  HIS A CA  1 
ATOM   1300 C  C   . HIS A 1 162 ? 5.556   -17.682 -16.962 1.00 75.36 ? 162  HIS A C   1 
ATOM   1301 O  O   . HIS A 1 162 ? 4.558   -17.296 -17.572 1.00 75.39 ? 162  HIS A O   1 
ATOM   1302 C  CB  . HIS A 1 162 ? 6.390   -16.010 -15.297 1.00 75.26 ? 162  HIS A CB  1 
ATOM   1303 C  CG  . HIS A 1 162 ? 7.619   -15.686 -14.504 1.00 75.25 ? 162  HIS A CG  1 
ATOM   1304 N  ND1 . HIS A 1 162 ? 8.315   -16.637 -13.786 1.00 75.52 ? 162  HIS A ND1 1 
ATOM   1305 C  CD2 . HIS A 1 162 ? 8.266   -14.514 -14.298 1.00 75.23 ? 162  HIS A CD2 1 
ATOM   1306 C  CE1 . HIS A 1 162 ? 9.343   -16.068 -13.181 1.00 75.00 ? 162  HIS A CE1 1 
ATOM   1307 N  NE2 . HIS A 1 162 ? 9.334   -14.780 -13.473 1.00 75.56 ? 162  HIS A NE2 1 
ATOM   1308 N  N   . THR A 1 163 ? 5.726   -18.933 -16.543 1.00 75.49 ? 163  THR A N   1 
ATOM   1309 C  CA  . THR A 1 163 ? 4.849   -20.045 -16.946 1.00 75.61 ? 163  THR A CA  1 
ATOM   1310 C  C   . THR A 1 163 ? 3.577   -19.586 -16.229 1.00 75.40 ? 163  THR A C   1 
ATOM   1311 O  O   . THR A 1 163 ? 3.659   -18.989 -15.152 1.00 75.75 ? 163  THR A O   1 
ATOM   1312 C  CB  . THR A 1 163 ? 5.587   -21.401 -16.834 1.00 75.78 ? 163  THR A CB  1 
ATOM   1313 O  OG1 . THR A 1 163 ? 5.559   -21.872 -15.476 1.00 75.74 ? 163  THR A OG1 1 
ATOM   1314 C  CG2 . THR A 1 163 ? 7.044   -21.257 -17.302 1.00 76.37 ? 163  THR A CG2 1 
ATOM   1315 N  N   . PRO A 1 164 ? 2.402   -19.881 -16.811 1.00 75.07 ? 164  PRO A N   1 
ATOM   1316 C  CA  . PRO A 1 164 ? 1.033   -19.773 -16.268 1.00 75.00 ? 164  PRO A CA  1 
ATOM   1317 C  C   . PRO A 1 164 ? 0.607   -20.394 -14.885 1.00 74.82 ? 164  PRO A C   1 
ATOM   1318 O  O   . PRO A 1 164 ? -0.545  -20.191 -14.475 1.00 74.89 ? 164  PRO A O   1 
ATOM   1319 C  CB  . PRO A 1 164 ? 0.187   -20.304 -17.427 1.00 74.93 ? 164  PRO A CB  1 
ATOM   1320 C  CG  . PRO A 1 164 ? 0.915   -19.745 -18.640 1.00 75.08 ? 164  PRO A CG  1 
ATOM   1321 C  CD  . PRO A 1 164 ? 2.394   -19.619 -18.263 1.00 74.93 ? 164  PRO A CD  1 
ATOM   1322 N  N   . GLU A 1 165 ? 1.492   -21.119 -14.188 1.00 74.45 ? 165  GLU A N   1 
ATOM   1323 C  CA  . GLU A 1 165 ? 1.190   -21.648 -12.837 1.00 74.20 ? 165  GLU A CA  1 
ATOM   1324 C  C   . GLU A 1 165 ? 2.145   -21.160 -11.764 1.00 73.74 ? 165  GLU A C   1 
ATOM   1325 O  O   . GLU A 1 165 ? 1.844   -21.201 -10.566 1.00 73.60 ? 165  GLU A O   1 
ATOM   1326 C  CB  . GLU A 1 165 ? 1.379   -23.169 -12.745 1.00 74.39 ? 165  GLU A CB  1 
ATOM   1327 C  CG  . GLU A 1 165 ? 0.631   -24.006 -13.772 1.00 75.34 ? 165  GLU A CG  1 
ATOM   1328 C  CD  . GLU A 1 165 ? 1.457   -24.277 -15.021 1.00 76.68 ? 165  GLU A CD  1 
ATOM   1329 O  OE1 . GLU A 1 165 ? 2.706   -24.353 -14.909 1.00 77.73 ? 165  GLU A OE1 1 
ATOM   1330 O  OE2 . GLU A 1 165 ? 0.856   -24.412 -16.113 1.00 76.36 ? 165  GLU A OE2 1 
ATOM   1331 N  N   . GLU A 1 166 ? 3.316   -20.734 -12.220 1.00 73.18 ? 166  GLU A N   1 
ATOM   1332 C  CA  . GLU A 1 166 ? 4.320   -20.128 -11.376 1.00 72.69 ? 166  GLU A CA  1 
ATOM   1333 C  C   . GLU A 1 166 ? 3.954   -18.664 -11.190 1.00 71.95 ? 166  GLU A C   1 
ATOM   1334 O  O   . GLU A 1 166 ? 4.200   -18.085 -10.131 1.00 72.13 ? 166  GLU A O   1 
ATOM   1335 C  CB  . GLU A 1 166 ? 5.696   -20.286 -12.018 1.00 72.88 ? 166  GLU A CB  1 
ATOM   1336 C  CG  . GLU A 1 166 ? 6.838   -20.486 -11.033 1.00 74.28 ? 166  GLU A CG  1 
ATOM   1337 C  CD  . GLU A 1 166 ? 7.707   -19.243 -10.869 1.00 76.83 ? 166  GLU A CD  1 
ATOM   1338 O  OE1 . GLU A 1 166 ? 7.600   -18.312 -11.706 1.00 77.50 ? 166  GLU A OE1 1 
ATOM   1339 O  OE2 . GLU A 1 166 ? 8.508   -19.204 -9.905  1.00 77.20 ? 166  GLU A OE2 1 
ATOM   1340 N  N   . VAL A 1 167 ? 3.339   -18.075 -12.214 1.00 70.89 ? 167  VAL A N   1 
ATOM   1341 C  CA  . VAL A 1 167 ? 2.816   -16.712 -12.104 1.00 69.84 ? 167  VAL A CA  1 
ATOM   1342 C  C   . VAL A 1 167 ? 1.661   -16.664 -11.101 1.00 68.92 ? 167  VAL A C   1 
ATOM   1343 O  O   . VAL A 1 167 ? 1.610   -15.761 -10.267 1.00 68.79 ? 167  VAL A O   1 
ATOM   1344 C  CB  . VAL A 1 167 ? 2.407   -16.093 -13.489 1.00 69.94 ? 167  VAL A CB  1 
ATOM   1345 C  CG1 . VAL A 1 167 ? 1.117   -16.706 -14.037 1.00 70.13 ? 167  VAL A CG1 1 
ATOM   1346 C  CG2 . VAL A 1 167 ? 2.261   -14.583 -13.382 1.00 69.90 ? 167  VAL A CG2 1 
ATOM   1347 N  N   . GLU A 1 168 ? 0.771   -17.660 -11.175 1.00 67.68 ? 168  GLU A N   1 
ATOM   1348 C  CA  . GLU A 1 168 ? -0.432  -17.725 -10.344 1.00 66.31 ? 168  GLU A CA  1 
ATOM   1349 C  C   . GLU A 1 168 ? -0.037  -17.656 -8.879  1.00 65.36 ? 168  GLU A C   1 
ATOM   1350 O  O   . GLU A 1 168 ? -0.779  -17.124 -8.056  1.00 65.27 ? 168  GLU A O   1 
ATOM   1351 C  CB  . GLU A 1 168 ? -1.246  -18.994 -10.646 1.00 66.26 ? 168  GLU A CB  1 
ATOM   1352 C  CG  . GLU A 1 168 ? -2.515  -19.188 -9.795  1.00 66.97 ? 168  GLU A CG  1 
ATOM   1353 C  CD  . GLU A 1 168 ? -3.590  -18.119 -10.024 1.00 68.44 ? 168  GLU A CD  1 
ATOM   1354 O  OE1 . GLU A 1 168 ? -3.992  -17.898 -11.183 1.00 69.57 ? 168  GLU A OE1 1 
ATOM   1355 O  OE2 . GLU A 1 168 ? -4.057  -17.503 -9.042  1.00 68.76 ? 168  GLU A OE2 1 
ATOM   1356 N  N   . LYS A 1 169 ? 1.151   -18.163 -8.567  1.00 64.04 ? 169  LYS A N   1 
ATOM   1357 C  CA  . LYS A 1 169 ? 1.637   -18.159 -7.198  1.00 62.84 ? 169  LYS A CA  1 
ATOM   1358 C  C   . LYS A 1 169 ? 2.135   -16.784 -6.776  1.00 61.74 ? 169  LYS A C   1 
ATOM   1359 O  O   . LYS A 1 169 ? 2.152   -16.473 -5.581  1.00 61.66 ? 169  LYS A O   1 
ATOM   1360 C  CB  . LYS A 1 169 ? 2.705   -19.227 -7.011  1.00 63.00 ? 169  LYS A CB  1 
ATOM   1361 C  CG  . LYS A 1 169 ? 2.110   -20.598 -6.802  1.00 63.99 ? 169  LYS A CG  1 
ATOM   1362 C  CD  . LYS A 1 169 ? 3.091   -21.706 -7.125  1.00 65.83 ? 169  LYS A CD  1 
ATOM   1363 C  CE  . LYS A 1 169 ? 2.643   -23.026 -6.490  1.00 66.68 ? 169  LYS A CE  1 
ATOM   1364 N  NZ  . LYS A 1 169 ? 2.712   -23.003 -4.993  1.00 66.52 ? 169  LYS A NZ  1 
ATOM   1365 N  N   . MET A 1 170 ? 2.516   -15.972 -7.766  1.00 60.22 ? 170  MET A N   1 
ATOM   1366 C  CA  . MET A 1 170 ? 2.949   -14.582 -7.556  1.00 58.91 ? 170  MET A CA  1 
ATOM   1367 C  C   . MET A 1 170 ? 1.785   -13.624 -7.257  1.00 57.29 ? 170  MET A C   1 
ATOM   1368 O  O   . MET A 1 170 ? 1.793   -12.908 -6.250  1.00 57.32 ? 170  MET A O   1 
ATOM   1369 C  CB  . MET A 1 170 ? 3.699   -14.080 -8.783  1.00 59.25 ? 170  MET A CB  1 
ATOM   1370 C  CG  . MET A 1 170 ? 4.984   -14.787 -9.028  1.00 60.85 ? 170  MET A CG  1 
ATOM   1371 S  SD  . MET A 1 170 ? 5.636   -14.331 -10.634 1.00 65.00 ? 170  MET A SD  1 
ATOM   1372 C  CE  . MET A 1 170 ? 7.370   -14.772 -10.410 1.00 64.83 ? 170  MET A CE  1 
ATOM   1373 N  N   . TYR A 1 171 ? 0.816   -13.593 -8.170  1.00 54.94 ? 171  TYR A N   1 
ATOM   1374 C  CA  . TYR A 1 171 ? -0.466  -12.936 -7.968  1.00 52.59 ? 171  TYR A CA  1 
ATOM   1375 C  C   . TYR A 1 171 ? -1.045  -13.381 -6.623  1.00 51.09 ? 171  TYR A C   1 
ATOM   1376 O  O   . TYR A 1 171 ? -1.321  -12.540 -5.763  1.00 51.25 ? 171  TYR A O   1 
ATOM   1377 C  CB  . TYR A 1 171 ? -1.386  -13.304 -9.142  1.00 52.82 ? 171  TYR A CB  1 
ATOM   1378 C  CG  . TYR A 1 171 ? -2.827  -12.820 -9.120  1.00 52.63 ? 171  TYR A CG  1 
ATOM   1379 C  CD1 . TYR A 1 171 ? -3.177  -11.573 -9.642  1.00 52.02 ? 171  TYR A CD1 1 
ATOM   1380 C  CD2 . TYR A 1 171 ? -3.852  -13.645 -8.647  1.00 52.87 ? 171  TYR A CD2 1 
ATOM   1381 C  CE1 . TYR A 1 171 ? -4.509  -11.141 -9.652  1.00 52.16 ? 171  TYR A CE1 1 
ATOM   1382 C  CE2 . TYR A 1 171 ? -5.184  -13.218 -8.646  1.00 53.00 ? 171  TYR A CE2 1 
ATOM   1383 C  CZ  . TYR A 1 171 ? -5.506  -11.968 -9.149  1.00 52.55 ? 171  TYR A CZ  1 
ATOM   1384 O  OH  . TYR A 1 171 ? -6.823  -11.552 -9.144  1.00 52.61 ? 171  TYR A OH  1 
ATOM   1385 N  N   . GLN A 1 172 ? -1.185  -14.690 -6.410  1.00 48.78 ? 172  GLN A N   1 
ATOM   1386 C  CA  . GLN A 1 172 ? -1.783  -15.174 -5.172  1.00 46.51 ? 172  GLN A CA  1 
ATOM   1387 C  C   . GLN A 1 172 ? -1.062  -14.632 -3.954  1.00 45.39 ? 172  GLN A C   1 
ATOM   1388 O  O   . GLN A 1 172 ? -1.683  -14.383 -2.920  1.00 45.34 ? 172  GLN A O   1 
ATOM   1389 C  CB  . GLN A 1 172 ? -1.851  -16.696 -5.126  1.00 46.30 ? 172  GLN A CB  1 
ATOM   1390 C  CG  . GLN A 1 172 ? -2.970  -17.295 -5.971  1.00 44.98 ? 172  GLN A CG  1 
ATOM   1391 C  CD  . GLN A 1 172 ? -4.342  -16.718 -5.674  1.00 42.76 ? 172  GLN A CD  1 
ATOM   1392 O  OE1 . GLN A 1 172 ? -4.631  -16.287 -4.560  1.00 41.86 ? 172  GLN A OE1 1 
ATOM   1393 N  NE2 . GLN A 1 172 ? -5.200  -16.718 -6.679  1.00 41.28 ? 172  GLN A NE2 1 
ATOM   1394 N  N   . ALA A 1 173 ? 0.243   -14.431 -4.086  1.00 43.68 ? 173  ALA A N   1 
ATOM   1395 C  CA  . ALA A 1 173 ? 1.018   -13.853 -3.014  1.00 42.35 ? 173  ALA A CA  1 
ATOM   1396 C  C   . ALA A 1 173 ? 0.798   -12.346 -2.910  1.00 41.71 ? 173  ALA A C   1 
ATOM   1397 O  O   . ALA A 1 173 ? 0.701   -11.822 -1.801  1.00 42.22 ? 173  ALA A O   1 
ATOM   1398 C  CB  . ALA A 1 173 ? 2.453   -14.161 -3.192  1.00 42.26 ? 173  ALA A CB  1 
ATOM   1399 N  N   . TRP A 1 174 ? 0.705   -11.639 -4.039  1.00 40.38 ? 174  TRP A N   1 
ATOM   1400 C  CA  . TRP A 1 174 ? 0.406   -10.196 -3.983  1.00 38.82 ? 174  TRP A CA  1 
ATOM   1401 C  C   . TRP A 1 174 ? -0.950  -9.932  -3.359  1.00 38.45 ? 174  TRP A C   1 
ATOM   1402 O  O   . TRP A 1 174 ? -1.094  -9.020  -2.535  1.00 38.42 ? 174  TRP A O   1 
ATOM   1403 C  CB  . TRP A 1 174 ? 0.461   -9.505  -5.341  1.00 38.19 ? 174  TRP A CB  1 
ATOM   1404 C  CG  . TRP A 1 174 ? 0.546   -8.046  -5.143  1.00 36.34 ? 174  TRP A CG  1 
ATOM   1405 C  CD1 . TRP A 1 174 ? -0.482  -7.182  -5.057  1.00 35.21 ? 174  TRP A CD1 1 
ATOM   1406 C  CD2 . TRP A 1 174 ? 1.737   -7.277  -4.928  1.00 36.23 ? 174  TRP A CD2 1 
ATOM   1407 N  NE1 . TRP A 1 174 ? -0.025  -5.901  -4.832  1.00 34.87 ? 174  TRP A NE1 1 
ATOM   1408 C  CE2 . TRP A 1 174 ? 1.335   -5.930  -4.741  1.00 34.71 ? 174  TRP A CE2 1 
ATOM   1409 C  CE3 . TRP A 1 174 ? 3.109   -7.593  -4.887  1.00 36.01 ? 174  TRP A CE3 1 
ATOM   1410 C  CZ2 . TRP A 1 174 ? 2.240   -4.899  -4.527  1.00 33.82 ? 174  TRP A CZ2 1 
ATOM   1411 C  CZ3 . TRP A 1 174 ? 4.015   -6.562  -4.658  1.00 36.39 ? 174  TRP A CZ3 1 
ATOM   1412 C  CH2 . TRP A 1 174 ? 3.570   -5.226  -4.480  1.00 35.11 ? 174  TRP A CH2 1 
ATOM   1413 N  N   . PHE A 1 175 ? -1.931  -10.736 -3.768  1.00 37.64 ? 175  PHE A N   1 
ATOM   1414 C  CA  . PHE A 1 175 ? -3.276  -10.673 -3.233  1.00 36.94 ? 175  PHE A CA  1 
ATOM   1415 C  C   . PHE A 1 175 ? -3.251  -10.635 -1.709  1.00 36.60 ? 175  PHE A C   1 
ATOM   1416 O  O   . PHE A 1 175 ? -3.722  -9.674  -1.109  1.00 36.44 ? 175  PHE A O   1 
ATOM   1417 C  CB  . PHE A 1 175 ? -4.089  -11.878 -3.714  1.00 36.82 ? 175  PHE A CB  1 
ATOM   1418 C  CG  . PHE A 1 175 ? -5.562  -11.816 -3.353  1.00 36.72 ? 175  PHE A CG  1 
ATOM   1419 C  CD1 . PHE A 1 175 ? -6.013  -11.064 -2.256  1.00 35.90 ? 175  PHE A CD1 1 
ATOM   1420 C  CD2 . PHE A 1 175 ? -6.494  -12.533 -4.097  1.00 35.66 ? 175  PHE A CD2 1 
ATOM   1421 C  CE1 . PHE A 1 175 ? -7.355  -11.000 -1.935  1.00 34.86 ? 175  PHE A CE1 1 
ATOM   1422 C  CE2 . PHE A 1 175 ? -7.837  -12.488 -3.763  1.00 35.54 ? 175  PHE A CE2 1 
ATOM   1423 C  CZ  . PHE A 1 175 ? -8.267  -11.716 -2.683  1.00 35.09 ? 175  PHE A CZ  1 
ATOM   1424 N  N   . LYS A 1 176 ? -2.680  -11.676 -1.107  1.00 36.43 ? 176  LYS A N   1 
ATOM   1425 C  CA  . LYS A 1 176 ? -2.682  -11.865 0.344   1.00 36.25 ? 176  LYS A CA  1 
ATOM   1426 C  C   . LYS A 1 176 ? -1.975  -10.735 1.031   1.00 35.93 ? 176  LYS A C   1 
ATOM   1427 O  O   . LYS A 1 176 ? -2.423  -10.279 2.085   1.00 35.80 ? 176  LYS A O   1 
ATOM   1428 C  CB  . LYS A 1 176 ? -1.966  -13.150 0.733   1.00 36.17 ? 176  LYS A CB  1 
ATOM   1429 C  CG  . LYS A 1 176 ? -2.594  -14.415 0.240   1.00 37.39 ? 176  LYS A CG  1 
ATOM   1430 C  CD  . LYS A 1 176 ? -1.723  -15.559 0.723   1.00 40.44 ? 176  LYS A CD  1 
ATOM   1431 C  CE  . LYS A 1 176 ? -1.871  -16.837 -0.097  1.00 40.55 ? 176  LYS A CE  1 
ATOM   1432 N  NZ  . LYS A 1 176 ? -1.148  -17.952 0.583   1.00 40.00 ? 176  LYS A NZ  1 
ATOM   1433 N  N   . ALA A 1 177 ? -0.866  -10.306 0.419   1.00 35.61 ? 177  ALA A N   1 
ATOM   1434 C  CA  . ALA A 1 177 ? 0.033   -9.284  0.969   1.00 35.28 ? 177  ALA A CA  1 
ATOM   1435 C  C   . ALA A 1 177 ? -0.634  -7.915  1.069   1.00 35.11 ? 177  ALA A C   1 
ATOM   1436 O  O   . ALA A 1 177 ? -0.310  -7.121  1.936   1.00 34.83 ? 177  ALA A O   1 
ATOM   1437 C  CB  . ALA A 1 177 ? 1.292   -9.197  0.132   1.00 35.13 ? 177  ALA A CB  1 
ATOM   1438 N  N   . THR A 1 178 ? -1.569  -7.652  0.169   1.00 35.08 ? 178  THR A N   1 
ATOM   1439 C  CA  . THR A 1 178 ? -2.288  -6.404  0.177   1.00 35.17 ? 178  THR A CA  1 
ATOM   1440 C  C   . THR A 1 178 ? -3.329  -6.422  1.278   1.00 35.28 ? 178  THR A C   1 
ATOM   1441 O  O   . THR A 1 178 ? -3.334  -5.546  2.143   1.00 35.94 ? 178  THR A O   1 
ATOM   1442 C  CB  . THR A 1 178 ? -2.963  -6.147  -1.167  1.00 35.00 ? 178  THR A CB  1 
ATOM   1443 O  OG1 . THR A 1 178 ? -1.976  -6.235  -2.196  1.00 35.70 ? 178  THR A OG1 1 
ATOM   1444 C  CG2 . THR A 1 178 ? -3.570  -4.767  -1.189  1.00 34.53 ? 178  THR A CG2 1 
ATOM   1445 N  N   . THR A 1 179 ? -4.202  -7.430  1.246   1.00 35.06 ? 179  THR A N   1 
ATOM   1446 C  CA  . THR A 1 179 ? -5.332  -7.531  2.176   1.00 34.41 ? 179  THR A CA  1 
ATOM   1447 C  C   . THR A 1 179 ? -4.816  -7.363  3.591   1.00 34.37 ? 179  THR A C   1 
ATOM   1448 O  O   . THR A 1 179 ? -5.423  -6.698  4.421   1.00 34.05 ? 179  THR A O   1 
ATOM   1449 C  CB  . THR A 1 179 ? -6.066  -8.873  2.006   1.00 33.99 ? 179  THR A CB  1 
ATOM   1450 O  OG1 . THR A 1 179 ? -6.426  -9.042  0.631   1.00 34.54 ? 179  THR A OG1 1 
ATOM   1451 C  CG2 . THR A 1 179 ? -7.316  -8.896  2.802   1.00 33.62 ? 179  THR A CG2 1 
ATOM   1452 N  N   . LEU A 1 180 ? -3.648  -7.944  3.827   1.00 34.72 ? 180  LEU A N   1 
ATOM   1453 C  CA  . LEU A 1 180 ? -3.040  -7.955  5.126   1.00 34.78 ? 180  LEU A CA  1 
ATOM   1454 C  C   . LEU A 1 180 ? -2.731  -6.525  5.462   1.00 35.20 ? 180  LEU A C   1 
ATOM   1455 O  O   . LEU A 1 180 ? -3.110  -6.049  6.528   1.00 35.88 ? 180  LEU A O   1 
ATOM   1456 C  CB  . LEU A 1 180 ? -1.798  -8.845  5.099   1.00 34.60 ? 180  LEU A CB  1 
ATOM   1457 C  CG  . LEU A 1 180 ? -0.636  -8.764  6.092   1.00 34.83 ? 180  LEU A CG  1 
ATOM   1458 C  CD1 . LEU A 1 180 ? -1.073  -8.849  7.537   1.00 34.98 ? 180  LEU A CD1 1 
ATOM   1459 C  CD2 . LEU A 1 180 ? 0.386   -9.846  5.778   1.00 34.52 ? 180  LEU A CD2 1 
ATOM   1460 N  N   . GLN A 1 181 ? -2.092  -5.815  4.539   1.00 35.35 ? 181  GLN A N   1 
ATOM   1461 C  CA  . GLN A 1 181 ? -1.667  -4.442  4.819   1.00 35.59 ? 181  GLN A CA  1 
ATOM   1462 C  C   . GLN A 1 181 ? -2.861  -3.599  5.150   1.00 35.48 ? 181  GLN A C   1 
ATOM   1463 O  O   . GLN A 1 181 ? -3.027  -3.197  6.301   1.00 35.11 ? 181  GLN A O   1 
ATOM   1464 C  CB  . GLN A 1 181 ? -0.913  -3.842  3.646   1.00 35.38 ? 181  GLN A CB  1 
ATOM   1465 C  CG  . GLN A 1 181 ? 0.171   -4.742  3.173   1.00 37.01 ? 181  GLN A CG  1 
ATOM   1466 C  CD  . GLN A 1 181 ? 1.406   -4.000  2.793   1.00 39.71 ? 181  GLN A CD  1 
ATOM   1467 O  OE1 . GLN A 1 181 ? 1.785   -3.025  3.445   1.00 40.61 ? 181  GLN A OE1 1 
ATOM   1468 N  NE2 . GLN A 1 181 ? 2.061   -4.453  1.729   1.00 40.97 ? 181  GLN A NE2 1 
ATOM   1469 N  N   . VAL A 1 182 ? -3.701  -3.371  4.140   1.00 35.75 ? 182  VAL A N   1 
ATOM   1470 C  CA  . VAL A 1 182 ? -4.913  -2.573  4.287   1.00 36.21 ? 182  VAL A CA  1 
ATOM   1471 C  C   . VAL A 1 182 ? -5.638  -2.933  5.591   1.00 36.83 ? 182  VAL A C   1 
ATOM   1472 O  O   . VAL A 1 182 ? -6.318  -2.083  6.182   1.00 37.01 ? 182  VAL A O   1 
ATOM   1473 C  CB  . VAL A 1 182 ? -5.865  -2.717  3.073   1.00 35.97 ? 182  VAL A CB  1 
ATOM   1474 C  CG1 . VAL A 1 182 ? -7.064  -1.783  3.202   1.00 35.14 ? 182  VAL A CG1 1 
ATOM   1475 C  CG2 . VAL A 1 182 ? -5.126  -2.432  1.781   1.00 36.05 ? 182  VAL A CG2 1 
ATOM   1476 N  N   . ALA A 1 183 ? -5.474  -4.183  6.040   1.00 37.27 ? 183  ALA A N   1 
ATOM   1477 C  CA  . ALA A 1 183 ? -6.111  -4.642  7.280   1.00 37.62 ? 183  ALA A CA  1 
ATOM   1478 C  C   . ALA A 1 183 ? -5.565  -3.830  8.450   1.00 37.85 ? 183  ALA A C   1 
ATOM   1479 O  O   . ALA A 1 183 ? -6.328  -3.227  9.210   1.00 37.95 ? 183  ALA A O   1 
ATOM   1480 C  CB  . ALA A 1 183 ? -5.923  -6.165  7.494   1.00 37.17 ? 183  ALA A CB  1 
ATOM   1481 N  N   . LEU A 1 184 ? -4.242  -3.768  8.551   1.00 38.19 ? 184  LEU A N   1 
ATOM   1482 C  CA  . LEU A 1 184 ? -3.593  -3.002  9.603   1.00 38.36 ? 184  LEU A CA  1 
ATOM   1483 C  C   . LEU A 1 184 ? -3.819  -1.483  9.529   1.00 38.61 ? 184  LEU A C   1 
ATOM   1484 O  O   . LEU A 1 184 ? -3.730  -0.807  10.544  1.00 38.67 ? 184  LEU A O   1 
ATOM   1485 C  CB  . LEU A 1 184 ? -2.096  -3.317  9.659   1.00 38.09 ? 184  LEU A CB  1 
ATOM   1486 C  CG  . LEU A 1 184 ? -1.637  -4.734  10.025  1.00 38.31 ? 184  LEU A CG  1 
ATOM   1487 C  CD1 . LEU A 1 184 ? -0.139  -4.718  10.295  1.00 36.90 ? 184  LEU A CD1 1 
ATOM   1488 C  CD2 . LEU A 1 184 ? -2.396  -5.338  11.225  1.00 37.58 ? 184  LEU A CD2 1 
ATOM   1489 N  N   . TRP A 1 185 ? -4.126  -0.944  8.354   1.00 38.79 ? 185  TRP A N   1 
ATOM   1490 C  CA  . TRP A 1 185 ? -4.171  0.513   8.216   1.00 39.05 ? 185  TRP A CA  1 
ATOM   1491 C  C   . TRP A 1 185 ? -5.363  1.161   8.931   1.00 39.47 ? 185  TRP A C   1 
ATOM   1492 O  O   . TRP A 1 185 ? -5.327  2.333   9.294   1.00 39.44 ? 185  TRP A O   1 
ATOM   1493 C  CB  . TRP A 1 185 ? -4.068  0.922   6.740   1.00 38.76 ? 185  TRP A CB  1 
ATOM   1494 C  CG  . TRP A 1 185 ? -2.774  0.467   6.142   1.00 38.51 ? 185  TRP A CG  1 
ATOM   1495 C  CD1 . TRP A 1 185 ? -1.764  -0.161  6.802   1.00 38.90 ? 185  TRP A CD1 1 
ATOM   1496 C  CD2 . TRP A 1 185 ? -2.321  0.623   4.782   1.00 38.63 ? 185  TRP A CD2 1 
ATOM   1497 N  NE1 . TRP A 1 185 ? -0.722  -0.428  5.949   1.00 39.71 ? 185  TRP A NE1 1 
ATOM   1498 C  CE2 . TRP A 1 185 ? -1.033  0.045   4.702   1.00 39.04 ? 185  TRP A CE2 1 
ATOM   1499 C  CE3 . TRP A 1 185 ? -2.876  1.185   3.628   1.00 37.97 ? 185  TRP A CE3 1 
ATOM   1500 C  CZ2 . TRP A 1 185 ? -0.286  0.020   3.512   1.00 37.80 ? 185  TRP A CZ2 1 
ATOM   1501 C  CZ3 . TRP A 1 185 ? -2.130  1.152   2.443   1.00 36.71 ? 185  TRP A CZ3 1 
ATOM   1502 C  CH2 . TRP A 1 185 ? -0.856  0.574   2.400   1.00 36.58 ? 185  TRP A CH2 1 
ATOM   1503 N  N   . SER A 1 186 ? -6.388  0.362   9.181   1.00 39.97 ? 186  SER A N   1 
ATOM   1504 C  CA  . SER A 1 186 ? -7.656  0.838   9.716   1.00 40.60 ? 186  SER A CA  1 
ATOM   1505 C  C   . SER A 1 186 ? -7.611  1.388   11.151  1.00 41.14 ? 186  SER A C   1 
ATOM   1506 O  O   . SER A 1 186 ? -8.626  1.871   11.659  1.00 41.00 ? 186  SER A O   1 
ATOM   1507 C  CB  . SER A 1 186 ? -8.649  -0.318  9.664   1.00 40.63 ? 186  SER A CB  1 
ATOM   1508 O  OG  . SER A 1 186 ? -8.071  -1.488  10.230  1.00 40.43 ? 186  SER A OG  1 
ATOM   1509 N  N   . TYR A 1 187 ? -6.451  1.313   11.804  1.00 41.73 ? 187  TYR A N   1 
ATOM   1510 C  CA  . TYR A 1 187 ? -6.385  1.513   13.253  1.00 42.51 ? 187  TYR A CA  1 
ATOM   1511 C  C   . TYR A 1 187 ? -6.907  2.875   13.670  1.00 42.85 ? 187  TYR A C   1 
ATOM   1512 O  O   . TYR A 1 187 ? -7.794  2.953   14.524  1.00 43.01 ? 187  TYR A O   1 
ATOM   1513 C  CB  . TYR A 1 187 ? -4.979  1.247   13.817  1.00 42.75 ? 187  TYR A CB  1 
ATOM   1514 C  CG  . TYR A 1 187 ? -4.922  1.195   15.327  1.00 44.56 ? 187  TYR A CG  1 
ATOM   1515 C  CD1 . TYR A 1 187 ? -5.350  0.070   16.028  1.00 46.54 ? 187  TYR A CD1 1 
ATOM   1516 C  CD2 . TYR A 1 187 ? -4.449  2.284   16.059  1.00 47.41 ? 187  TYR A CD2 1 
ATOM   1517 C  CE1 . TYR A 1 187 ? -5.311  0.030   17.433  1.00 49.00 ? 187  TYR A CE1 1 
ATOM   1518 C  CE2 . TYR A 1 187 ? -4.404  2.266   17.462  1.00 49.11 ? 187  TYR A CE2 1 
ATOM   1519 C  CZ  . TYR A 1 187 ? -4.839  1.141   18.144  1.00 50.52 ? 187  TYR A CZ  1 
ATOM   1520 O  OH  . TYR A 1 187 ? -4.788  1.144   19.530  1.00 52.57 ? 187  TYR A OH  1 
ATOM   1521 N  N   . PRO A 1 188 ? -6.395  3.951   13.048  1.00 43.09 ? 188  PRO A N   1 
ATOM   1522 C  CA  . PRO A 1 188 ? -6.849  5.290   13.393  1.00 43.46 ? 188  PRO A CA  1 
ATOM   1523 C  C   . PRO A 1 188 ? -8.304  5.559   12.995  1.00 44.00 ? 188  PRO A C   1 
ATOM   1524 O  O   . PRO A 1 188 ? -8.912  6.514   13.500  1.00 44.38 ? 188  PRO A O   1 
ATOM   1525 C  CB  . PRO A 1 188 ? -5.917  6.179   12.582  1.00 43.46 ? 188  PRO A CB  1 
ATOM   1526 C  CG  . PRO A 1 188 ? -5.554  5.368   11.408  1.00 43.21 ? 188  PRO A CG  1 
ATOM   1527 C  CD  . PRO A 1 188 ? -5.433  3.981   11.934  1.00 43.14 ? 188  PRO A CD  1 
ATOM   1528 N  N   . TYR A 1 189 ? -8.840  4.718   12.104  1.00 44.49 ? 189  TYR A N   1 
ATOM   1529 C  CA  . TYR A 1 189 ? -10.220 4.824   11.591  1.00 44.43 ? 189  TYR A CA  1 
ATOM   1530 C  C   . TYR A 1 189 ? -11.244 4.212   12.497  1.00 45.00 ? 189  TYR A C   1 
ATOM   1531 O  O   . TYR A 1 189 ? -12.376 4.660   12.541  1.00 44.79 ? 189  TYR A O   1 
ATOM   1532 C  CB  . TYR A 1 189 ? -10.354 4.090   10.271  1.00 43.92 ? 189  TYR A CB  1 
ATOM   1533 C  CG  . TYR A 1 189 ? -9.655  4.751   9.142   1.00 41.90 ? 189  TYR A CG  1 
ATOM   1534 C  CD1 . TYR A 1 189 ? -10.239 5.800   8.472   1.00 39.95 ? 189  TYR A CD1 1 
ATOM   1535 C  CD2 . TYR A 1 189 ? -8.410  4.324   8.739   1.00 40.77 ? 189  TYR A CD2 1 
ATOM   1536 C  CE1 . TYR A 1 189 ? -9.607  6.407   7.425   1.00 39.28 ? 189  TYR A CE1 1 
ATOM   1537 C  CE2 . TYR A 1 189 ? -7.770  4.927   7.681   1.00 40.26 ? 189  TYR A CE2 1 
ATOM   1538 C  CZ  . TYR A 1 189 ? -8.377  5.970   7.033   1.00 38.65 ? 189  TYR A CZ  1 
ATOM   1539 O  OH  . TYR A 1 189 ? -7.748  6.585   5.990   1.00 37.94 ? 189  TYR A OH  1 
ATOM   1540 N  N   . VAL A 1 190 ? -10.837 3.161   13.189  1.00 46.16 ? 190  VAL A N   1 
ATOM   1541 C  CA  . VAL A 1 190 ? -11.744 2.334   13.968  1.00 47.53 ? 190  VAL A CA  1 
ATOM   1542 C  C   . VAL A 1 190 ? -11.891 2.861   15.408  1.00 48.47 ? 190  VAL A C   1 
ATOM   1543 O  O   . VAL A 1 190 ? -10.915 3.300   16.006  1.00 49.42 ? 190  VAL A O   1 
ATOM   1544 C  CB  . VAL A 1 190 ? -11.243 0.872   13.928  1.00 47.34 ? 190  VAL A CB  1 
ATOM   1545 C  CG1 . VAL A 1 190 ? -12.061 -0.023  14.821  1.00 48.22 ? 190  VAL A CG1 1 
ATOM   1546 C  CG2 . VAL A 1 190 ? -11.274 0.346   12.502  1.00 47.29 ? 190  VAL A CG2 1 
ATOM   1547 N  N   . LYS A 1 191 ? -13.104 2.845   15.957  1.00 49.37 ? 191  LYS A N   1 
ATOM   1548 C  CA  . LYS A 1 191 ? -13.318 3.194   17.369  1.00 50.21 ? 191  LYS A CA  1 
ATOM   1549 C  C   . LYS A 1 191 ? -12.536 2.232   18.296  1.00 50.96 ? 191  LYS A C   1 
ATOM   1550 O  O   . LYS A 1 191 ? -12.654 1.008   18.167  1.00 51.03 ? 191  LYS A O   1 
ATOM   1551 C  CB  . LYS A 1 191 ? -14.821 3.169   17.708  1.00 50.15 ? 191  LYS A CB  1 
ATOM   1552 C  CG  . LYS A 1 191 ? -15.715 4.063   16.826  1.00 49.74 ? 191  LYS A CG  1 
ATOM   1553 C  CD  . LYS A 1 191 ? -17.102 3.446   16.661  1.00 48.51 ? 191  LYS A CD  1 
ATOM   1554 C  CE  . LYS A 1 191 ? -18.066 4.379   15.951  1.00 48.14 ? 191  LYS A CE  1 
ATOM   1555 N  NZ  . LYS A 1 191 ? -19.408 3.749   15.759  1.00 47.06 ? 191  LYS A NZ  1 
ATOM   1556 N  N   . TYR A 1 192 ? -11.735 2.799   19.203  1.00 51.71 ? 192  TYR A N   1 
ATOM   1557 C  CA  . TYR A 1 192 ? -10.899 2.058   20.180  1.00 52.43 ? 192  TYR A CA  1 
ATOM   1558 C  C   . TYR A 1 192 ? -11.575 0.803   20.724  1.00 52.67 ? 192  TYR A C   1 
ATOM   1559 O  O   . TYR A 1 192 ? -12.728 0.840   21.149  1.00 52.73 ? 192  TYR A O   1 
ATOM   1560 C  CB  . TYR A 1 192 ? -10.495 3.022   21.313  1.00 52.77 ? 192  TYR A CB  1 
ATOM   1561 C  CG  . TYR A 1 192 ? -9.773  2.487   22.559  1.00 53.81 ? 192  TYR A CG  1 
ATOM   1562 C  CD1 . TYR A 1 192 ? -10.487 1.879   23.605  1.00 55.15 ? 192  TYR A CD1 1 
ATOM   1563 C  CD2 . TYR A 1 192 ? -8.394  2.680   22.734  1.00 54.11 ? 192  TYR A CD2 1 
ATOM   1564 C  CE1 . TYR A 1 192 ? -9.837  1.421   24.772  1.00 55.62 ? 192  TYR A CE1 1 
ATOM   1565 C  CE2 . TYR A 1 192 ? -7.737  2.232   23.895  1.00 55.19 ? 192  TYR A CE2 1 
ATOM   1566 C  CZ  . TYR A 1 192 ? -8.465  1.598   24.911  1.00 55.79 ? 192  TYR A CZ  1 
ATOM   1567 O  OH  . TYR A 1 192 ? -7.834  1.141   26.061  1.00 55.61 ? 192  TYR A OH  1 
ATOM   1568 N  N   . GLY A 1 193 ? -10.861 -0.313  20.694  1.00 53.08 ? 193  GLY A N   1 
ATOM   1569 C  CA  . GLY A 1 193 ? -11.398 -1.560  21.231  1.00 53.70 ? 193  GLY A CA  1 
ATOM   1570 C  C   . GLY A 1 193 ? -12.061 -2.457  20.201  1.00 53.99 ? 193  GLY A C   1 
ATOM   1571 O  O   . GLY A 1 193 ? -12.236 -3.654  20.439  1.00 53.85 ? 193  GLY A O   1 
ATOM   1572 N  N   . ASP A 1 194 ? -12.402 -1.882  19.048  1.00 54.54 ? 194  ASP A N   1 
ATOM   1573 C  CA  . ASP A 1 194 ? -13.092 -2.611  17.959  1.00 54.96 ? 194  ASP A CA  1 
ATOM   1574 C  C   . ASP A 1 194 ? -12.186 -3.136  16.818  1.00 54.53 ? 194  ASP A C   1 
ATOM   1575 O  O   . ASP A 1 194 ? -12.641 -3.922  15.975  1.00 54.63 ? 194  ASP A O   1 
ATOM   1576 C  CB  . ASP A 1 194 ? -14.227 -1.755  17.384  1.00 55.32 ? 194  ASP A CB  1 
ATOM   1577 C  CG  . ASP A 1 194 ? -15.198 -1.267  18.456  1.00 56.94 ? 194  ASP A CG  1 
ATOM   1578 O  OD1 . ASP A 1 194 ? -15.608 -2.108  19.303  1.00 58.16 ? 194  ASP A OD1 1 
ATOM   1579 O  OD2 . ASP A 1 194 ? -15.547 -0.051  18.439  1.00 57.38 ? 194  ASP A OD2 1 
ATOM   1580 N  N   . PHE A 1 195 ? -10.917 -2.704  16.820  1.00 53.99 ? 195  PHE A N   1 
ATOM   1581 C  CA  A PHE A 1 195 ? -9.897  -3.110  15.841  0.60 53.37 ? 195  PHE A CA  1 
ATOM   1582 C  CA  B PHE A 1 195 ? -9.930  -3.135  15.815  0.40 53.67 ? 195  PHE A CA  1 
ATOM   1583 C  C   . PHE A 1 195 ? -9.447  -4.591  15.967  1.00 53.48 ? 195  PHE A C   1 
ATOM   1584 O  O   . PHE A 1 195 ? -9.001  -5.655  16.412  1.00 53.23 ? 195  PHE A O   1 
ATOM   1585 C  CB  A PHE A 1 195 ? -8.715  -2.120  15.919  0.60 53.06 ? 195  PHE A CB  1 
ATOM   1586 C  CB  B PHE A 1 195 ? -8.742  -2.166  15.759  0.40 53.59 ? 195  PHE A CB  1 
ATOM   1587 C  CG  A PHE A 1 195 ? -7.547  -2.455  15.024  0.60 51.58 ? 195  PHE A CG  1 
ATOM   1588 C  CG  B PHE A 1 195 ? -8.524  -1.396  17.032  0.40 53.31 ? 195  PHE A CG  1 
ATOM   1589 C  CD1 A PHE A 1 195 ? -7.546  -2.084  13.684  0.60 49.78 ? 195  PHE A CD1 1 
ATOM   1590 C  CD1 B PHE A 1 195 ? -8.084  -2.032  18.179  0.40 52.99 ? 195  PHE A CD1 1 
ATOM   1591 C  CD2 A PHE A 1 195 ? -6.424  -3.100  15.541  0.60 50.14 ? 195  PHE A CD2 1 
ATOM   1592 C  CD2 B PHE A 1 195 ? -8.766  -0.037  17.079  0.40 52.98 ? 195  PHE A CD2 1 
ATOM   1593 C  CE1 A PHE A 1 195 ? -6.462  -2.371  12.871  0.60 48.51 ? 195  PHE A CE1 1 
ATOM   1594 C  CE1 B PHE A 1 195 ? -7.894  -1.331  19.342  0.40 52.54 ? 195  PHE A CE1 1 
ATOM   1595 C  CE2 A PHE A 1 195 ? -5.338  -3.391  14.732  0.60 48.81 ? 195  PHE A CE2 1 
ATOM   1596 C  CE2 B PHE A 1 195 ? -8.565  0.669   18.237  0.40 52.84 ? 195  PHE A CE2 1 
ATOM   1597 C  CZ  A PHE A 1 195 ? -5.358  -3.025  13.397  0.60 48.39 ? 195  PHE A CZ  1 
ATOM   1598 C  CZ  B PHE A 1 195 ? -8.126  0.021   19.371  0.40 52.80 ? 195  PHE A CZ  1 
ATOM   1599 O  OXT A PHE A 1 195 ? -9.318  -4.373  17.174  0.60 53.35 ? 195  PHE A OXT 1 
ATOM   1600 O  OXT B PHE A 1 195 ? -8.837  -4.182  16.955  0.40 53.51 ? 195  PHE A OXT 1 
HETATM 1601 C  CHA . HEM B 2 .   ? -0.396  7.579   0.098   1.00 43.17 ? 200  HEM A CHA 1 
HETATM 1602 C  CHB . HEM B 2 .   ? -0.906  2.929   -1.285  1.00 42.81 ? 200  HEM A CHB 1 
HETATM 1603 C  CHC . HEM B 2 .   ? -5.689  3.551   -0.901  1.00 40.55 ? 200  HEM A CHC 1 
HETATM 1604 C  CHD . HEM B 2 .   ? -4.896  8.241   -1.677  1.00 41.32 ? 200  HEM A CHD 1 
HETATM 1605 C  C1A . HEM B 2 .   ? -0.085  6.262   -0.205  1.00 43.03 ? 200  HEM A C1A 1 
HETATM 1606 C  C2A . HEM B 2 .   ? 1.221   5.607   -0.135  1.00 43.88 ? 200  HEM A C2A 1 
HETATM 1607 C  C3A . HEM B 2 .   ? 1.068   4.329   -0.513  1.00 43.27 ? 200  HEM A C3A 1 
HETATM 1608 C  C4A . HEM B 2 .   ? -0.331  4.119   -0.836  1.00 43.29 ? 200  HEM A C4A 1 
HETATM 1609 C  CMA . HEM B 2 .   ? 2.173   3.255   -0.596  1.00 42.52 ? 200  HEM A CMA 1 
HETATM 1610 C  CAA . HEM B 2 .   ? 2.558   6.266   0.299   1.00 45.13 ? 200  HEM A CAA 1 
HETATM 1611 C  CBA . HEM B 2 .   ? 2.948   5.749   1.678   1.00 47.37 ? 200  HEM A CBA 1 
HETATM 1612 C  CGA . HEM B 2 .   ? 4.330   6.220   2.025   1.00 48.60 ? 200  HEM A CGA 1 
HETATM 1613 O  O1A . HEM B 2 .   ? 5.315   5.465   1.757   1.00 48.91 ? 200  HEM A O1A 1 
HETATM 1614 O  O2A . HEM B 2 .   ? 4.413   7.351   2.580   1.00 49.04 ? 200  HEM A O2A 1 
HETATM 1615 C  C1B . HEM B 2 .   ? -2.250  2.621   -1.180  1.00 41.34 ? 200  HEM A C1B 1 
HETATM 1616 C  C2B . HEM B 2 .   ? -2.851  1.307   -1.064  1.00 39.85 ? 200  HEM A C2B 1 
HETATM 1617 C  C3B . HEM B 2 .   ? -4.177  1.483   -0.957  1.00 40.22 ? 200  HEM A C3B 1 
HETATM 1618 C  C4B . HEM B 2 .   ? -4.455  2.915   -0.988  1.00 40.67 ? 200  HEM A C4B 1 
HETATM 1619 C  CMB . HEM B 2 .   ? -2.077  -0.029  -1.059  1.00 38.41 ? 200  HEM A CMB 1 
HETATM 1620 C  CAB . HEM B 2 .   ? -5.262  0.392   -0.800  1.00 40.95 ? 200  HEM A CAB 1 
HETATM 1621 C  CBB . HEM B 2 .   ? -5.315  -0.686  -1.580  1.00 41.59 ? 200  HEM A CBB 1 
HETATM 1622 C  C1C . HEM B 2 .   ? -5.937  4.866   -1.250  1.00 39.12 ? 200  HEM A C1C 1 
HETATM 1623 C  C2C . HEM B 2 .   ? -7.177  5.452   -1.733  1.00 37.57 ? 200  HEM A C2C 1 
HETATM 1624 C  C3C . HEM B 2 .   ? -6.948  6.739   -1.946  1.00 37.43 ? 200  HEM A C3C 1 
HETATM 1625 C  C4C . HEM B 2 .   ? -5.566  7.034   -1.619  1.00 39.67 ? 200  HEM A C4C 1 
HETATM 1626 C  CMC . HEM B 2 .   ? -8.535  4.757   -1.949  1.00 36.35 ? 200  HEM A CMC 1 
HETATM 1627 C  CAC . HEM B 2 .   ? -7.984  7.728   -2.467  1.00 35.81 ? 200  HEM A CAC 1 
HETATM 1628 C  CBC . HEM B 2 .   ? -7.879  8.032   -3.756  1.00 34.92 ? 200  HEM A CBC 1 
HETATM 1629 C  C1D . HEM B 2 .   ? -3.687  8.545   -1.058  1.00 41.94 ? 200  HEM A C1D 1 
HETATM 1630 C  C2D . HEM B 2 .   ? -3.292  9.836   -0.525  1.00 42.85 ? 200  HEM A C2D 1 
HETATM 1631 C  C3D . HEM B 2 .   ? -1.878  9.642   0.048   1.00 42.55 ? 200  HEM A C3D 1 
HETATM 1632 C  C4D . HEM B 2 .   ? -1.562  8.251   -0.219  1.00 42.38 ? 200  HEM A C4D 1 
HETATM 1633 C  CMD . HEM B 2 .   ? -4.144  11.134  -0.534  1.00 42.93 ? 200  HEM A CMD 1 
HETATM 1634 C  CAD . HEM B 2 .   ? -0.998  10.729  0.722   1.00 44.26 ? 200  HEM A CAD 1 
HETATM 1635 C  CBD . HEM B 2 .   ? -0.812  10.608  2.242   1.00 45.19 ? 200  HEM A CBD 1 
HETATM 1636 C  CGD . HEM B 2 .   ? -0.585  11.987  2.828   1.00 45.56 ? 200  HEM A CGD 1 
HETATM 1637 O  O1D . HEM B 2 .   ? -1.552  12.782  2.770   1.00 44.92 ? 200  HEM A O1D 1 
HETATM 1638 O  O2D . HEM B 2 .   ? 0.534   12.309  3.335   1.00 45.35 ? 200  HEM A O2D 1 
HETATM 1639 N  NA  . HEM B 2 .   ? -0.997  5.326   -0.631  1.00 42.33 ? 200  HEM A NA  1 
HETATM 1640 N  NB  . HEM B 2 .   ? -3.254  3.573   -1.116  1.00 41.17 ? 200  HEM A NB  1 
HETATM 1641 N  NC  . HEM B 2 .   ? -4.981  5.864   -1.199  1.00 40.16 ? 200  HEM A NC  1 
HETATM 1642 N  ND  . HEM B 2 .   ? -2.646  7.654   -0.841  1.00 41.59 ? 200  HEM A ND  1 
HETATM 1643 FE FE  . HEM B 2 .   ? -2.963  5.643   -0.838  1.00 40.44 ? 200  HEM A FE  1 
HETATM 1644 C  C   . CYN C 3 .   ? -2.770  5.670   -3.628  1.00 39.48 ? 201  CYN A C   1 
HETATM 1645 N  N   . CYN C 3 .   ? -2.956  5.768   -4.773  1.00 39.04 ? 201  CYN A N   1 
HETATM 1646 XE XE  . XE  D 4 .   ? -0.268  -1.169  -8.394  0.70 78.74 ? 202  XE  A XE  1 
HETATM 1647 O  O   . HOH E 5 .   ? 14.780  6.330   5.816   1.00 17.30 ? 2001 HOH A O   1 
HETATM 1648 O  O   . HOH E 5 .   ? 9.356   1.935   10.679  1.00 29.22 ? 2002 HOH A O   1 
HETATM 1649 O  O   . HOH E 5 .   ? 4.844   4.672   13.704  1.00 39.14 ? 2003 HOH A O   1 
HETATM 1650 O  O   . HOH E 5 .   ? 2.212   3.829   19.721  1.00 44.47 ? 2004 HOH A O   1 
HETATM 1651 O  O   . HOH E 5 .   ? -2.180  -8.644  21.835  1.00 18.63 ? 2005 HOH A O   1 
HETATM 1652 O  O   . HOH E 5 .   ? 1.366   -6.440  23.616  1.00 35.90 ? 2006 HOH A O   1 
HETATM 1653 O  O   . HOH E 5 .   ? 2.729   -15.642 11.164  1.00 53.08 ? 2007 HOH A O   1 
HETATM 1654 O  O   . HOH E 5 .   ? -2.890  -18.868 16.169  1.00 35.11 ? 2008 HOH A O   1 
HETATM 1655 O  O   . HOH E 5 .   ? 6.516   -16.477 7.368   1.00 11.50 ? 2009 HOH A O   1 
HETATM 1656 O  O   . HOH E 5 .   ? 8.854   -11.322 2.016   1.00 30.82 ? 2010 HOH A O   1 
HETATM 1657 O  O   . HOH E 5 .   ? 12.549  -7.070  -6.147  1.00 35.20 ? 2011 HOH A O   1 
HETATM 1658 O  O   . HOH E 5 .   ? 15.087  -7.372  -12.119 1.00 23.37 ? 2012 HOH A O   1 
HETATM 1659 O  O   . HOH E 5 .   ? -17.198 12.845  -5.157  1.00 33.98 ? 2013 HOH A O   1 
HETATM 1660 O  O   . HOH E 5 .   ? 0.947   19.319  -14.972 1.00 27.27 ? 2014 HOH A O   1 
HETATM 1661 O  O   . HOH E 5 .   ? 8.956   23.819  -1.894  1.00 50.47 ? 2015 HOH A O   1 
HETATM 1662 O  O   . HOH E 5 .   ? 5.022   12.822  8.526   1.00 30.78 ? 2016 HOH A O   1 
HETATM 1663 O  O   . HOH E 5 .   ? 1.081   20.482  6.151   1.00 31.35 ? 2017 HOH A O   1 
HETATM 1664 O  O   . HOH E 5 .   ? -7.935  21.061  4.664   1.00 44.56 ? 2018 HOH A O   1 
HETATM 1665 O  O   . HOH E 5 .   ? -21.481 6.886   4.308   1.00 29.17 ? 2019 HOH A O   1 
HETATM 1666 O  O   . HOH E 5 .   ? -4.513  -20.385 -14.181 1.00 32.66 ? 2020 HOH A O   1 
HETATM 1667 O  O   . HOH E 5 .   ? -5.684  -0.988  20.849  1.00 29.93 ? 2021 HOH A O   1 
HETATM 1668 O  O   . HOH E 5 .   ? -9.535  -3.843  20.064  1.00 22.25 ? 2022 HOH A O   1 
# 
loop_
_pdbx_poly_seq_scheme.asym_id 
_pdbx_poly_seq_scheme.entity_id 
_pdbx_poly_seq_scheme.seq_id 
_pdbx_poly_seq_scheme.mon_id 
_pdbx_poly_seq_scheme.ndb_seq_num 
_pdbx_poly_seq_scheme.pdb_seq_num 
_pdbx_poly_seq_scheme.auth_seq_num 
_pdbx_poly_seq_scheme.pdb_mon_id 
_pdbx_poly_seq_scheme.auth_mon_id 
_pdbx_poly_seq_scheme.pdb_strand_id 
_pdbx_poly_seq_scheme.pdb_ins_code 
_pdbx_poly_seq_scheme.hetero 
A 1 1   MET 1   1   ?   ?   ?   A . n 
A 1 2   SER 2   2   ?   ?   ?   A . n 
A 1 3   VAL 3   3   ?   ?   ?   A . n 
A 1 4   GLU 4   4   ?   ?   ?   A . n 
A 1 5   LYS 5   5   ?   ?   ?   A . n 
A 1 6   ILE 6   6   6   ILE ILE A . n 
A 1 7   PRO 7   7   7   PRO PRO A . n 
A 1 8   GLY 8   8   8   GLY GLY A . n 
A 1 9   TYR 9   9   9   TYR TYR A . n 
A 1 10  THR 10  10  10  THR THR A . n 
A 1 11  TYR 11  11  11  TYR TYR A . n 
A 1 12  GLY 12  12  12  GLY GLY A . n 
A 1 13  GLU 13  13  13  GLU GLU A . n 
A 1 14  THR 14  14  14  THR THR A . n 
A 1 15  GLU 15  15  15  GLU GLU A . n 
A 1 16  ASN 16  16  16  ASN ASN A . n 
A 1 17  ARG 17  17  17  ARG ARG A . n 
A 1 18  ALA 18  18  18  ALA ALA A . n 
A 1 19  PRO 19  19  19  PRO PRO A . n 
A 1 20  PHE 20  20  20  PHE PHE A . n 
A 1 21  ASN 21  21  21  ASN ASN A . n 
A 1 22  LEU 22  22  22  LEU LEU A . n 
A 1 23  GLU 23  23  23  GLU GLU A . n 
A 1 24  ASP 24  24  24  ASP ASP A . n 
A 1 25  LEU 25  25  25  LEU LEU A . n 
A 1 26  LYS 26  26  26  LYS LYS A . n 
A 1 27  LEU 27  27  27  LEU LEU A . n 
A 1 28  LEU 28  28  28  LEU LEU A . n 
A 1 29  LYS 29  29  29  LYS LYS A . n 
A 1 30  GLU 30  30  30  GLU GLU A . n 
A 1 31  ALA 31  31  31  ALA ALA A . n 
A 1 32  VAL 32  32  32  VAL VAL A . n 
A 1 33  MET 33  33  33  MET MET A . n 
A 1 34  PHE 34  34  34  PHE PHE A . n 
A 1 35  THR 35  35  35  THR THR A . n 
A 1 36  ALA 36  36  36  ALA ALA A . n 
A 1 37  GLU 37  37  37  GLU GLU A . n 
A 1 38  ASP 38  38  38  ASP ASP A . n 
A 1 39  GLU 39  39  39  GLU GLU A . n 
A 1 40  GLU 40  40  40  GLU GLU A . n 
A 1 41  TYR 41  41  41  TYR TYR A . n 
A 1 42  ILE 42  42  42  ILE ILE A . n 
A 1 43  GLN 43  43  43  GLN GLN A . n 
A 1 44  LYS 44  44  44  LYS LYS A . n 
A 1 45  ALA 45  45  45  ALA ALA A . n 
A 1 46  GLY 46  46  46  GLY GLY A . n 
A 1 47  GLU 47  47  47  GLU GLU A . n 
A 1 48  VAL 48  48  48  VAL VAL A . n 
A 1 49  LEU 49  49  49  LEU LEU A . n 
A 1 50  GLU 50  50  50  GLU GLU A . n 
A 1 51  ASP 51  51  51  ASP ASP A . n 
A 1 52  GLN 52  52  52  GLN GLN A . n 
A 1 53  VAL 53  53  53  VAL VAL A . n 
A 1 54  GLU 54  54  54  GLU GLU A . n 
A 1 55  GLU 55  55  55  GLU GLU A . n 
A 1 56  ILE 56  56  56  ILE ILE A . n 
A 1 57  LEU 57  57  57  LEU LEU A . n 
A 1 58  ASP 58  58  58  ASP ASP A . n 
A 1 59  THR 59  59  59  THR THR A . n 
A 1 60  TRP 60  60  60  TRP TRP A . n 
A 1 61  TYR 61  61  61  TYR TYR A . n 
A 1 62  GLY 62  62  62  GLY GLY A . n 
A 1 63  PHE 63  63  63  PHE PHE A . n 
A 1 64  VAL 64  64  64  VAL VAL A . n 
A 1 65  GLY 65  65  65  GLY GLY A . n 
A 1 66  SER 66  66  66  SER SER A . n 
A 1 67  HIS 67  67  67  HIS HIS A . n 
A 1 68  PRO 68  68  68  PRO PRO A . n 
A 1 69  HIS 69  69  69  HIS HIS A . n 
A 1 70  LEU 70  70  70  LEU LEU A . n 
A 1 71  LEU 71  71  71  LEU LEU A . n 
A 1 72  TYR 72  72  72  TYR TYR A . n 
A 1 73  TYR 73  73  73  TYR TYR A . n 
A 1 74  PHE 74  74  74  PHE PHE A . n 
A 1 75  THR 75  75  75  THR THR A . n 
A 1 76  SER 76  76  76  SER SER A . n 
A 1 77  PRO 77  77  77  PRO PRO A . n 
A 1 78  ASP 78  78  78  ASP ASP A . n 
A 1 79  GLY 79  79  79  GLY GLY A . n 
A 1 80  THR 80  80  80  THR THR A . n 
A 1 81  PRO 81  81  81  PRO PRO A . n 
A 1 82  ASN 82  82  82  ASN ASN A . n 
A 1 83  GLU 83  83  83  GLU GLU A . n 
A 1 84  LYS 84  84  84  LYS LYS A . n 
A 1 85  TYR 85  85  85  TYR TYR A . n 
A 1 86  LEU 86  86  86  LEU LEU A . n 
A 1 87  ALA 87  87  87  ALA ALA A . n 
A 1 88  ALA 88  88  88  ALA ALA A . n 
A 1 89  VAL 89  89  89  VAL VAL A . n 
A 1 90  ARG 90  90  90  ARG ARG A . n 
A 1 91  LYS 91  91  91  LYS LYS A . n 
A 1 92  ARG 92  92  92  ARG ARG A . n 
A 1 93  PHE 93  93  93  PHE PHE A . n 
A 1 94  SER 94  94  94  SER SER A . n 
A 1 95  ARG 95  95  95  ARG ARG A . n 
A 1 96  TRP 96  96  96  TRP TRP A . n 
A 1 97  ILE 97  97  97  ILE ILE A . n 
A 1 98  LEU 98  98  98  LEU LEU A . n 
A 1 99  ASP 99  99  99  ASP ASP A . n 
A 1 100 THR 100 100 100 THR THR A . n 
A 1 101 SER 101 101 101 SER SER A . n 
A 1 102 ASN 102 102 102 ASN ASN A . n 
A 1 103 ARG 103 103 103 ARG ARG A . n 
A 1 104 SER 104 104 104 SER SER A . n 
A 1 105 TYR 105 105 105 TYR TYR A . n 
A 1 106 ASP 106 106 106 ASP ASP A . n 
A 1 107 GLN 107 107 107 GLN GLN A . n 
A 1 108 ALA 108 108 108 ALA ALA A . n 
A 1 109 TRP 109 109 109 TRP TRP A . n 
A 1 110 LEU 110 110 110 LEU LEU A . n 
A 1 111 ASP 111 111 111 ASP ASP A . n 
A 1 112 TYR 112 112 112 TYR TYR A . n 
A 1 113 GLN 113 113 113 GLN GLN A . n 
A 1 114 TYR 114 114 114 TYR TYR A . n 
A 1 115 GLU 115 115 115 GLU GLU A . n 
A 1 116 ILE 116 116 116 ILE ILE A . n 
A 1 117 GLY 117 117 117 GLY GLY A . n 
A 1 118 LEU 118 118 118 LEU LEU A . n 
A 1 119 ARG 119 119 119 ARG ARG A . n 
A 1 120 HIS 120 120 120 HIS HIS A . n 
A 1 121 HIS 121 121 121 HIS HIS A . n 
A 1 122 ARG 122 122 122 ARG ARG A . n 
A 1 123 THR 123 123 123 THR THR A . n 
A 1 124 LYS 124 124 124 LYS LYS A . n 
A 1 125 LYS 125 125 125 LYS LYS A . n 
A 1 126 ASN 126 126 126 ASN ASN A . n 
A 1 127 GLN 127 127 127 GLN GLN A . n 
A 1 128 THR 128 128 128 THR THR A . n 
A 1 129 ASP 129 129 129 ASP ASP A . n 
A 1 130 ASN 130 130 130 ASN ASN A . n 
A 1 131 VAL 131 131 131 VAL VAL A . n 
A 1 132 GLU 132 132 132 GLU GLU A . n 
A 1 133 SER 133 133 133 SER SER A . n 
A 1 134 VAL 134 134 134 VAL VAL A . n 
A 1 135 PRO 135 135 135 PRO PRO A . n 
A 1 136 ASN 136 136 136 ASN ASN A . n 
A 1 137 ILE 137 137 137 ILE ILE A . n 
A 1 138 GLY 138 138 138 GLY GLY A . n 
A 1 139 TYR 139 139 139 TYR TYR A . n 
A 1 140 ARG 140 140 140 ARG ARG A . n 
A 1 141 TYR 141 141 141 TYR TYR A . n 
A 1 142 LEU 142 142 142 LEU LEU A . n 
A 1 143 VAL 143 143 143 VAL VAL A . n 
A 1 144 ALA 144 144 144 ALA ALA A . n 
A 1 145 PHE 145 145 145 PHE PHE A . n 
A 1 146 ILE 146 146 146 ILE ILE A . n 
A 1 147 TYR 147 147 147 TYR TYR A . n 
A 1 148 PRO 148 148 148 PRO PRO A . n 
A 1 149 ILE 149 149 149 ILE ILE A . n 
A 1 150 THR 150 150 150 THR THR A . n 
A 1 151 ALA 151 151 151 ALA ALA A . n 
A 1 152 THR 152 152 152 THR THR A . n 
A 1 153 MET 153 153 153 MET MET A . n 
A 1 154 LYS 154 154 154 LYS LYS A . n 
A 1 155 PRO 155 155 155 PRO PRO A . n 
A 1 156 PHE 156 156 156 PHE PHE A . n 
A 1 157 LEU 157 157 157 LEU LEU A . n 
A 1 158 ALA 158 158 158 ALA ALA A . n 
A 1 159 ARG 159 159 159 ARG ARG A . n 
A 1 160 LYS 160 160 160 LYS LYS A . n 
A 1 161 GLY 161 161 161 GLY GLY A . n 
A 1 162 HIS 162 162 162 HIS HIS A . n 
A 1 163 THR 163 163 163 THR THR A . n 
A 1 164 PRO 164 164 164 PRO PRO A . n 
A 1 165 GLU 165 165 165 GLU GLU A . n 
A 1 166 GLU 166 166 166 GLU GLU A . n 
A 1 167 VAL 167 167 167 VAL VAL A . n 
A 1 168 GLU 168 168 168 GLU GLU A . n 
A 1 169 LYS 169 169 169 LYS LYS A . n 
A 1 170 MET 170 170 170 MET MET A . n 
A 1 171 TYR 171 171 171 TYR TYR A . n 
A 1 172 GLN 172 172 172 GLN GLN A . n 
A 1 173 ALA 173 173 173 ALA ALA A . n 
A 1 174 TRP 174 174 174 TRP TRP A . n 
A 1 175 PHE 175 175 175 PHE PHE A . n 
A 1 176 LYS 176 176 176 LYS LYS A . n 
A 1 177 ALA 177 177 177 ALA ALA A . n 
A 1 178 THR 178 178 178 THR THR A . n 
A 1 179 THR 179 179 179 THR THR A . n 
A 1 180 LEU 180 180 180 LEU LEU A . n 
A 1 181 GLN 181 181 181 GLN GLN A . n 
A 1 182 VAL 182 182 182 VAL VAL A . n 
A 1 183 ALA 183 183 183 ALA ALA A . n 
A 1 184 LEU 184 184 184 LEU LEU A . n 
A 1 185 TRP 185 185 185 TRP TRP A . n 
A 1 186 SER 186 186 186 SER SER A . n 
A 1 187 TYR 187 187 187 TYR TYR A . n 
A 1 188 PRO 188 188 188 PRO PRO A . n 
A 1 189 TYR 189 189 189 TYR TYR A . n 
A 1 190 VAL 190 190 190 VAL VAL A . n 
A 1 191 LYS 191 191 191 LYS LYS A . n 
A 1 192 TYR 192 192 192 TYR TYR A . n 
A 1 193 GLY 193 193 193 GLY GLY A . n 
A 1 194 ASP 194 194 194 ASP ASP A . n 
A 1 195 PHE 195 195 195 PHE PHE A . n 
# 
loop_
_pdbx_nonpoly_scheme.asym_id 
_pdbx_nonpoly_scheme.entity_id 
_pdbx_nonpoly_scheme.mon_id 
_pdbx_nonpoly_scheme.ndb_seq_num 
_pdbx_nonpoly_scheme.pdb_seq_num 
_pdbx_nonpoly_scheme.auth_seq_num 
_pdbx_nonpoly_scheme.pdb_mon_id 
_pdbx_nonpoly_scheme.auth_mon_id 
_pdbx_nonpoly_scheme.pdb_strand_id 
_pdbx_nonpoly_scheme.pdb_ins_code 
B 2 HEM 1  200  200  HEM HEM A . 
C 3 CYN 1  201  201  CYN CYN A . 
D 4 XE  1  202  202  XE  XE  A . 
E 5 HOH 1  2001 2001 HOH HOH A . 
E 5 HOH 2  2002 2002 HOH HOH A . 
E 5 HOH 3  2003 2003 HOH HOH A . 
E 5 HOH 4  2004 2004 HOH HOH A . 
E 5 HOH 5  2005 2005 HOH HOH A . 
E 5 HOH 6  2006 2006 HOH HOH A . 
E 5 HOH 7  2007 2007 HOH HOH A . 
E 5 HOH 8  2008 2008 HOH HOH A . 
E 5 HOH 9  2009 2009 HOH HOH A . 
E 5 HOH 10 2010 2010 HOH HOH A . 
E 5 HOH 11 2011 2011 HOH HOH A . 
E 5 HOH 12 2012 2012 HOH HOH A . 
E 5 HOH 13 2013 2013 HOH HOH A . 
E 5 HOH 14 2014 2014 HOH HOH A . 
E 5 HOH 15 2015 2015 HOH HOH A . 
E 5 HOH 16 2016 2016 HOH HOH A . 
E 5 HOH 17 2017 2017 HOH HOH A . 
E 5 HOH 18 2018 2018 HOH HOH A . 
E 5 HOH 19 2019 2019 HOH HOH A . 
E 5 HOH 20 2020 2020 HOH HOH A . 
E 5 HOH 21 2021 2021 HOH HOH A . 
E 5 HOH 22 2022 2022 HOH HOH A . 
# 
_pdbx_struct_assembly.id                   1 
_pdbx_struct_assembly.details              author_and_software_defined_assembly 
_pdbx_struct_assembly.method_details       PISA 
_pdbx_struct_assembly.oligomeric_details   dimeric 
_pdbx_struct_assembly.oligomeric_count     2 
# 
_pdbx_struct_assembly_gen.assembly_id       1 
_pdbx_struct_assembly_gen.oper_expression   1,2 
_pdbx_struct_assembly_gen.asym_id_list      A,B,C,D,E 
# 
loop_
_pdbx_struct_assembly_prop.biol_id 
_pdbx_struct_assembly_prop.type 
_pdbx_struct_assembly_prop.value 
_pdbx_struct_assembly_prop.details 
1 'ABSA (A^2)' 6730  ? 
1 MORE         -74.3 ? 
1 'SSA (A^2)'  15860 ? 
# 
loop_
_pdbx_struct_oper_list.id 
_pdbx_struct_oper_list.type 
_pdbx_struct_oper_list.name 
_pdbx_struct_oper_list.symmetry_operation 
_pdbx_struct_oper_list.matrix[1][1] 
_pdbx_struct_oper_list.matrix[1][2] 
_pdbx_struct_oper_list.matrix[1][3] 
_pdbx_struct_oper_list.vector[1] 
_pdbx_struct_oper_list.matrix[2][1] 
_pdbx_struct_oper_list.matrix[2][2] 
_pdbx_struct_oper_list.matrix[2][3] 
_pdbx_struct_oper_list.vector[2] 
_pdbx_struct_oper_list.matrix[3][1] 
_pdbx_struct_oper_list.matrix[3][2] 
_pdbx_struct_oper_list.matrix[3][3] 
_pdbx_struct_oper_list.vector[3] 
1 'identity operation'         1_555 x,y,z   1.0000000000  0.0000000000  0.0000000000  0.0000000000   0.0000000000  1.0000000000  0.0000000000 0.0000000000   0.0000000000  0.0000000000 1.0000000000 0.0000000000 
2 'crystal symmetry operation' 2_555 -x,y,-z -0.9005553892 -0.2710213588 -0.3399226589 -20.4211464141 -0.2710213588 -0.2613719703 0.9264081801 -11.8858543681 -0.3399226589 0.9264081801 0.1619273595 3.5024068373 
# 
loop_
_pdbx_struct_conn_angle.id 
_pdbx_struct_conn_angle.ptnr1_label_atom_id 
_pdbx_struct_conn_angle.ptnr1_label_alt_id 
_pdbx_struct_conn_angle.ptnr1_label_asym_id 
_pdbx_struct_conn_angle.ptnr1_label_comp_id 
_pdbx_struct_conn_angle.ptnr1_label_seq_id 
_pdbx_struct_conn_angle.ptnr1_auth_atom_id 
_pdbx_struct_conn_angle.ptnr1_auth_asym_id 
_pdbx_struct_conn_angle.ptnr1_auth_comp_id 
_pdbx_struct_conn_angle.ptnr1_auth_seq_id 
_pdbx_struct_conn_angle.ptnr1_PDB_ins_code 
_pdbx_struct_conn_angle.ptnr1_symmetry 
_pdbx_struct_conn_angle.ptnr2_label_atom_id 
_pdbx_struct_conn_angle.ptnr2_label_alt_id 
_pdbx_struct_conn_angle.ptnr2_label_asym_id 
_pdbx_struct_conn_angle.ptnr2_label_comp_id 
_pdbx_struct_conn_angle.ptnr2_label_seq_id 
_pdbx_struct_conn_angle.ptnr2_auth_atom_id 
_pdbx_struct_conn_angle.ptnr2_auth_asym_id 
_pdbx_struct_conn_angle.ptnr2_auth_comp_id 
_pdbx_struct_conn_angle.ptnr2_auth_seq_id 
_pdbx_struct_conn_angle.ptnr2_PDB_ins_code 
_pdbx_struct_conn_angle.ptnr2_symmetry 
_pdbx_struct_conn_angle.ptnr3_label_atom_id 
_pdbx_struct_conn_angle.ptnr3_label_alt_id 
_pdbx_struct_conn_angle.ptnr3_label_asym_id 
_pdbx_struct_conn_angle.ptnr3_label_comp_id 
_pdbx_struct_conn_angle.ptnr3_label_seq_id 
_pdbx_struct_conn_angle.ptnr3_auth_atom_id 
_pdbx_struct_conn_angle.ptnr3_auth_asym_id 
_pdbx_struct_conn_angle.ptnr3_auth_comp_id 
_pdbx_struct_conn_angle.ptnr3_auth_seq_id 
_pdbx_struct_conn_angle.ptnr3_PDB_ins_code 
_pdbx_struct_conn_angle.ptnr3_symmetry 
_pdbx_struct_conn_angle.value 
_pdbx_struct_conn_angle.value_esd 
1  NE2 ? A HIS 120 ? A HIS 120 ? 1_555 FE ? B HEM . ? A HEM 200 ? 1_555 NA ? B HEM . ? A HEM 200 ? 1_555 91.7  ? 
2  NE2 ? A HIS 120 ? A HIS 120 ? 1_555 FE ? B HEM . ? A HEM 200 ? 1_555 NB ? B HEM . ? A HEM 200 ? 1_555 91.0  ? 
3  NA  ? B HEM .   ? A HEM 200 ? 1_555 FE ? B HEM . ? A HEM 200 ? 1_555 NB ? B HEM . ? A HEM 200 ? 1_555 89.6  ? 
4  NE2 ? A HIS 120 ? A HIS 120 ? 1_555 FE ? B HEM . ? A HEM 200 ? 1_555 NC ? B HEM . ? A HEM 200 ? 1_555 92.1  ? 
5  NA  ? B HEM .   ? A HEM 200 ? 1_555 FE ? B HEM . ? A HEM 200 ? 1_555 NC ? B HEM . ? A HEM 200 ? 1_555 174.9 ? 
6  NB  ? B HEM .   ? A HEM 200 ? 1_555 FE ? B HEM . ? A HEM 200 ? 1_555 NC ? B HEM . ? A HEM 200 ? 1_555 86.9  ? 
7  NE2 ? A HIS 120 ? A HIS 120 ? 1_555 FE ? B HEM . ? A HEM 200 ? 1_555 ND ? B HEM . ? A HEM 200 ? 1_555 96.7  ? 
8  NA  ? B HEM .   ? A HEM 200 ? 1_555 FE ? B HEM . ? A HEM 200 ? 1_555 ND ? B HEM . ? A HEM 200 ? 1_555 90.2  ? 
9  NB  ? B HEM .   ? A HEM 200 ? 1_555 FE ? B HEM . ? A HEM 200 ? 1_555 ND ? B HEM . ? A HEM 200 ? 1_555 172.3 ? 
10 NC  ? B HEM .   ? A HEM 200 ? 1_555 FE ? B HEM . ? A HEM 200 ? 1_555 ND ? B HEM . ? A HEM 200 ? 1_555 92.7  ? 
# 
loop_
_pdbx_audit_revision_history.ordinal 
_pdbx_audit_revision_history.data_content_type 
_pdbx_audit_revision_history.major_revision 
_pdbx_audit_revision_history.minor_revision 
_pdbx_audit_revision_history.revision_date 
1 'Structure model' 1 0 2013-06-26 
2 'Structure model' 1 1 2016-12-21 
3 'Structure model' 1 2 2023-12-20 
# 
_pdbx_audit_revision_details.ordinal             1 
_pdbx_audit_revision_details.revision_ordinal    1 
_pdbx_audit_revision_details.data_content_type   'Structure model' 
_pdbx_audit_revision_details.provider            repository 
_pdbx_audit_revision_details.type                'Initial release' 
_pdbx_audit_revision_details.description         ? 
_pdbx_audit_revision_details.details             ? 
# 
loop_
_pdbx_audit_revision_group.ordinal 
_pdbx_audit_revision_group.revision_ordinal 
_pdbx_audit_revision_group.data_content_type 
_pdbx_audit_revision_group.group 
1 2 'Structure model' 'Database references'    
2 2 'Structure model' 'Structure summary'      
3 3 'Structure model' 'Data collection'        
4 3 'Structure model' 'Database references'    
5 3 'Structure model' 'Derived calculations'   
6 3 'Structure model' Other                    
7 3 'Structure model' 'Refinement description' 
# 
loop_
_pdbx_audit_revision_category.ordinal 
_pdbx_audit_revision_category.revision_ordinal 
_pdbx_audit_revision_category.data_content_type 
_pdbx_audit_revision_category.category 
1 3 'Structure model' chem_comp_atom                
2 3 'Structure model' chem_comp_bond                
3 3 'Structure model' database_2                    
4 3 'Structure model' pdbx_database_status          
5 3 'Structure model' pdbx_initial_refinement_model 
6 3 'Structure model' struct_conn                   
7 3 'Structure model' struct_site                   
# 
loop_
_pdbx_audit_revision_item.ordinal 
_pdbx_audit_revision_item.revision_ordinal 
_pdbx_audit_revision_item.data_content_type 
_pdbx_audit_revision_item.item 
1  3 'Structure model' '_database_2.pdbx_DOI'                 
2  3 'Structure model' '_database_2.pdbx_database_accession'  
3  3 'Structure model' '_pdbx_database_status.status_code_sf' 
4  3 'Structure model' '_struct_conn.ptnr1_auth_comp_id'      
5  3 'Structure model' '_struct_conn.ptnr1_auth_seq_id'       
6  3 'Structure model' '_struct_conn.ptnr1_label_asym_id'     
7  3 'Structure model' '_struct_conn.ptnr1_label_atom_id'     
8  3 'Structure model' '_struct_conn.ptnr1_label_comp_id'     
9  3 'Structure model' '_struct_conn.ptnr1_label_seq_id'      
10 3 'Structure model' '_struct_conn.ptnr2_auth_comp_id'      
11 3 'Structure model' '_struct_conn.ptnr2_auth_seq_id'       
12 3 'Structure model' '_struct_conn.ptnr2_label_asym_id'     
13 3 'Structure model' '_struct_conn.ptnr2_label_atom_id'     
14 3 'Structure model' '_struct_conn.ptnr2_label_comp_id'     
15 3 'Structure model' '_struct_conn.ptnr2_label_seq_id'      
16 3 'Structure model' '_struct_site.pdbx_auth_asym_id'       
17 3 'Structure model' '_struct_site.pdbx_auth_comp_id'       
18 3 'Structure model' '_struct_site.pdbx_auth_seq_id'        
# 
loop_
_software.name 
_software.classification 
_software.version 
_software.citation_id 
_software.pdbx_ordinal 
REFMAC refinement       5.5.0110 ? 1 
MOSFLM 'data reduction' .        ? 2 
SCALA  'data scaling'   .        ? 3 
PHASER phasing          .        ? 4 
# 
_pdbx_entry_details.entry_id                 3ZJR 
_pdbx_entry_details.compound_details         ? 
_pdbx_entry_details.source_details           ? 
_pdbx_entry_details.nonpolymer_details       ? 
_pdbx_entry_details.sequence_details         'C101S MUTATED FOR CRYSTALLIZATION PURPOSES' 
_pdbx_entry_details.has_ligand_of_interest   ? 
# 
_pdbx_validate_close_contact.id               1 
_pdbx_validate_close_contact.PDB_model_num    1 
_pdbx_validate_close_contact.auth_atom_id_1   OE2 
_pdbx_validate_close_contact.auth_asym_id_1   A 
_pdbx_validate_close_contact.auth_comp_id_1   GLU 
_pdbx_validate_close_contact.auth_seq_id_1    39 
_pdbx_validate_close_contact.PDB_ins_code_1   ? 
_pdbx_validate_close_contact.label_alt_id_1   ? 
_pdbx_validate_close_contact.auth_atom_id_2   O 
_pdbx_validate_close_contact.auth_asym_id_2   A 
_pdbx_validate_close_contact.auth_comp_id_2   HOH 
_pdbx_validate_close_contact.auth_seq_id_2    2009 
_pdbx_validate_close_contact.PDB_ins_code_2   ? 
_pdbx_validate_close_contact.label_alt_id_2   ? 
_pdbx_validate_close_contact.dist             2.08 
# 
loop_
_pdbx_validate_rmsd_angle.id 
_pdbx_validate_rmsd_angle.PDB_model_num 
_pdbx_validate_rmsd_angle.auth_atom_id_1 
_pdbx_validate_rmsd_angle.auth_asym_id_1 
_pdbx_validate_rmsd_angle.auth_comp_id_1 
_pdbx_validate_rmsd_angle.auth_seq_id_1 
_pdbx_validate_rmsd_angle.PDB_ins_code_1 
_pdbx_validate_rmsd_angle.label_alt_id_1 
_pdbx_validate_rmsd_angle.auth_atom_id_2 
_pdbx_validate_rmsd_angle.auth_asym_id_2 
_pdbx_validate_rmsd_angle.auth_comp_id_2 
_pdbx_validate_rmsd_angle.auth_seq_id_2 
_pdbx_validate_rmsd_angle.PDB_ins_code_2 
_pdbx_validate_rmsd_angle.label_alt_id_2 
_pdbx_validate_rmsd_angle.auth_atom_id_3 
_pdbx_validate_rmsd_angle.auth_asym_id_3 
_pdbx_validate_rmsd_angle.auth_comp_id_3 
_pdbx_validate_rmsd_angle.auth_seq_id_3 
_pdbx_validate_rmsd_angle.PDB_ins_code_3 
_pdbx_validate_rmsd_angle.label_alt_id_3 
_pdbx_validate_rmsd_angle.angle_value 
_pdbx_validate_rmsd_angle.angle_target_value 
_pdbx_validate_rmsd_angle.angle_deviation 
_pdbx_validate_rmsd_angle.angle_standard_deviation 
_pdbx_validate_rmsd_angle.linker_flag 
1 1 CB A GLU 15  ? ? CA A GLU 15  ? ? C  A GLU 15  ? ? 89.26  110.40 -21.14 2.00 N 
2 1 CB A ASN 126 ? ? CA A ASN 126 ? ? C  A ASN 126 ? ? 94.29  110.40 -16.11 2.00 N 
3 1 CB A THR 163 ? ? CA A THR 163 ? ? C  A THR 163 ? ? 128.72 111.60 17.12  2.70 N 
4 1 C  A THR 163 ? ? N  A PRO 164 ? ? CA A PRO 164 ? ? 129.43 119.30 10.13  1.50 Y 
5 1 C  A THR 163 ? ? N  A PRO 164 ? ? CD A PRO 164 ? ? 113.09 128.40 -15.31 2.10 Y 
6 1 CA A PHE 195 ? A C  A PHE 195 ? ? O  A PHE 195 ? ? 162.56 120.10 42.46  2.10 N 
7 1 CA A PHE 195 ? B C  A PHE 195 ? ? O  A PHE 195 ? ? 163.94 120.10 43.84  2.10 N 
# 
loop_
_pdbx_validate_torsion.id 
_pdbx_validate_torsion.PDB_model_num 
_pdbx_validate_torsion.auth_comp_id 
_pdbx_validate_torsion.auth_asym_id 
_pdbx_validate_torsion.auth_seq_id 
_pdbx_validate_torsion.PDB_ins_code 
_pdbx_validate_torsion.label_alt_id 
_pdbx_validate_torsion.phi 
_pdbx_validate_torsion.psi 
1  1 THR A 10  ? ? -97.88  42.34  
2  1 PRO A 19  ? ? -68.88  4.12   
3  1 VAL A 53  ? ? -27.39  -52.35 
4  1 TYR A 73  ? ? -66.00  5.43   
5  1 ASN A 82  ? ? -65.36  82.03  
6  1 ASN A 102 ? ? -141.98 -40.62 
7  1 LYS A 124 ? ? -140.76 30.92  
8  1 ASN A 126 ? ? 74.46   -6.35  
9  1 VAL A 134 ? ? -39.77  141.00 
10 1 THR A 150 ? ? -95.79  -66.67 
11 1 LYS A 160 ? ? -74.65  28.82  
12 1 PRO A 164 ? ? -51.52  -3.73  
13 1 TYR A 192 ? ? -37.27  130.38 
# 
loop_
_pdbx_unobs_or_zero_occ_residues.id 
_pdbx_unobs_or_zero_occ_residues.PDB_model_num 
_pdbx_unobs_or_zero_occ_residues.polymer_flag 
_pdbx_unobs_or_zero_occ_residues.occupancy_flag 
_pdbx_unobs_or_zero_occ_residues.auth_asym_id 
_pdbx_unobs_or_zero_occ_residues.auth_comp_id 
_pdbx_unobs_or_zero_occ_residues.auth_seq_id 
_pdbx_unobs_or_zero_occ_residues.PDB_ins_code 
_pdbx_unobs_or_zero_occ_residues.label_asym_id 
_pdbx_unobs_or_zero_occ_residues.label_comp_id 
_pdbx_unobs_or_zero_occ_residues.label_seq_id 
1 1 Y 1 A MET 1 ? A MET 1 
2 1 Y 1 A SER 2 ? A SER 2 
3 1 Y 1 A VAL 3 ? A VAL 3 
4 1 Y 1 A GLU 4 ? A GLU 4 
5 1 Y 1 A LYS 5 ? A LYS 5 
# 
loop_
_chem_comp_atom.comp_id 
_chem_comp_atom.atom_id 
_chem_comp_atom.type_symbol 
_chem_comp_atom.pdbx_aromatic_flag 
_chem_comp_atom.pdbx_stereo_config 
_chem_comp_atom.pdbx_ordinal 
ALA N    N  N N 1   
ALA CA   C  N S 2   
ALA C    C  N N 3   
ALA O    O  N N 4   
ALA CB   C  N N 5   
ALA OXT  O  N N 6   
ALA H    H  N N 7   
ALA H2   H  N N 8   
ALA HA   H  N N 9   
ALA HB1  H  N N 10  
ALA HB2  H  N N 11  
ALA HB3  H  N N 12  
ALA HXT  H  N N 13  
ARG N    N  N N 14  
ARG CA   C  N S 15  
ARG C    C  N N 16  
ARG O    O  N N 17  
ARG CB   C  N N 18  
ARG CG   C  N N 19  
ARG CD   C  N N 20  
ARG NE   N  N N 21  
ARG CZ   C  N N 22  
ARG NH1  N  N N 23  
ARG NH2  N  N N 24  
ARG OXT  O  N N 25  
ARG H    H  N N 26  
ARG H2   H  N N 27  
ARG HA   H  N N 28  
ARG HB2  H  N N 29  
ARG HB3  H  N N 30  
ARG HG2  H  N N 31  
ARG HG3  H  N N 32  
ARG HD2  H  N N 33  
ARG HD3  H  N N 34  
ARG HE   H  N N 35  
ARG HH11 H  N N 36  
ARG HH12 H  N N 37  
ARG HH21 H  N N 38  
ARG HH22 H  N N 39  
ARG HXT  H  N N 40  
ASN N    N  N N 41  
ASN CA   C  N S 42  
ASN C    C  N N 43  
ASN O    O  N N 44  
ASN CB   C  N N 45  
ASN CG   C  N N 46  
ASN OD1  O  N N 47  
ASN ND2  N  N N 48  
ASN OXT  O  N N 49  
ASN H    H  N N 50  
ASN H2   H  N N 51  
ASN HA   H  N N 52  
ASN HB2  H  N N 53  
ASN HB3  H  N N 54  
ASN HD21 H  N N 55  
ASN HD22 H  N N 56  
ASN HXT  H  N N 57  
ASP N    N  N N 58  
ASP CA   C  N S 59  
ASP C    C  N N 60  
ASP O    O  N N 61  
ASP CB   C  N N 62  
ASP CG   C  N N 63  
ASP OD1  O  N N 64  
ASP OD2  O  N N 65  
ASP OXT  O  N N 66  
ASP H    H  N N 67  
ASP H2   H  N N 68  
ASP HA   H  N N 69  
ASP HB2  H  N N 70  
ASP HB3  H  N N 71  
ASP HD2  H  N N 72  
ASP HXT  H  N N 73  
CYN C    C  N N 74  
CYN N    N  N N 75  
CYS N    N  N N 76  
CYS CA   C  N R 77  
CYS C    C  N N 78  
CYS O    O  N N 79  
CYS CB   C  N N 80  
CYS SG   S  N N 81  
CYS OXT  O  N N 82  
CYS H    H  N N 83  
CYS H2   H  N N 84  
CYS HA   H  N N 85  
CYS HB2  H  N N 86  
CYS HB3  H  N N 87  
CYS HG   H  N N 88  
CYS HXT  H  N N 89  
GLN N    N  N N 90  
GLN CA   C  N S 91  
GLN C    C  N N 92  
GLN O    O  N N 93  
GLN CB   C  N N 94  
GLN CG   C  N N 95  
GLN CD   C  N N 96  
GLN OE1  O  N N 97  
GLN NE2  N  N N 98  
GLN OXT  O  N N 99  
GLN H    H  N N 100 
GLN H2   H  N N 101 
GLN HA   H  N N 102 
GLN HB2  H  N N 103 
GLN HB3  H  N N 104 
GLN HG2  H  N N 105 
GLN HG3  H  N N 106 
GLN HE21 H  N N 107 
GLN HE22 H  N N 108 
GLN HXT  H  N N 109 
GLU N    N  N N 110 
GLU CA   C  N S 111 
GLU C    C  N N 112 
GLU O    O  N N 113 
GLU CB   C  N N 114 
GLU CG   C  N N 115 
GLU CD   C  N N 116 
GLU OE1  O  N N 117 
GLU OE2  O  N N 118 
GLU OXT  O  N N 119 
GLU H    H  N N 120 
GLU H2   H  N N 121 
GLU HA   H  N N 122 
GLU HB2  H  N N 123 
GLU HB3  H  N N 124 
GLU HG2  H  N N 125 
GLU HG3  H  N N 126 
GLU HE2  H  N N 127 
GLU HXT  H  N N 128 
GLY N    N  N N 129 
GLY CA   C  N N 130 
GLY C    C  N N 131 
GLY O    O  N N 132 
GLY OXT  O  N N 133 
GLY H    H  N N 134 
GLY H2   H  N N 135 
GLY HA2  H  N N 136 
GLY HA3  H  N N 137 
GLY HXT  H  N N 138 
HEM CHA  C  N N 139 
HEM CHB  C  N N 140 
HEM CHC  C  N N 141 
HEM CHD  C  N N 142 
HEM C1A  C  Y N 143 
HEM C2A  C  Y N 144 
HEM C3A  C  Y N 145 
HEM C4A  C  Y N 146 
HEM CMA  C  N N 147 
HEM CAA  C  N N 148 
HEM CBA  C  N N 149 
HEM CGA  C  N N 150 
HEM O1A  O  N N 151 
HEM O2A  O  N N 152 
HEM C1B  C  N N 153 
HEM C2B  C  N N 154 
HEM C3B  C  N N 155 
HEM C4B  C  N N 156 
HEM CMB  C  N N 157 
HEM CAB  C  N N 158 
HEM CBB  C  N N 159 
HEM C1C  C  Y N 160 
HEM C2C  C  Y N 161 
HEM C3C  C  Y N 162 
HEM C4C  C  Y N 163 
HEM CMC  C  N N 164 
HEM CAC  C  N N 165 
HEM CBC  C  N N 166 
HEM C1D  C  N N 167 
HEM C2D  C  N N 168 
HEM C3D  C  N N 169 
HEM C4D  C  N N 170 
HEM CMD  C  N N 171 
HEM CAD  C  N N 172 
HEM CBD  C  N N 173 
HEM CGD  C  N N 174 
HEM O1D  O  N N 175 
HEM O2D  O  N N 176 
HEM NA   N  Y N 177 
HEM NB   N  N N 178 
HEM NC   N  Y N 179 
HEM ND   N  N N 180 
HEM FE   FE N N 181 
HEM HHB  H  N N 182 
HEM HHC  H  N N 183 
HEM HHD  H  N N 184 
HEM HMA  H  N N 185 
HEM HMAA H  N N 186 
HEM HMAB H  N N 187 
HEM HAA  H  N N 188 
HEM HAAA H  N N 189 
HEM HBA  H  N N 190 
HEM HBAA H  N N 191 
HEM HMB  H  N N 192 
HEM HMBA H  N N 193 
HEM HMBB H  N N 194 
HEM HAB  H  N N 195 
HEM HBB  H  N N 196 
HEM HBBA H  N N 197 
HEM HMC  H  N N 198 
HEM HMCA H  N N 199 
HEM HMCB H  N N 200 
HEM HAC  H  N N 201 
HEM HBC  H  N N 202 
HEM HBCA H  N N 203 
HEM HMD  H  N N 204 
HEM HMDA H  N N 205 
HEM HMDB H  N N 206 
HEM HAD  H  N N 207 
HEM HADA H  N N 208 
HEM HBD  H  N N 209 
HEM HBDA H  N N 210 
HEM H2A  H  N N 211 
HEM H2D  H  N N 212 
HEM HHA  H  N N 213 
HIS N    N  N N 214 
HIS CA   C  N S 215 
HIS C    C  N N 216 
HIS O    O  N N 217 
HIS CB   C  N N 218 
HIS CG   C  Y N 219 
HIS ND1  N  Y N 220 
HIS CD2  C  Y N 221 
HIS CE1  C  Y N 222 
HIS NE2  N  Y N 223 
HIS OXT  O  N N 224 
HIS H    H  N N 225 
HIS H2   H  N N 226 
HIS HA   H  N N 227 
HIS HB2  H  N N 228 
HIS HB3  H  N N 229 
HIS HD1  H  N N 230 
HIS HD2  H  N N 231 
HIS HE1  H  N N 232 
HIS HE2  H  N N 233 
HIS HXT  H  N N 234 
HOH O    O  N N 235 
HOH H1   H  N N 236 
HOH H2   H  N N 237 
ILE N    N  N N 238 
ILE CA   C  N S 239 
ILE C    C  N N 240 
ILE O    O  N N 241 
ILE CB   C  N S 242 
ILE CG1  C  N N 243 
ILE CG2  C  N N 244 
ILE CD1  C  N N 245 
ILE OXT  O  N N 246 
ILE H    H  N N 247 
ILE H2   H  N N 248 
ILE HA   H  N N 249 
ILE HB   H  N N 250 
ILE HG12 H  N N 251 
ILE HG13 H  N N 252 
ILE HG21 H  N N 253 
ILE HG22 H  N N 254 
ILE HG23 H  N N 255 
ILE HD11 H  N N 256 
ILE HD12 H  N N 257 
ILE HD13 H  N N 258 
ILE HXT  H  N N 259 
LEU N    N  N N 260 
LEU CA   C  N S 261 
LEU C    C  N N 262 
LEU O    O  N N 263 
LEU CB   C  N N 264 
LEU CG   C  N N 265 
LEU CD1  C  N N 266 
LEU CD2  C  N N 267 
LEU OXT  O  N N 268 
LEU H    H  N N 269 
LEU H2   H  N N 270 
LEU HA   H  N N 271 
LEU HB2  H  N N 272 
LEU HB3  H  N N 273 
LEU HG   H  N N 274 
LEU HD11 H  N N 275 
LEU HD12 H  N N 276 
LEU HD13 H  N N 277 
LEU HD21 H  N N 278 
LEU HD22 H  N N 279 
LEU HD23 H  N N 280 
LEU HXT  H  N N 281 
LYS N    N  N N 282 
LYS CA   C  N S 283 
LYS C    C  N N 284 
LYS O    O  N N 285 
LYS CB   C  N N 286 
LYS CG   C  N N 287 
LYS CD   C  N N 288 
LYS CE   C  N N 289 
LYS NZ   N  N N 290 
LYS OXT  O  N N 291 
LYS H    H  N N 292 
LYS H2   H  N N 293 
LYS HA   H  N N 294 
LYS HB2  H  N N 295 
LYS HB3  H  N N 296 
LYS HG2  H  N N 297 
LYS HG3  H  N N 298 
LYS HD2  H  N N 299 
LYS HD3  H  N N 300 
LYS HE2  H  N N 301 
LYS HE3  H  N N 302 
LYS HZ1  H  N N 303 
LYS HZ2  H  N N 304 
LYS HZ3  H  N N 305 
LYS HXT  H  N N 306 
MET N    N  N N 307 
MET CA   C  N S 308 
MET C    C  N N 309 
MET O    O  N N 310 
MET CB   C  N N 311 
MET CG   C  N N 312 
MET SD   S  N N 313 
MET CE   C  N N 314 
MET OXT  O  N N 315 
MET H    H  N N 316 
MET H2   H  N N 317 
MET HA   H  N N 318 
MET HB2  H  N N 319 
MET HB3  H  N N 320 
MET HG2  H  N N 321 
MET HG3  H  N N 322 
MET HE1  H  N N 323 
MET HE2  H  N N 324 
MET HE3  H  N N 325 
MET HXT  H  N N 326 
PHE N    N  N N 327 
PHE CA   C  N S 328 
PHE C    C  N N 329 
PHE O    O  N N 330 
PHE CB   C  N N 331 
PHE CG   C  Y N 332 
PHE CD1  C  Y N 333 
PHE CD2  C  Y N 334 
PHE CE1  C  Y N 335 
PHE CE2  C  Y N 336 
PHE CZ   C  Y N 337 
PHE OXT  O  N N 338 
PHE H    H  N N 339 
PHE H2   H  N N 340 
PHE HA   H  N N 341 
PHE HB2  H  N N 342 
PHE HB3  H  N N 343 
PHE HD1  H  N N 344 
PHE HD2  H  N N 345 
PHE HE1  H  N N 346 
PHE HE2  H  N N 347 
PHE HZ   H  N N 348 
PHE HXT  H  N N 349 
PRO N    N  N N 350 
PRO CA   C  N S 351 
PRO C    C  N N 352 
PRO O    O  N N 353 
PRO CB   C  N N 354 
PRO CG   C  N N 355 
PRO CD   C  N N 356 
PRO OXT  O  N N 357 
PRO H    H  N N 358 
PRO HA   H  N N 359 
PRO HB2  H  N N 360 
PRO HB3  H  N N 361 
PRO HG2  H  N N 362 
PRO HG3  H  N N 363 
PRO HD2  H  N N 364 
PRO HD3  H  N N 365 
PRO HXT  H  N N 366 
SER N    N  N N 367 
SER CA   C  N S 368 
SER C    C  N N 369 
SER O    O  N N 370 
SER CB   C  N N 371 
SER OG   O  N N 372 
SER OXT  O  N N 373 
SER H    H  N N 374 
SER H2   H  N N 375 
SER HA   H  N N 376 
SER HB2  H  N N 377 
SER HB3  H  N N 378 
SER HG   H  N N 379 
SER HXT  H  N N 380 
THR N    N  N N 381 
THR CA   C  N S 382 
THR C    C  N N 383 
THR O    O  N N 384 
THR CB   C  N R 385 
THR OG1  O  N N 386 
THR CG2  C  N N 387 
THR OXT  O  N N 388 
THR H    H  N N 389 
THR H2   H  N N 390 
THR HA   H  N N 391 
THR HB   H  N N 392 
THR HG1  H  N N 393 
THR HG21 H  N N 394 
THR HG22 H  N N 395 
THR HG23 H  N N 396 
THR HXT  H  N N 397 
TRP N    N  N N 398 
TRP CA   C  N S 399 
TRP C    C  N N 400 
TRP O    O  N N 401 
TRP CB   C  N N 402 
TRP CG   C  Y N 403 
TRP CD1  C  Y N 404 
TRP CD2  C  Y N 405 
TRP NE1  N  Y N 406 
TRP CE2  C  Y N 407 
TRP CE3  C  Y N 408 
TRP CZ2  C  Y N 409 
TRP CZ3  C  Y N 410 
TRP CH2  C  Y N 411 
TRP OXT  O  N N 412 
TRP H    H  N N 413 
TRP H2   H  N N 414 
TRP HA   H  N N 415 
TRP HB2  H  N N 416 
TRP HB3  H  N N 417 
TRP HD1  H  N N 418 
TRP HE1  H  N N 419 
TRP HE3  H  N N 420 
TRP HZ2  H  N N 421 
TRP HZ3  H  N N 422 
TRP HH2  H  N N 423 
TRP HXT  H  N N 424 
TYR N    N  N N 425 
TYR CA   C  N S 426 
TYR C    C  N N 427 
TYR O    O  N N 428 
TYR CB   C  N N 429 
TYR CG   C  Y N 430 
TYR CD1  C  Y N 431 
TYR CD2  C  Y N 432 
TYR CE1  C  Y N 433 
TYR CE2  C  Y N 434 
TYR CZ   C  Y N 435 
TYR OH   O  N N 436 
TYR OXT  O  N N 437 
TYR H    H  N N 438 
TYR H2   H  N N 439 
TYR HA   H  N N 440 
TYR HB2  H  N N 441 
TYR HB3  H  N N 442 
TYR HD1  H  N N 443 
TYR HD2  H  N N 444 
TYR HE1  H  N N 445 
TYR HE2  H  N N 446 
TYR HH   H  N N 447 
TYR HXT  H  N N 448 
VAL N    N  N N 449 
VAL CA   C  N S 450 
VAL C    C  N N 451 
VAL O    O  N N 452 
VAL CB   C  N N 453 
VAL CG1  C  N N 454 
VAL CG2  C  N N 455 
VAL OXT  O  N N 456 
VAL H    H  N N 457 
VAL H2   H  N N 458 
VAL HA   H  N N 459 
VAL HB   H  N N 460 
VAL HG11 H  N N 461 
VAL HG12 H  N N 462 
VAL HG13 H  N N 463 
VAL HG21 H  N N 464 
VAL HG22 H  N N 465 
VAL HG23 H  N N 466 
VAL HXT  H  N N 467 
XE  XE   XE N N 468 
# 
loop_
_chem_comp_bond.comp_id 
_chem_comp_bond.atom_id_1 
_chem_comp_bond.atom_id_2 
_chem_comp_bond.value_order 
_chem_comp_bond.pdbx_aromatic_flag 
_chem_comp_bond.pdbx_stereo_config 
_chem_comp_bond.pdbx_ordinal 
ALA N   CA   sing N N 1   
ALA N   H    sing N N 2   
ALA N   H2   sing N N 3   
ALA CA  C    sing N N 4   
ALA CA  CB   sing N N 5   
ALA CA  HA   sing N N 6   
ALA C   O    doub N N 7   
ALA C   OXT  sing N N 8   
ALA CB  HB1  sing N N 9   
ALA CB  HB2  sing N N 10  
ALA CB  HB3  sing N N 11  
ALA OXT HXT  sing N N 12  
ARG N   CA   sing N N 13  
ARG N   H    sing N N 14  
ARG N   H2   sing N N 15  
ARG CA  C    sing N N 16  
ARG CA  CB   sing N N 17  
ARG CA  HA   sing N N 18  
ARG C   O    doub N N 19  
ARG C   OXT  sing N N 20  
ARG CB  CG   sing N N 21  
ARG CB  HB2  sing N N 22  
ARG CB  HB3  sing N N 23  
ARG CG  CD   sing N N 24  
ARG CG  HG2  sing N N 25  
ARG CG  HG3  sing N N 26  
ARG CD  NE   sing N N 27  
ARG CD  HD2  sing N N 28  
ARG CD  HD3  sing N N 29  
ARG NE  CZ   sing N N 30  
ARG NE  HE   sing N N 31  
ARG CZ  NH1  sing N N 32  
ARG CZ  NH2  doub N N 33  
ARG NH1 HH11 sing N N 34  
ARG NH1 HH12 sing N N 35  
ARG NH2 HH21 sing N N 36  
ARG NH2 HH22 sing N N 37  
ARG OXT HXT  sing N N 38  
ASN N   CA   sing N N 39  
ASN N   H    sing N N 40  
ASN N   H2   sing N N 41  
ASN CA  C    sing N N 42  
ASN CA  CB   sing N N 43  
ASN CA  HA   sing N N 44  
ASN C   O    doub N N 45  
ASN C   OXT  sing N N 46  
ASN CB  CG   sing N N 47  
ASN CB  HB2  sing N N 48  
ASN CB  HB3  sing N N 49  
ASN CG  OD1  doub N N 50  
ASN CG  ND2  sing N N 51  
ASN ND2 HD21 sing N N 52  
ASN ND2 HD22 sing N N 53  
ASN OXT HXT  sing N N 54  
ASP N   CA   sing N N 55  
ASP N   H    sing N N 56  
ASP N   H2   sing N N 57  
ASP CA  C    sing N N 58  
ASP CA  CB   sing N N 59  
ASP CA  HA   sing N N 60  
ASP C   O    doub N N 61  
ASP C   OXT  sing N N 62  
ASP CB  CG   sing N N 63  
ASP CB  HB2  sing N N 64  
ASP CB  HB3  sing N N 65  
ASP CG  OD1  doub N N 66  
ASP CG  OD2  sing N N 67  
ASP OD2 HD2  sing N N 68  
ASP OXT HXT  sing N N 69  
CYN C   N    trip N N 70  
CYS N   CA   sing N N 71  
CYS N   H    sing N N 72  
CYS N   H2   sing N N 73  
CYS CA  C    sing N N 74  
CYS CA  CB   sing N N 75  
CYS CA  HA   sing N N 76  
CYS C   O    doub N N 77  
CYS C   OXT  sing N N 78  
CYS CB  SG   sing N N 79  
CYS CB  HB2  sing N N 80  
CYS CB  HB3  sing N N 81  
CYS SG  HG   sing N N 82  
CYS OXT HXT  sing N N 83  
GLN N   CA   sing N N 84  
GLN N   H    sing N N 85  
GLN N   H2   sing N N 86  
GLN CA  C    sing N N 87  
GLN CA  CB   sing N N 88  
GLN CA  HA   sing N N 89  
GLN C   O    doub N N 90  
GLN C   OXT  sing N N 91  
GLN CB  CG   sing N N 92  
GLN CB  HB2  sing N N 93  
GLN CB  HB3  sing N N 94  
GLN CG  CD   sing N N 95  
GLN CG  HG2  sing N N 96  
GLN CG  HG3  sing N N 97  
GLN CD  OE1  doub N N 98  
GLN CD  NE2  sing N N 99  
GLN NE2 HE21 sing N N 100 
GLN NE2 HE22 sing N N 101 
GLN OXT HXT  sing N N 102 
GLU N   CA   sing N N 103 
GLU N   H    sing N N 104 
GLU N   H2   sing N N 105 
GLU CA  C    sing N N 106 
GLU CA  CB   sing N N 107 
GLU CA  HA   sing N N 108 
GLU C   O    doub N N 109 
GLU C   OXT  sing N N 110 
GLU CB  CG   sing N N 111 
GLU CB  HB2  sing N N 112 
GLU CB  HB3  sing N N 113 
GLU CG  CD   sing N N 114 
GLU CG  HG2  sing N N 115 
GLU CG  HG3  sing N N 116 
GLU CD  OE1  doub N N 117 
GLU CD  OE2  sing N N 118 
GLU OE2 HE2  sing N N 119 
GLU OXT HXT  sing N N 120 
GLY N   CA   sing N N 121 
GLY N   H    sing N N 122 
GLY N   H2   sing N N 123 
GLY CA  C    sing N N 124 
GLY CA  HA2  sing N N 125 
GLY CA  HA3  sing N N 126 
GLY C   O    doub N N 127 
GLY C   OXT  sing N N 128 
GLY OXT HXT  sing N N 129 
HEM CHA C1A  sing N N 130 
HEM CHA C4D  doub N N 131 
HEM CHA HHA  sing N N 132 
HEM CHB C4A  sing N N 133 
HEM CHB C1B  doub N N 134 
HEM CHB HHB  sing N N 135 
HEM CHC C4B  sing N N 136 
HEM CHC C1C  doub N N 137 
HEM CHC HHC  sing N N 138 
HEM CHD C4C  doub N N 139 
HEM CHD C1D  sing N N 140 
HEM CHD HHD  sing N N 141 
HEM C1A C2A  doub Y N 142 
HEM C1A NA   sing Y N 143 
HEM C2A C3A  sing Y N 144 
HEM C2A CAA  sing N N 145 
HEM C3A C4A  doub Y N 146 
HEM C3A CMA  sing N N 147 
HEM C4A NA   sing Y N 148 
HEM CMA HMA  sing N N 149 
HEM CMA HMAA sing N N 150 
HEM CMA HMAB sing N N 151 
HEM CAA CBA  sing N N 152 
HEM CAA HAA  sing N N 153 
HEM CAA HAAA sing N N 154 
HEM CBA CGA  sing N N 155 
HEM CBA HBA  sing N N 156 
HEM CBA HBAA sing N N 157 
HEM CGA O1A  doub N N 158 
HEM CGA O2A  sing N N 159 
HEM C1B C2B  sing N N 160 
HEM C1B NB   sing N N 161 
HEM C2B C3B  doub N N 162 
HEM C2B CMB  sing N N 163 
HEM C3B C4B  sing N N 164 
HEM C3B CAB  sing N N 165 
HEM C4B NB   doub N N 166 
HEM CMB HMB  sing N N 167 
HEM CMB HMBA sing N N 168 
HEM CMB HMBB sing N N 169 
HEM CAB CBB  doub N N 170 
HEM CAB HAB  sing N N 171 
HEM CBB HBB  sing N N 172 
HEM CBB HBBA sing N N 173 
HEM C1C C2C  sing Y N 174 
HEM C1C NC   sing Y N 175 
HEM C2C C3C  doub Y N 176 
HEM C2C CMC  sing N N 177 
HEM C3C C4C  sing Y N 178 
HEM C3C CAC  sing N N 179 
HEM C4C NC   sing Y N 180 
HEM CMC HMC  sing N N 181 
HEM CMC HMCA sing N N 182 
HEM CMC HMCB sing N N 183 
HEM CAC CBC  doub N N 184 
HEM CAC HAC  sing N N 185 
HEM CBC HBC  sing N N 186 
HEM CBC HBCA sing N N 187 
HEM C1D C2D  sing N N 188 
HEM C1D ND   doub N N 189 
HEM C2D C3D  doub N N 190 
HEM C2D CMD  sing N N 191 
HEM C3D C4D  sing N N 192 
HEM C3D CAD  sing N N 193 
HEM C4D ND   sing N N 194 
HEM CMD HMD  sing N N 195 
HEM CMD HMDA sing N N 196 
HEM CMD HMDB sing N N 197 
HEM CAD CBD  sing N N 198 
HEM CAD HAD  sing N N 199 
HEM CAD HADA sing N N 200 
HEM CBD CGD  sing N N 201 
HEM CBD HBD  sing N N 202 
HEM CBD HBDA sing N N 203 
HEM CGD O1D  doub N N 204 
HEM CGD O2D  sing N N 205 
HEM O2A H2A  sing N N 206 
HEM O2D H2D  sing N N 207 
HEM FE  NA   sing N N 208 
HEM FE  NB   sing N N 209 
HEM FE  NC   sing N N 210 
HEM FE  ND   sing N N 211 
HIS N   CA   sing N N 212 
HIS N   H    sing N N 213 
HIS N   H2   sing N N 214 
HIS CA  C    sing N N 215 
HIS CA  CB   sing N N 216 
HIS CA  HA   sing N N 217 
HIS C   O    doub N N 218 
HIS C   OXT  sing N N 219 
HIS CB  CG   sing N N 220 
HIS CB  HB2  sing N N 221 
HIS CB  HB3  sing N N 222 
HIS CG  ND1  sing Y N 223 
HIS CG  CD2  doub Y N 224 
HIS ND1 CE1  doub Y N 225 
HIS ND1 HD1  sing N N 226 
HIS CD2 NE2  sing Y N 227 
HIS CD2 HD2  sing N N 228 
HIS CE1 NE2  sing Y N 229 
HIS CE1 HE1  sing N N 230 
HIS NE2 HE2  sing N N 231 
HIS OXT HXT  sing N N 232 
HOH O   H1   sing N N 233 
HOH O   H2   sing N N 234 
ILE N   CA   sing N N 235 
ILE N   H    sing N N 236 
ILE N   H2   sing N N 237 
ILE CA  C    sing N N 238 
ILE CA  CB   sing N N 239 
ILE CA  HA   sing N N 240 
ILE C   O    doub N N 241 
ILE C   OXT  sing N N 242 
ILE CB  CG1  sing N N 243 
ILE CB  CG2  sing N N 244 
ILE CB  HB   sing N N 245 
ILE CG1 CD1  sing N N 246 
ILE CG1 HG12 sing N N 247 
ILE CG1 HG13 sing N N 248 
ILE CG2 HG21 sing N N 249 
ILE CG2 HG22 sing N N 250 
ILE CG2 HG23 sing N N 251 
ILE CD1 HD11 sing N N 252 
ILE CD1 HD12 sing N N 253 
ILE CD1 HD13 sing N N 254 
ILE OXT HXT  sing N N 255 
LEU N   CA   sing N N 256 
LEU N   H    sing N N 257 
LEU N   H2   sing N N 258 
LEU CA  C    sing N N 259 
LEU CA  CB   sing N N 260 
LEU CA  HA   sing N N 261 
LEU C   O    doub N N 262 
LEU C   OXT  sing N N 263 
LEU CB  CG   sing N N 264 
LEU CB  HB2  sing N N 265 
LEU CB  HB3  sing N N 266 
LEU CG  CD1  sing N N 267 
LEU CG  CD2  sing N N 268 
LEU CG  HG   sing N N 269 
LEU CD1 HD11 sing N N 270 
LEU CD1 HD12 sing N N 271 
LEU CD1 HD13 sing N N 272 
LEU CD2 HD21 sing N N 273 
LEU CD2 HD22 sing N N 274 
LEU CD2 HD23 sing N N 275 
LEU OXT HXT  sing N N 276 
LYS N   CA   sing N N 277 
LYS N   H    sing N N 278 
LYS N   H2   sing N N 279 
LYS CA  C    sing N N 280 
LYS CA  CB   sing N N 281 
LYS CA  HA   sing N N 282 
LYS C   O    doub N N 283 
LYS C   OXT  sing N N 284 
LYS CB  CG   sing N N 285 
LYS CB  HB2  sing N N 286 
LYS CB  HB3  sing N N 287 
LYS CG  CD   sing N N 288 
LYS CG  HG2  sing N N 289 
LYS CG  HG3  sing N N 290 
LYS CD  CE   sing N N 291 
LYS CD  HD2  sing N N 292 
LYS CD  HD3  sing N N 293 
LYS CE  NZ   sing N N 294 
LYS CE  HE2  sing N N 295 
LYS CE  HE3  sing N N 296 
LYS NZ  HZ1  sing N N 297 
LYS NZ  HZ2  sing N N 298 
LYS NZ  HZ3  sing N N 299 
LYS OXT HXT  sing N N 300 
MET N   CA   sing N N 301 
MET N   H    sing N N 302 
MET N   H2   sing N N 303 
MET CA  C    sing N N 304 
MET CA  CB   sing N N 305 
MET CA  HA   sing N N 306 
MET C   O    doub N N 307 
MET C   OXT  sing N N 308 
MET CB  CG   sing N N 309 
MET CB  HB2  sing N N 310 
MET CB  HB3  sing N N 311 
MET CG  SD   sing N N 312 
MET CG  HG2  sing N N 313 
MET CG  HG3  sing N N 314 
MET SD  CE   sing N N 315 
MET CE  HE1  sing N N 316 
MET CE  HE2  sing N N 317 
MET CE  HE3  sing N N 318 
MET OXT HXT  sing N N 319 
PHE N   CA   sing N N 320 
PHE N   H    sing N N 321 
PHE N   H2   sing N N 322 
PHE CA  C    sing N N 323 
PHE CA  CB   sing N N 324 
PHE CA  HA   sing N N 325 
PHE C   O    doub N N 326 
PHE C   OXT  sing N N 327 
PHE CB  CG   sing N N 328 
PHE CB  HB2  sing N N 329 
PHE CB  HB3  sing N N 330 
PHE CG  CD1  doub Y N 331 
PHE CG  CD2  sing Y N 332 
PHE CD1 CE1  sing Y N 333 
PHE CD1 HD1  sing N N 334 
PHE CD2 CE2  doub Y N 335 
PHE CD2 HD2  sing N N 336 
PHE CE1 CZ   doub Y N 337 
PHE CE1 HE1  sing N N 338 
PHE CE2 CZ   sing Y N 339 
PHE CE2 HE2  sing N N 340 
PHE CZ  HZ   sing N N 341 
PHE OXT HXT  sing N N 342 
PRO N   CA   sing N N 343 
PRO N   CD   sing N N 344 
PRO N   H    sing N N 345 
PRO CA  C    sing N N 346 
PRO CA  CB   sing N N 347 
PRO CA  HA   sing N N 348 
PRO C   O    doub N N 349 
PRO C   OXT  sing N N 350 
PRO CB  CG   sing N N 351 
PRO CB  HB2  sing N N 352 
PRO CB  HB3  sing N N 353 
PRO CG  CD   sing N N 354 
PRO CG  HG2  sing N N 355 
PRO CG  HG3  sing N N 356 
PRO CD  HD2  sing N N 357 
PRO CD  HD3  sing N N 358 
PRO OXT HXT  sing N N 359 
SER N   CA   sing N N 360 
SER N   H    sing N N 361 
SER N   H2   sing N N 362 
SER CA  C    sing N N 363 
SER CA  CB   sing N N 364 
SER CA  HA   sing N N 365 
SER C   O    doub N N 366 
SER C   OXT  sing N N 367 
SER CB  OG   sing N N 368 
SER CB  HB2  sing N N 369 
SER CB  HB3  sing N N 370 
SER OG  HG   sing N N 371 
SER OXT HXT  sing N N 372 
THR N   CA   sing N N 373 
THR N   H    sing N N 374 
THR N   H2   sing N N 375 
THR CA  C    sing N N 376 
THR CA  CB   sing N N 377 
THR CA  HA   sing N N 378 
THR C   O    doub N N 379 
THR C   OXT  sing N N 380 
THR CB  OG1  sing N N 381 
THR CB  CG2  sing N N 382 
THR CB  HB   sing N N 383 
THR OG1 HG1  sing N N 384 
THR CG2 HG21 sing N N 385 
THR CG2 HG22 sing N N 386 
THR CG2 HG23 sing N N 387 
THR OXT HXT  sing N N 388 
TRP N   CA   sing N N 389 
TRP N   H    sing N N 390 
TRP N   H2   sing N N 391 
TRP CA  C    sing N N 392 
TRP CA  CB   sing N N 393 
TRP CA  HA   sing N N 394 
TRP C   O    doub N N 395 
TRP C   OXT  sing N N 396 
TRP CB  CG   sing N N 397 
TRP CB  HB2  sing N N 398 
TRP CB  HB3  sing N N 399 
TRP CG  CD1  doub Y N 400 
TRP CG  CD2  sing Y N 401 
TRP CD1 NE1  sing Y N 402 
TRP CD1 HD1  sing N N 403 
TRP CD2 CE2  doub Y N 404 
TRP CD2 CE3  sing Y N 405 
TRP NE1 CE2  sing Y N 406 
TRP NE1 HE1  sing N N 407 
TRP CE2 CZ2  sing Y N 408 
TRP CE3 CZ3  doub Y N 409 
TRP CE3 HE3  sing N N 410 
TRP CZ2 CH2  doub Y N 411 
TRP CZ2 HZ2  sing N N 412 
TRP CZ3 CH2  sing Y N 413 
TRP CZ3 HZ3  sing N N 414 
TRP CH2 HH2  sing N N 415 
TRP OXT HXT  sing N N 416 
TYR N   CA   sing N N 417 
TYR N   H    sing N N 418 
TYR N   H2   sing N N 419 
TYR CA  C    sing N N 420 
TYR CA  CB   sing N N 421 
TYR CA  HA   sing N N 422 
TYR C   O    doub N N 423 
TYR C   OXT  sing N N 424 
TYR CB  CG   sing N N 425 
TYR CB  HB2  sing N N 426 
TYR CB  HB3  sing N N 427 
TYR CG  CD1  doub Y N 428 
TYR CG  CD2  sing Y N 429 
TYR CD1 CE1  sing Y N 430 
TYR CD1 HD1  sing N N 431 
TYR CD2 CE2  doub Y N 432 
TYR CD2 HD2  sing N N 433 
TYR CE1 CZ   doub Y N 434 
TYR CE1 HE1  sing N N 435 
TYR CE2 CZ   sing Y N 436 
TYR CE2 HE2  sing N N 437 
TYR CZ  OH   sing N N 438 
TYR OH  HH   sing N N 439 
TYR OXT HXT  sing N N 440 
VAL N   CA   sing N N 441 
VAL N   H    sing N N 442 
VAL N   H2   sing N N 443 
VAL CA  C    sing N N 444 
VAL CA  CB   sing N N 445 
VAL CA  HA   sing N N 446 
VAL C   O    doub N N 447 
VAL C   OXT  sing N N 448 
VAL CB  CG1  sing N N 449 
VAL CB  CG2  sing N N 450 
VAL CB  HB   sing N N 451 
VAL CG1 HG11 sing N N 452 
VAL CG1 HG12 sing N N 453 
VAL CG1 HG13 sing N N 454 
VAL CG2 HG21 sing N N 455 
VAL CG2 HG22 sing N N 456 
VAL CG2 HG23 sing N N 457 
VAL OXT HXT  sing N N 458 
# 
loop_
_pdbx_entity_nonpoly.entity_id 
_pdbx_entity_nonpoly.name 
_pdbx_entity_nonpoly.comp_id 
2 'PROTOPORPHYRIN IX CONTAINING FE' HEM 
3 'CYANIDE ION'                     CYN 
4 XENON                             XE  
5 water                             HOH 
# 
_pdbx_initial_refinement_model.id               1 
_pdbx_initial_refinement_model.entity_id_list   ? 
_pdbx_initial_refinement_model.type             'experimental model' 
_pdbx_initial_refinement_model.source_name      PDB 
_pdbx_initial_refinement_model.accession_code   2VEB 
_pdbx_initial_refinement_model.details          'PDB ENTRY 2VEB' 
# 
